data_5FHP
#
_entry.id   5FHP
#
_cell.length_a   150.011
_cell.length_b   150.011
_cell.length_c   156.689
_cell.angle_alpha   90.00
_cell.angle_beta   90.00
_cell.angle_gamma   90.00
#
_symmetry.space_group_name_H-M   'P 43 21 2'
#
loop_
_entity.id
_entity.type
_entity.pdbx_description
1 polymer NicR
2 non-polymer GLYCEROL
3 non-polymer 'MALONIC ACID'
4 water water
#
_entity_poly.entity_id   1
_entity_poly.type   'polypeptide(L)'
_entity_poly.pdbx_seq_one_letter_code
;(MSE)ELILNEAEKVFA(MSE)HGFLGATLKQIAQNSNVTQALITYYYGTKQNLF(MSE)EVYRRGLSDIDKKRQNYLDE
LKSRPEGYNTYDIVRTYLRPQFEHREGGQAW(MSE)HFARLQSRLASEPEEVAVPLRKELYDHTLKAFIHEI(MSE)ECE
GEDDAAAVSWGAVF(MSE)VS(MSE)ILY(MSE)LRGVDRIGELTDGHLHAESEDDIVER(MSE)TIFITGGINSLKQAT
QDKYK
;
_entity_poly.pdbx_strand_id   A,B,C,D,E,F
#
loop_
_chem_comp.id
_chem_comp.type
_chem_comp.name
_chem_comp.formula
GOL non-polymer GLYCEROL 'C3 H8 O3'
MLA non-polymer 'MALONIC ACID' 'C3 H4 O4'
#
# COMPACT_ATOMS: atom_id res chain seq x y z
N MSE A 1 -15.34 -43.82 8.93
CA MSE A 1 -14.22 -43.41 8.05
C MSE A 1 -12.90 -43.44 8.80
O MSE A 1 -12.01 -42.63 8.56
CB MSE A 1 -14.50 -42.00 7.48
CG MSE A 1 -15.62 -41.80 6.44
SE MSE A 1 -15.73 -43.12 4.96
CE MSE A 1 -13.89 -43.62 4.36
N GLU A 2 -12.70 -44.42 9.67
CA GLU A 2 -11.62 -44.38 10.63
C GLU A 2 -10.63 -45.47 10.34
N LEU A 3 -10.15 -45.58 9.11
CA LEU A 3 -9.23 -46.70 8.78
C LEU A 3 -8.22 -46.47 7.69
N ILE A 4 -8.71 -45.92 6.60
CA ILE A 4 -7.93 -45.35 5.55
C ILE A 4 -7.12 -44.24 6.18
N LEU A 5 -7.74 -43.54 7.10
CA LEU A 5 -7.15 -42.38 7.79
C LEU A 5 -6.03 -42.79 8.69
N ASN A 6 -6.24 -43.86 9.46
CA ASN A 6 -5.18 -44.45 10.24
C ASN A 6 -4.02 -44.90 9.36
N GLU A 7 -4.29 -45.53 8.23
CA GLU A 7 -3.17 -45.93 7.32
C GLU A 7 -2.48 -44.76 6.70
N ALA A 8 -3.26 -43.75 6.34
CA ALA A 8 -2.74 -42.53 5.74
C ALA A 8 -1.79 -41.86 6.72
N GLU A 9 -2.24 -41.71 7.95
CA GLU A 9 -1.44 -41.17 9.06
C GLU A 9 -0.11 -41.93 9.20
N LYS A 10 -0.13 -43.26 9.15
CA LYS A 10 1.14 -44.01 9.29
C LYS A 10 2.10 -43.69 8.17
N VAL A 11 1.59 -43.75 6.94
CA VAL A 11 2.44 -43.52 5.79
C VAL A 11 2.94 -42.09 5.76
N PHE A 12 2.05 -41.13 6.00
CA PHE A 12 2.46 -39.71 6.07
C PHE A 12 3.52 -39.46 7.14
N ALA A 13 3.39 -40.11 8.28
CA ALA A 13 4.41 -39.97 9.37
C ALA A 13 5.78 -40.53 9.03
N MSE A 14 5.82 -41.63 8.28
CA MSE A 14 7.06 -42.23 7.86
C MSE A 14 7.68 -41.59 6.67
O MSE A 14 8.90 -41.48 6.63
CB MSE A 14 6.83 -43.64 7.37
CG MSE A 14 6.70 -44.66 8.49
SE MSE A 14 6.86 -46.39 7.54
CE MSE A 14 4.98 -46.72 7.01
N HIS A 15 6.88 -41.19 5.69
CA HIS A 15 7.44 -40.70 4.43
C HIS A 15 7.28 -39.22 4.14
N GLY A 16 6.46 -38.50 4.91
CA GLY A 16 6.10 -37.12 4.59
C GLY A 16 4.98 -37.05 3.56
N PHE A 17 4.54 -35.85 3.23
CA PHE A 17 3.50 -35.65 2.23
C PHE A 17 4.01 -36.00 0.83
N LEU A 18 5.07 -35.41 0.35
CA LEU A 18 5.58 -35.71 -0.99
C LEU A 18 5.90 -37.21 -1.22
N GLY A 19 6.54 -37.87 -0.25
CA GLY A 19 6.90 -39.28 -0.36
C GLY A 19 5.74 -40.30 -0.28
N ALA A 20 4.75 -40.03 0.54
CA ALA A 20 3.59 -40.88 0.57
C ALA A 20 2.88 -40.87 -0.78
N THR A 21 2.24 -42.00 -1.11
CA THR A 21 1.45 -42.14 -2.33
C THR A 21 0.14 -42.77 -1.94
N LEU A 22 -0.90 -42.38 -2.65
CA LEU A 22 -2.20 -42.98 -2.51
C LEU A 22 -2.17 -44.47 -2.83
N LYS A 23 -1.28 -44.88 -3.73
CA LYS A 23 -1.05 -46.28 -4.05
C LYS A 23 -0.66 -47.10 -2.83
N GLN A 24 0.35 -46.68 -2.08
CA GLN A 24 0.71 -47.44 -0.88
C GLN A 24 -0.39 -47.41 0.19
N ILE A 25 -1.02 -46.27 0.37
CA ILE A 25 -2.09 -46.17 1.35
C ILE A 25 -3.21 -47.13 0.99
N ALA A 26 -3.54 -47.21 -0.29
CA ALA A 26 -4.60 -48.14 -0.74
C ALA A 26 -4.21 -49.62 -0.54
N GLN A 27 -2.98 -49.98 -0.90
CA GLN A 27 -2.46 -51.32 -0.64
C GLN A 27 -2.53 -51.66 0.83
N ASN A 28 -1.96 -50.83 1.72
CA ASN A 28 -2.06 -51.10 3.17
C ASN A 28 -3.49 -51.06 3.71
N SER A 29 -4.40 -50.38 3.03
CA SER A 29 -5.81 -50.34 3.44
C SER A 29 -6.68 -51.42 2.82
N ASN A 30 -6.12 -52.21 1.90
CA ASN A 30 -6.89 -53.25 1.16
C ASN A 30 -8.14 -52.68 0.43
N VAL A 31 -7.98 -51.50 -0.16
CA VAL A 31 -8.99 -50.91 -1.05
C VAL A 31 -8.29 -50.31 -2.27
N THR A 32 -9.05 -49.79 -3.21
CA THR A 32 -8.47 -49.17 -4.42
C THR A 32 -8.14 -47.68 -4.22
N GLN A 33 -7.20 -47.19 -4.99
CA GLN A 33 -7.01 -45.75 -5.02
C GLN A 33 -8.29 -44.93 -5.21
N ALA A 34 -9.14 -45.40 -6.12
CA ALA A 34 -10.37 -44.74 -6.51
C ALA A 34 -11.27 -44.55 -5.33
N LEU A 35 -11.35 -45.53 -4.47
CA LEU A 35 -12.21 -45.37 -3.31
C LEU A 35 -11.66 -44.29 -2.34
N ILE A 36 -10.33 -44.24 -2.20
CA ILE A 36 -9.75 -43.20 -1.38
C ILE A 36 -10.08 -41.86 -1.98
N THR A 37 -9.75 -41.68 -3.25
CA THR A 37 -10.12 -40.45 -4.00
C THR A 37 -11.58 -40.07 -3.88
N TYR A 38 -12.47 -41.04 -3.90
CA TYR A 38 -13.88 -40.79 -3.82
C TYR A 38 -14.23 -40.12 -2.49
N TYR A 39 -13.72 -40.64 -1.39
CA TYR A 39 -14.05 -40.07 -0.08
C TYR A 39 -13.26 -38.83 0.27
N TYR A 40 -12.03 -38.72 -0.18
CA TYR A 40 -11.16 -37.67 0.32
C TYR A 40 -10.64 -36.67 -0.70
N GLY A 41 -10.95 -36.83 -1.99
CA GLY A 41 -10.55 -35.88 -2.99
C GLY A 41 -9.12 -36.01 -3.51
N THR A 42 -8.14 -35.69 -2.70
CA THR A 42 -6.77 -35.52 -3.18
C THR A 42 -5.86 -35.89 -2.09
N LYS A 43 -4.63 -36.22 -2.42
CA LYS A 43 -3.67 -36.52 -1.36
C LYS A 43 -3.56 -35.32 -0.37
N GLN A 44 -3.66 -34.07 -0.86
CA GLN A 44 -3.55 -32.94 0.02
C GLN A 44 -4.73 -32.91 0.96
N ASN A 45 -5.90 -33.31 0.50
CA ASN A 45 -7.03 -33.30 1.40
C ASN A 45 -7.11 -34.47 2.40
N LEU A 46 -6.61 -35.66 2.05
CA LEU A 46 -6.41 -36.75 3.01
C LEU A 46 -5.52 -36.26 4.17
N PHE A 47 -4.47 -35.58 3.80
CA PHE A 47 -3.49 -35.13 4.74
C PHE A 47 -4.14 -34.17 5.74
N MSE A 48 -4.81 -33.15 5.23
CA MSE A 48 -5.66 -32.26 6.04
C MSE A 48 -6.59 -32.98 6.94
O MSE A 48 -6.77 -32.56 8.04
CB MSE A 48 -6.55 -31.35 5.16
CG MSE A 48 -5.81 -30.37 4.24
SE MSE A 48 -4.38 -29.38 5.23
CE MSE A 48 -5.71 -28.51 6.44
N GLU A 49 -7.20 -34.05 6.46
CA GLU A 49 -8.16 -34.81 7.28
C GLU A 49 -7.50 -35.51 8.41
N VAL A 50 -6.29 -36.00 8.18
CA VAL A 50 -5.53 -36.65 9.23
C VAL A 50 -5.26 -35.61 10.31
N TYR A 51 -4.84 -34.43 9.92
CA TYR A 51 -4.66 -33.38 10.91
C TYR A 51 -5.96 -32.85 11.52
N ARG A 52 -7.04 -32.74 10.77
CA ARG A 52 -8.36 -32.39 11.36
C ARG A 52 -8.76 -33.35 12.47
N ARG A 53 -8.61 -34.65 12.26
CA ARG A 53 -9.07 -35.55 13.28
C ARG A 53 -8.19 -35.37 14.54
N GLY A 54 -6.87 -35.31 14.32
CA GLY A 54 -5.92 -35.20 15.37
C GLY A 54 -6.06 -33.97 16.26
N LEU A 55 -6.06 -32.80 15.65
CA LEU A 55 -6.20 -31.52 16.37
C LEU A 55 -7.61 -31.29 16.92
N SER A 56 -8.57 -32.03 16.44
CA SER A 56 -9.89 -31.93 16.98
C SER A 56 -9.90 -32.59 18.36
N ASP A 57 -9.33 -33.79 18.51
CA ASP A 57 -9.23 -34.41 19.83
C ASP A 57 -8.43 -33.51 20.83
N ILE A 58 -7.32 -32.95 20.35
CA ILE A 58 -6.37 -32.15 21.16
C ILE A 58 -7.00 -30.82 21.64
N ASP A 59 -7.62 -30.08 20.73
CA ASP A 59 -8.29 -28.83 21.04
C ASP A 59 -9.56 -28.97 21.88
N LYS A 60 -10.23 -30.13 21.83
CA LYS A 60 -11.40 -30.35 22.66
C LYS A 60 -10.89 -30.52 24.10
N LYS A 61 -9.77 -31.23 24.26
CA LYS A 61 -9.13 -31.34 25.56
C LYS A 61 -8.66 -29.99 26.09
N ARG A 62 -7.99 -29.21 25.25
CA ARG A 62 -7.60 -27.87 25.65
C ARG A 62 -8.79 -27.02 26.14
N GLN A 63 -9.93 -27.15 25.51
CA GLN A 63 -11.09 -26.35 25.83
C GLN A 63 -11.66 -26.80 27.15
N ASN A 64 -11.65 -28.11 27.43
CA ASN A 64 -12.07 -28.60 28.73
C ASN A 64 -11.16 -28.14 29.85
N TYR A 65 -9.84 -28.10 29.61
CA TYR A 65 -8.87 -27.81 30.65
C TYR A 65 -8.93 -26.33 31.01
N LEU A 66 -9.09 -25.48 30.00
CA LEU A 66 -9.31 -24.03 30.17
C LEU A 66 -10.67 -23.75 30.87
N ASP A 67 -11.71 -24.51 30.54
CA ASP A 67 -13.00 -24.47 31.26
C ASP A 67 -12.78 -24.83 32.73
N GLU A 68 -12.01 -25.87 33.01
CA GLU A 68 -11.76 -26.27 34.39
C GLU A 68 -11.07 -25.11 35.13
N LEU A 69 -10.11 -24.49 34.46
CA LEU A 69 -9.40 -23.31 34.97
C LEU A 69 -10.34 -22.18 35.45
N LYS A 70 -11.23 -21.79 34.56
CA LYS A 70 -12.19 -20.73 34.77
C LYS A 70 -13.26 -21.06 35.82
N SER A 71 -13.29 -22.30 36.32
CA SER A 71 -14.19 -22.68 37.41
C SER A 71 -13.49 -22.87 38.76
N ARG A 72 -12.18 -22.65 38.81
CA ARG A 72 -11.46 -22.64 40.09
C ARG A 72 -11.80 -21.34 40.80
N PRO A 73 -12.28 -21.41 42.04
CA PRO A 73 -12.56 -20.21 42.84
C PRO A 73 -11.34 -19.29 43.08
N GLU A 74 -10.18 -19.85 43.44
CA GLU A 74 -8.96 -19.06 43.65
C GLU A 74 -8.33 -18.45 42.39
N GLY A 75 -8.88 -18.75 41.22
CA GLY A 75 -8.38 -18.20 39.96
C GLY A 75 -7.22 -18.98 39.33
N TYR A 76 -6.63 -18.36 38.30
CA TYR A 76 -5.56 -18.95 37.52
C TYR A 76 -4.68 -17.87 36.93
N ASN A 77 -3.50 -18.28 36.51
CA ASN A 77 -2.50 -17.39 35.93
C ASN A 77 -1.97 -17.87 34.58
N THR A 78 -1.08 -17.08 34.00
CA THR A 78 -0.28 -17.49 32.85
C THR A 78 0.24 -18.93 32.87
N TYR A 79 0.90 -19.33 33.94
CA TYR A 79 1.42 -20.70 34.03
C TYR A 79 0.30 -21.71 33.72
N ASP A 80 -0.84 -21.55 34.37
CA ASP A 80 -1.91 -22.51 34.21
C ASP A 80 -2.38 -22.62 32.76
N ILE A 81 -2.41 -21.47 32.05
CA ILE A 81 -2.88 -21.43 30.70
C ILE A 81 -1.90 -22.22 29.86
N VAL A 82 -0.61 -21.94 30.01
CA VAL A 82 0.42 -22.59 29.22
C VAL A 82 0.33 -24.10 29.38
N ARG A 83 0.16 -24.55 30.60
CA ARG A 83 0.01 -25.97 30.92
C ARG A 83 -1.19 -26.55 30.18
N THR A 84 -2.28 -25.81 30.17
CA THR A 84 -3.48 -26.20 29.45
C THR A 84 -3.19 -26.57 27.96
N TYR A 85 -2.36 -25.76 27.32
CA TYR A 85 -2.15 -25.86 25.89
C TYR A 85 -1.24 -27.02 25.60
N LEU A 86 -0.33 -27.31 26.53
CA LEU A 86 0.70 -28.31 26.34
C LEU A 86 0.21 -29.69 26.63
N ARG A 87 -0.67 -29.82 27.62
CA ARG A 87 -1.00 -31.15 28.18
C ARG A 87 -1.45 -32.17 27.16
N PRO A 88 -2.43 -31.82 26.33
CA PRO A 88 -2.92 -32.80 25.39
C PRO A 88 -1.97 -33.17 24.30
N GLN A 89 -0.94 -32.37 24.04
CA GLN A 89 0.14 -32.80 23.14
C GLN A 89 1.05 -33.87 23.75
N PHE A 90 1.18 -33.92 25.07
CA PHE A 90 2.08 -34.88 25.71
C PHE A 90 1.47 -36.00 26.55
N GLU A 91 0.38 -35.75 27.29
CA GLU A 91 -0.32 -36.85 28.04
C GLU A 91 -0.93 -37.93 27.14
N HIS A 92 -0.56 -39.17 27.35
CA HIS A 92 -1.09 -40.23 26.55
C HIS A 92 -1.24 -41.54 27.27
N ARG A 93 -2.17 -42.33 26.73
CA ARG A 93 -2.77 -43.49 27.42
C ARG A 93 -1.74 -44.56 27.77
N GLU A 94 -0.68 -44.70 26.96
CA GLU A 94 0.35 -45.74 27.18
C GLU A 94 -0.16 -47.20 26.86
N GLY A 95 0.51 -48.01 26.01
CA GLY A 95 1.50 -47.65 24.95
C GLY A 95 1.08 -46.77 23.78
N GLY A 96 -0.21 -46.46 23.68
CA GLY A 96 -0.73 -45.29 23.00
C GLY A 96 -0.32 -45.12 21.55
N GLN A 97 -0.73 -46.04 20.70
CA GLN A 97 -0.44 -45.96 19.27
C GLN A 97 -1.02 -44.69 18.61
N ALA A 98 -2.26 -44.34 18.91
CA ALA A 98 -2.84 -43.18 18.23
C ALA A 98 -2.03 -41.88 18.47
N TRP A 99 -1.75 -41.63 19.75
CA TRP A 99 -0.90 -40.53 20.18
C TRP A 99 0.49 -40.56 19.51
N MSE A 100 1.15 -41.71 19.48
CA MSE A 100 2.48 -41.84 18.89
C MSE A 100 2.53 -41.40 17.45
O MSE A 100 3.36 -40.61 17.07
CB MSE A 100 2.97 -43.26 18.94
CG MSE A 100 3.43 -43.73 20.32
SE MSE A 100 4.73 -45.22 20.12
CE MSE A 100 3.51 -46.73 19.89
N HIS A 101 1.64 -41.92 16.61
CA HIS A 101 1.69 -41.60 15.15
C HIS A 101 1.46 -40.10 14.89
N PHE A 102 0.52 -39.53 15.61
CA PHE A 102 0.19 -38.14 15.42
C PHE A 102 1.28 -37.20 15.96
N ALA A 103 1.90 -37.62 17.04
CA ALA A 103 3.08 -36.94 17.57
C ALA A 103 4.19 -36.91 16.56
N ARG A 104 4.44 -38.06 15.96
CA ARG A 104 5.53 -38.17 15.03
C ARG A 104 5.22 -37.35 13.81
N LEU A 105 3.97 -37.45 13.35
CA LEU A 105 3.54 -36.66 12.20
C LEU A 105 3.73 -35.16 12.44
N GLN A 106 3.25 -34.67 13.59
CA GLN A 106 3.37 -33.23 13.87
C GLN A 106 4.79 -32.75 14.00
N SER A 107 5.64 -33.59 14.60
CA SER A 107 7.11 -33.39 14.63
C SER A 107 7.81 -33.16 13.30
N ARG A 108 7.23 -33.66 12.22
CA ARG A 108 7.79 -33.49 10.89
C ARG A 108 7.19 -32.31 10.11
N LEU A 109 6.29 -31.55 10.76
CA LEU A 109 5.49 -30.55 10.06
C LEU A 109 6.38 -29.53 9.35
N ALA A 110 7.54 -29.23 9.93
CA ALA A 110 8.46 -28.24 9.34
C ALA A 110 9.01 -28.63 8.03
N SER A 111 8.99 -29.91 7.68
CA SER A 111 9.55 -30.33 6.43
C SER A 111 8.54 -30.57 5.36
N GLU A 112 7.30 -30.26 5.65
CA GLU A 112 6.28 -30.39 4.65
C GLU A 112 6.28 -29.15 3.72
N PRO A 113 5.88 -29.33 2.47
CA PRO A 113 5.79 -28.16 1.57
C PRO A 113 4.63 -27.22 1.89
N GLU A 114 4.77 -25.96 1.42
CA GLU A 114 3.86 -24.88 1.75
C GLU A 114 2.42 -25.18 1.26
N GLU A 115 2.25 -25.96 0.23
CA GLU A 115 0.86 -26.35 -0.17
C GLU A 115 0.04 -27.13 0.89
N VAL A 116 0.68 -27.86 1.81
CA VAL A 116 -0.09 -28.36 2.98
C VAL A 116 0.23 -27.57 4.21
N ALA A 117 1.47 -27.17 4.38
CA ALA A 117 1.87 -26.48 5.61
C ALA A 117 1.12 -25.18 5.89
N VAL A 118 0.78 -24.41 4.84
CA VAL A 118 0.18 -23.10 5.04
C VAL A 118 -1.29 -23.29 5.41
N PRO A 119 -2.05 -24.08 4.63
CA PRO A 119 -3.43 -24.33 5.08
C PRO A 119 -3.57 -24.89 6.51
N LEU A 120 -2.70 -25.79 6.92
CA LEU A 120 -2.72 -26.31 8.29
C LEU A 120 -2.56 -25.19 9.36
N ARG A 121 -1.62 -24.28 9.16
CA ARG A 121 -1.57 -23.15 10.07
C ARG A 121 -2.86 -22.34 10.01
N LYS A 122 -3.19 -21.83 8.83
CA LYS A 122 -4.42 -21.08 8.60
C LYS A 122 -5.65 -21.73 9.24
N GLU A 123 -5.96 -22.95 8.85
CA GLU A 123 -7.21 -23.56 9.20
C GLU A 123 -7.21 -24.18 10.58
N LEU A 124 -6.08 -24.71 11.06
CA LEU A 124 -6.10 -25.60 12.21
C LEU A 124 -5.32 -25.20 13.46
N TYR A 125 -4.28 -24.43 13.30
CA TYR A 125 -3.45 -24.06 14.42
C TYR A 125 -3.73 -22.63 14.87
N ASP A 126 -3.89 -21.70 13.93
CA ASP A 126 -4.17 -20.31 14.26
C ASP A 126 -5.25 -20.02 15.25
N HIS A 127 -6.43 -20.60 15.05
CA HIS A 127 -7.59 -20.30 15.91
C HIS A 127 -7.22 -20.55 17.37
N THR A 128 -6.63 -21.70 17.65
CA THR A 128 -6.35 -22.08 19.02
C THR A 128 -5.18 -21.31 19.66
N LEU A 129 -4.15 -21.02 18.89
CA LEU A 129 -3.11 -20.07 19.28
C LEU A 129 -3.60 -18.69 19.55
N LYS A 130 -4.36 -18.09 18.64
CA LYS A 130 -4.98 -16.79 18.92
C LYS A 130 -5.84 -16.79 20.21
N ALA A 131 -6.63 -17.82 20.41
CA ALA A 131 -7.37 -17.97 21.63
C ALA A 131 -6.42 -18.05 22.82
N PHE A 132 -5.33 -18.78 22.67
CA PHE A 132 -4.33 -18.89 23.74
C PHE A 132 -3.74 -17.52 24.13
N ILE A 133 -3.29 -16.77 23.13
CA ILE A 133 -2.75 -15.46 23.32
C ILE A 133 -3.81 -14.60 24.02
N HIS A 134 -5.06 -14.65 23.58
CA HIS A 134 -6.14 -13.86 24.18
C HIS A 134 -6.38 -14.19 25.67
N GLU A 135 -6.44 -15.46 26.00
CA GLU A 135 -6.58 -15.83 27.37
C GLU A 135 -5.47 -15.32 28.27
N ILE A 136 -4.24 -15.33 27.75
CA ILE A 136 -3.12 -14.84 28.53
C ILE A 136 -3.24 -13.33 28.62
N MSE A 137 -3.66 -12.68 27.55
CA MSE A 137 -3.94 -11.25 27.54
C MSE A 137 -4.97 -10.77 28.55
O MSE A 137 -5.07 -9.57 28.78
CB MSE A 137 -4.31 -10.76 26.13
CG MSE A 137 -3.12 -10.61 25.17
SE MSE A 137 -1.56 -9.78 26.05
CE MSE A 137 -2.05 -7.93 25.54
N GLU A 138 -5.72 -11.68 29.18
CA GLU A 138 -6.61 -11.32 30.26
C GLU A 138 -6.07 -11.72 31.62
N CYS A 139 -4.77 -11.77 31.80
CA CYS A 139 -4.14 -11.97 33.11
C CYS A 139 -3.13 -10.85 33.40
N GLU A 140 -3.55 -9.75 34.05
CA GLU A 140 -2.58 -8.72 34.49
C GLU A 140 -1.51 -9.34 35.44
N GLY A 141 -0.32 -8.75 35.62
CA GLY A 141 0.21 -7.62 34.85
C GLY A 141 0.76 -8.09 33.50
N GLU A 142 0.00 -7.83 32.44
CA GLU A 142 0.25 -8.41 31.11
C GLU A 142 -0.64 -7.70 30.09
N ASP A 143 -0.09 -6.62 29.57
CA ASP A 143 -0.69 -5.83 28.50
C ASP A 143 0.38 -5.63 27.40
N ASP A 144 1.32 -6.59 27.32
CA ASP A 144 2.33 -6.64 26.25
C ASP A 144 1.98 -7.80 25.31
N ALA A 145 1.26 -7.50 24.23
CA ALA A 145 0.88 -8.44 23.18
C ALA A 145 2.11 -9.05 22.53
N ALA A 146 3.13 -8.24 22.28
CA ALA A 146 4.37 -8.76 21.70
C ALA A 146 4.98 -9.84 22.56
N ALA A 147 5.08 -9.63 23.86
CA ALA A 147 5.75 -10.56 24.71
C ALA A 147 5.06 -11.93 24.65
N VAL A 148 3.72 -11.88 24.68
CA VAL A 148 2.90 -13.09 24.71
C VAL A 148 2.87 -13.72 23.34
N SER A 149 2.79 -12.91 22.30
CA SER A 149 2.76 -13.46 20.97
C SER A 149 4.08 -14.17 20.58
N TRP A 150 5.23 -13.55 20.87
CA TRP A 150 6.54 -14.22 20.69
C TRP A 150 6.65 -15.46 21.57
N GLY A 151 6.11 -15.36 22.78
CA GLY A 151 6.00 -16.49 23.68
C GLY A 151 5.34 -17.68 23.03
N ALA A 152 4.26 -17.40 22.29
CA ALA A 152 3.47 -18.42 21.60
C ALA A 152 4.23 -19.05 20.46
N VAL A 153 4.86 -18.23 19.66
CA VAL A 153 5.66 -18.79 18.60
C VAL A 153 6.74 -19.71 19.18
N PHE A 154 7.37 -19.29 20.28
CA PHE A 154 8.38 -20.10 20.94
C PHE A 154 7.78 -21.32 21.69
N MSE A 155 6.61 -21.22 22.32
CA MSE A 155 5.73 -22.38 22.69
C MSE A 155 5.77 -23.44 21.60
O MSE A 155 6.07 -24.59 21.88
CB MSE A 155 4.22 -22.20 22.42
CG MSE A 155 3.20 -21.47 23.29
SE MSE A 155 2.84 -22.87 24.58
CE MSE A 155 1.08 -22.79 25.07
N VAL A 156 5.46 -23.05 20.36
CA VAL A 156 5.06 -23.97 19.31
C VAL A 156 6.34 -24.67 18.91
N SER A 157 7.40 -23.90 18.79
CA SER A 157 8.66 -24.46 18.37
C SER A 157 9.13 -25.59 19.33
N MSE A 158 8.94 -25.40 20.64
CA MSE A 158 9.37 -26.40 21.58
C MSE A 158 8.42 -27.60 21.51
O MSE A 158 8.87 -28.73 21.67
CB MSE A 158 9.78 -25.88 22.96
CG MSE A 158 8.91 -24.83 23.58
SE MSE A 158 9.83 -23.50 24.75
CE MSE A 158 9.79 -24.75 26.26
N ILE A 159 7.14 -27.39 21.21
CA ILE A 159 6.22 -28.53 21.08
C ILE A 159 6.63 -29.41 19.91
N LEU A 160 6.89 -28.81 18.78
CA LEU A 160 7.14 -29.57 17.55
C LEU A 160 8.40 -30.37 17.73
N TYR A 161 9.37 -29.75 18.37
CA TYR A 161 10.65 -30.42 18.66
C TYR A 161 10.57 -31.55 19.73
N MSE A 162 9.97 -31.28 20.89
CA MSE A 162 9.76 -32.30 21.91
C MSE A 162 8.93 -33.49 21.40
O MSE A 162 9.18 -34.61 21.80
CB MSE A 162 9.10 -31.68 23.15
CG MSE A 162 9.99 -30.69 23.94
SE MSE A 162 11.84 -31.31 24.28
CE MSE A 162 11.32 -32.74 25.52
N LEU A 163 7.99 -33.27 20.47
CA LEU A 163 7.19 -34.37 19.92
C LEU A 163 7.98 -35.44 19.11
N ARG A 164 9.22 -35.12 18.79
CA ARG A 164 10.10 -36.03 18.06
C ARG A 164 10.49 -37.26 18.91
N GLY A 165 10.44 -37.12 20.22
CA GLY A 165 10.86 -38.11 21.18
C GLY A 165 12.33 -38.47 21.14
N VAL A 166 13.17 -37.47 20.99
CA VAL A 166 14.60 -37.63 20.99
C VAL A 166 15.09 -37.30 22.39
N ASP A 167 15.93 -38.14 22.98
CA ASP A 167 16.42 -37.84 24.30
C ASP A 167 17.55 -36.81 24.22
N ARG A 168 17.22 -35.58 23.79
CA ARG A 168 18.23 -34.56 23.63
C ARG A 168 18.85 -34.20 24.97
N ILE A 169 18.05 -34.07 26.00
CA ILE A 169 18.64 -33.80 27.31
C ILE A 169 19.68 -34.87 27.69
N GLY A 170 19.42 -36.14 27.37
CA GLY A 170 20.33 -37.20 27.73
C GLY A 170 21.62 -37.10 26.98
N GLU A 171 21.51 -36.85 25.68
CA GLU A 171 22.69 -36.79 24.82
C GLU A 171 23.67 -35.71 25.22
N LEU A 172 23.15 -34.64 25.80
CA LEU A 172 23.93 -33.43 26.11
C LEU A 172 24.46 -33.42 27.53
N THR A 173 23.88 -34.25 28.40
CA THR A 173 24.35 -34.45 29.75
C THR A 173 25.06 -35.81 29.90
N ASP A 174 25.55 -36.38 28.81
CA ASP A 174 26.14 -37.73 28.81
C ASP A 174 25.35 -38.77 29.65
N GLY A 175 24.02 -38.65 29.71
CA GLY A 175 23.18 -39.61 30.40
C GLY A 175 22.74 -39.21 31.79
N HIS A 176 23.33 -38.16 32.32
CA HIS A 176 23.09 -37.80 33.72
C HIS A 176 21.69 -37.30 34.01
N LEU A 177 20.99 -36.80 32.99
CA LEU A 177 19.65 -36.21 33.12
C LEU A 177 18.77 -36.69 32.01
N HIS A 178 17.53 -36.92 32.38
CA HIS A 178 16.51 -37.45 31.50
C HIS A 178 15.20 -36.84 31.95
N ALA A 179 14.21 -36.87 31.05
CA ALA A 179 12.86 -36.62 31.45
C ALA A 179 12.47 -37.73 32.43
N GLU A 180 11.97 -37.37 33.61
CA GLU A 180 11.30 -38.33 34.48
C GLU A 180 10.02 -38.96 33.85
N SER A 181 9.24 -38.14 33.15
CA SER A 181 7.90 -38.51 32.70
C SER A 181 7.39 -37.45 31.72
N GLU A 182 6.21 -37.67 31.16
CA GLU A 182 5.58 -36.67 30.30
C GLU A 182 5.30 -35.43 31.13
N ASP A 183 4.82 -35.66 32.34
CA ASP A 183 4.45 -34.52 33.16
C ASP A 183 5.66 -33.69 33.56
N ASP A 184 6.78 -34.33 33.79
CA ASP A 184 8.03 -33.63 34.01
C ASP A 184 8.42 -32.77 32.79
N ILE A 185 8.32 -33.33 31.58
CA ILE A 185 8.49 -32.55 30.36
C ILE A 185 7.50 -31.36 30.33
N VAL A 186 6.22 -31.60 30.50
CA VAL A 186 5.27 -30.48 30.43
C VAL A 186 5.61 -29.39 31.46
N GLU A 187 5.94 -29.85 32.65
CA GLU A 187 6.23 -29.00 33.80
C GLU A 187 7.38 -28.03 33.46
N ARG A 188 8.47 -28.61 32.94
CA ARG A 188 9.64 -27.85 32.56
C ARG A 188 9.37 -26.90 31.41
N MSE A 189 8.61 -27.31 30.41
CA MSE A 189 8.36 -26.36 29.28
C MSE A 189 7.51 -25.22 29.81
O MSE A 189 7.72 -24.06 29.43
CB MSE A 189 7.79 -26.96 27.99
CG MSE A 189 7.65 -28.45 27.98
SE MSE A 189 7.20 -29.36 26.28
CE MSE A 189 7.02 -27.95 24.93
N THR A 190 6.56 -25.52 30.68
CA THR A 190 5.59 -24.52 31.14
C THR A 190 6.30 -23.36 31.90
N ILE A 191 7.19 -23.76 32.81
CA ILE A 191 7.92 -22.79 33.62
C ILE A 191 8.83 -22.00 32.71
N PHE A 192 9.50 -22.69 31.81
CA PHE A 192 10.35 -22.02 30.85
C PHE A 192 9.55 -21.01 30.00
N ILE A 193 8.40 -21.42 29.47
CA ILE A 193 7.62 -20.54 28.65
C ILE A 193 7.19 -19.35 29.50
N THR A 194 6.67 -19.59 30.70
CA THR A 194 6.11 -18.50 31.55
C THR A 194 7.16 -17.46 31.96
N GLY A 195 8.30 -17.95 32.43
CA GLY A 195 9.48 -17.09 32.66
C GLY A 195 9.96 -16.25 31.49
N GLY A 196 10.04 -16.89 30.34
CA GLY A 196 10.40 -16.24 29.09
C GLY A 196 9.40 -15.19 28.72
N ILE A 197 8.12 -15.42 28.95
CA ILE A 197 7.13 -14.38 28.61
C ILE A 197 7.41 -13.18 29.46
N ASN A 198 7.67 -13.42 30.74
CA ASN A 198 8.09 -12.37 31.68
C ASN A 198 9.32 -11.58 31.29
N SER A 199 10.38 -12.25 30.93
CA SER A 199 11.59 -11.54 30.56
C SER A 199 11.37 -10.64 29.36
N LEU A 200 10.64 -11.11 28.35
CA LEU A 200 10.24 -10.26 27.20
C LEU A 200 9.42 -9.07 27.65
N LYS A 201 8.43 -9.31 28.50
CA LYS A 201 7.58 -8.25 29.08
C LYS A 201 8.43 -7.22 29.88
N GLN A 202 9.23 -7.72 30.80
CA GLN A 202 10.16 -6.91 31.55
C GLN A 202 11.23 -6.17 30.76
N ALA A 203 11.52 -6.55 29.54
CA ALA A 203 12.51 -5.82 28.76
C ALA A 203 11.91 -4.68 27.95
N THR A 204 10.58 -4.52 27.93
CA THR A 204 9.96 -3.56 27.01
C THR A 204 9.76 -2.20 27.69
N GLN A 205 9.13 -2.21 28.86
CA GLN A 205 9.07 -1.03 29.77
C GLN A 205 10.48 -0.58 30.24
N ASP A 206 10.57 0.42 31.12
CA ASP A 206 11.81 1.22 31.37
C ASP A 206 12.19 2.08 30.13
N LYS A 207 12.06 3.39 30.29
CA LYS A 207 12.68 4.37 29.35
C LYS A 207 14.21 4.41 29.41
N MSE B 1 5.63 26.09 -23.97
CA MSE B 1 5.57 25.02 -25.02
C MSE B 1 6.30 23.78 -24.57
O MSE B 1 7.52 23.76 -24.65
CB MSE B 1 6.23 25.54 -26.32
CG MSE B 1 6.24 24.51 -27.45
SE MSE B 1 8.04 23.75 -27.75
CE MSE B 1 7.53 21.88 -27.32
N GLU B 2 5.67 22.70 -24.08
CA GLU B 2 4.22 22.51 -23.77
C GLU B 2 4.12 21.04 -23.40
N LEU B 3 4.29 20.18 -24.40
CA LEU B 3 4.11 18.73 -24.24
C LEU B 3 5.31 18.16 -23.47
N ILE B 4 6.52 18.66 -23.76
CA ILE B 4 7.70 18.19 -23.04
C ILE B 4 7.72 18.79 -21.63
N LEU B 5 7.25 20.02 -21.52
CA LEU B 5 7.09 20.65 -20.22
C LEU B 5 6.10 19.90 -19.35
N ASN B 6 4.97 19.48 -19.91
CA ASN B 6 3.98 18.69 -19.13
C ASN B 6 4.58 17.41 -18.54
N GLU B 7 5.37 16.73 -19.37
CA GLU B 7 6.06 15.50 -18.97
C GLU B 7 7.16 15.72 -17.99
N ALA B 8 7.87 16.84 -18.19
CA ALA B 8 8.91 17.26 -17.24
C ALA B 8 8.30 17.49 -15.89
N GLU B 9 7.18 18.23 -15.89
CA GLU B 9 6.44 18.51 -14.66
C GLU B 9 6.06 17.25 -13.94
N LYS B 10 5.46 16.30 -14.64
CA LYS B 10 5.16 14.99 -14.06
C LYS B 10 6.39 14.37 -13.45
N VAL B 11 7.48 14.27 -14.21
CA VAL B 11 8.62 13.47 -13.71
C VAL B 11 9.20 14.13 -12.46
N PHE B 12 9.31 15.46 -12.51
CA PHE B 12 9.81 16.26 -11.35
C PHE B 12 8.89 16.12 -10.15
N ALA B 13 7.57 16.11 -10.37
CA ALA B 13 6.60 15.89 -9.28
C ALA B 13 6.76 14.56 -8.55
N MSE B 14 7.23 13.55 -9.26
CA MSE B 14 7.34 12.22 -8.71
C MSE B 14 8.69 11.95 -8.16
O MSE B 14 8.77 11.30 -7.15
CB MSE B 14 7.08 11.13 -9.74
CG MSE B 14 5.60 10.97 -10.12
SE MSE B 14 5.58 9.30 -11.18
CE MSE B 14 5.75 10.04 -13.00
N HIS B 15 9.76 12.38 -8.84
CA HIS B 15 11.14 12.05 -8.44
C HIS B 15 11.93 13.23 -7.87
N GLY B 16 11.39 14.45 -7.97
CA GLY B 16 12.18 15.65 -7.67
C GLY B 16 13.27 15.97 -8.69
N PHE B 17 13.96 17.07 -8.45
CA PHE B 17 14.88 17.56 -9.41
C PHE B 17 16.02 16.53 -9.59
N LEU B 18 16.67 16.12 -8.50
CA LEU B 18 17.81 15.19 -8.58
C LEU B 18 17.47 13.85 -9.23
N GLY B 19 16.49 13.13 -8.68
CA GLY B 19 16.11 11.81 -9.19
C GLY B 19 15.59 11.83 -10.62
N ALA B 20 15.01 12.94 -11.07
CA ALA B 20 14.52 13.01 -12.46
C ALA B 20 15.69 13.06 -13.45
N THR B 21 15.47 12.53 -14.65
CA THR B 21 16.48 12.50 -15.71
C THR B 21 15.83 12.92 -17.01
N LEU B 22 16.61 13.57 -17.85
CA LEU B 22 16.19 13.95 -19.16
C LEU B 22 15.89 12.72 -20.00
N LYS B 23 16.66 11.63 -19.83
CA LYS B 23 16.29 10.32 -20.42
C LYS B 23 14.82 9.87 -20.22
N GLN B 24 14.37 9.82 -18.98
CA GLN B 24 12.94 9.57 -18.66
C GLN B 24 12.02 10.56 -19.36
N ILE B 25 12.32 11.84 -19.21
CA ILE B 25 11.46 12.88 -19.75
C ILE B 25 11.35 12.76 -21.28
N ALA B 26 12.49 12.45 -21.93
CA ALA B 26 12.52 12.27 -23.38
C ALA B 26 11.81 10.99 -23.83
N GLN B 27 12.00 9.87 -23.13
CA GLN B 27 11.25 8.66 -23.44
C GLN B 27 9.78 8.99 -23.39
N ASN B 28 9.30 9.57 -22.29
CA ASN B 28 7.85 9.87 -22.15
C ASN B 28 7.31 10.88 -23.11
N SER B 29 8.15 11.78 -23.60
CA SER B 29 7.69 12.78 -24.55
C SER B 29 7.88 12.34 -26.01
N ASN B 30 8.44 11.15 -26.21
CA ASN B 30 8.75 10.58 -27.54
C ASN B 30 9.71 11.43 -28.40
N VAL B 31 10.84 11.83 -27.83
CA VAL B 31 11.85 12.64 -28.51
C VAL B 31 13.22 12.33 -27.92
N THR B 32 14.27 12.97 -28.44
CA THR B 32 15.62 12.77 -27.89
C THR B 32 15.96 13.77 -26.76
N GLN B 33 16.92 13.41 -25.91
CA GLN B 33 17.52 14.33 -24.94
C GLN B 33 18.07 15.58 -25.60
N ALA B 34 18.72 15.40 -26.73
CA ALA B 34 19.27 16.53 -27.48
C ALA B 34 18.18 17.54 -27.80
N LEU B 35 16.98 17.08 -28.12
CA LEU B 35 15.92 18.02 -28.48
C LEU B 35 15.47 18.84 -27.24
N ILE B 36 15.40 18.20 -26.10
CA ILE B 36 15.11 18.90 -24.86
C ILE B 36 16.22 19.91 -24.52
N THR B 37 17.45 19.43 -24.57
CA THR B 37 18.65 20.24 -24.37
C THR B 37 18.59 21.44 -25.28
N TYR B 38 18.24 21.24 -26.54
CA TYR B 38 18.22 22.29 -27.49
C TYR B 38 17.23 23.36 -27.09
N TYR B 39 15.99 23.02 -26.73
CA TYR B 39 15.01 24.07 -26.33
C TYR B 39 15.16 24.61 -24.92
N TYR B 40 15.56 23.75 -23.97
CA TYR B 40 15.60 24.14 -22.57
C TYR B 40 16.94 24.29 -21.91
N GLY B 41 18.02 23.93 -22.62
CA GLY B 41 19.37 24.03 -22.09
C GLY B 41 19.79 22.97 -21.10
N THR B 42 19.24 22.99 -19.91
CA THR B 42 19.78 22.16 -18.84
C THR B 42 18.64 21.61 -18.08
N LYS B 43 18.86 20.51 -17.38
CA LYS B 43 17.80 19.98 -16.53
C LYS B 43 17.28 21.09 -15.63
N GLN B 44 18.20 21.89 -15.10
CA GLN B 44 17.85 22.85 -14.10
C GLN B 44 17.06 24.02 -14.64
N ASN B 45 17.37 24.42 -15.86
CA ASN B 45 16.55 25.38 -16.51
C ASN B 45 15.17 24.85 -16.91
N LEU B 46 15.07 23.55 -17.22
CA LEU B 46 13.81 22.91 -17.46
C LEU B 46 12.90 23.00 -16.23
N PHE B 47 13.48 22.64 -15.09
CA PHE B 47 12.81 22.80 -13.79
C PHE B 47 12.24 24.22 -13.63
N MSE B 48 13.11 25.21 -13.82
CA MSE B 48 12.75 26.60 -13.73
C MSE B 48 11.64 26.89 -14.65
O MSE B 48 10.68 27.49 -14.24
CB MSE B 48 13.89 27.55 -14.06
CG MSE B 48 15.12 27.46 -13.15
SE MSE B 48 14.72 27.68 -11.20
CE MSE B 48 13.86 29.44 -11.53
N GLU B 49 11.71 26.42 -15.91
CA GLU B 49 10.60 26.65 -16.85
C GLU B 49 9.23 26.08 -16.42
N VAL B 50 9.24 24.92 -15.78
CA VAL B 50 8.02 24.33 -15.28
C VAL B 50 7.39 25.28 -14.22
N TYR B 51 8.21 25.78 -13.30
CA TYR B 51 7.76 26.74 -12.28
C TYR B 51 7.34 28.07 -12.84
N ARG B 52 8.11 28.64 -13.74
CA ARG B 52 7.72 29.89 -14.44
C ARG B 52 6.34 29.76 -15.04
N ARG B 53 6.07 28.64 -15.71
CA ARG B 53 4.76 28.45 -16.30
C ARG B 53 3.67 28.39 -15.26
N GLY B 54 3.91 27.65 -14.18
CA GLY B 54 2.87 27.46 -13.15
C GLY B 54 2.56 28.73 -12.34
N LEU B 55 3.63 29.47 -11.97
CA LEU B 55 3.46 30.62 -11.12
C LEU B 55 3.04 31.83 -11.94
N SER B 56 3.36 31.83 -13.23
CA SER B 56 2.82 32.83 -14.13
C SER B 56 1.30 32.80 -14.10
N ASP B 57 0.68 31.64 -14.30
CA ASP B 57 -0.78 31.53 -14.22
C ASP B 57 -1.33 31.97 -12.86
N ILE B 58 -0.71 31.48 -11.80
CA ILE B 58 -1.13 31.75 -10.42
C ILE B 58 -0.96 33.24 -10.02
N ASP B 59 0.09 33.90 -10.48
CA ASP B 59 0.33 35.28 -10.12
C ASP B 59 -0.51 36.20 -10.97
N LYS B 60 -0.87 35.77 -12.17
CA LYS B 60 -1.80 36.52 -13.00
C LYS B 60 -3.12 36.63 -12.25
N LYS B 61 -3.60 35.50 -11.76
CA LYS B 61 -4.80 35.47 -10.97
C LYS B 61 -4.74 36.28 -9.65
N ARG B 62 -3.59 36.27 -8.97
CA ARG B 62 -3.44 37.07 -7.75
C ARG B 62 -3.58 38.54 -8.09
N GLN B 63 -2.90 38.96 -9.15
CA GLN B 63 -3.01 40.33 -9.63
C GLN B 63 -4.45 40.70 -10.04
N ASN B 64 -5.21 39.80 -10.66
CA ASN B 64 -6.61 40.12 -11.03
C ASN B 64 -7.44 40.26 -9.79
N TYR B 65 -7.33 39.29 -8.90
CA TYR B 65 -8.04 39.34 -7.63
C TYR B 65 -7.67 40.58 -6.78
N LEU B 66 -6.41 41.02 -6.82
CA LEU B 66 -6.01 42.21 -6.08
C LEU B 66 -6.61 43.48 -6.72
N ASP B 67 -6.75 43.49 -8.04
CA ASP B 67 -7.38 44.59 -8.75
C ASP B 67 -8.89 44.68 -8.42
N GLU B 68 -9.58 43.55 -8.40
CA GLU B 68 -11.00 43.53 -8.06
C GLU B 68 -11.18 44.17 -6.67
N LEU B 69 -10.43 43.67 -5.69
CA LEU B 69 -10.29 44.27 -4.36
C LEU B 69 -10.21 45.81 -4.35
N LYS B 70 -9.27 46.35 -5.14
CA LYS B 70 -9.04 47.81 -5.26
C LYS B 70 -10.15 48.62 -5.95
N SER B 71 -11.10 47.93 -6.56
CA SER B 71 -12.23 48.55 -7.25
C SER B 71 -13.51 48.41 -6.40
N ARG B 72 -13.45 47.76 -5.24
CA ARG B 72 -14.58 47.73 -4.34
C ARG B 72 -14.81 49.13 -3.72
N PRO B 73 -16.05 49.68 -3.84
CA PRO B 73 -16.40 50.92 -3.16
C PRO B 73 -16.22 50.82 -1.65
N GLU B 74 -16.59 49.68 -1.06
CA GLU B 74 -16.45 49.47 0.42
C GLU B 74 -15.04 49.12 0.94
N GLY B 75 -14.03 49.16 0.04
CA GLY B 75 -12.65 48.93 0.39
C GLY B 75 -12.38 47.49 0.77
N TYR B 76 -11.27 47.28 1.48
CA TYR B 76 -10.77 45.93 1.76
C TYR B 76 -9.76 45.88 2.89
N ASN B 77 -9.74 44.75 3.59
CA ASN B 77 -8.90 44.59 4.77
C ASN B 77 -7.79 43.52 4.55
N THR B 78 -7.05 43.26 5.63
CA THR B 78 -6.04 42.20 5.71
C THR B 78 -6.59 40.81 5.39
N TYR B 79 -7.79 40.50 5.85
CA TYR B 79 -8.46 39.25 5.48
C TYR B 79 -8.51 39.10 3.93
N ASP B 80 -8.92 40.13 3.21
CA ASP B 80 -9.17 40.01 1.79
C ASP B 80 -7.86 39.80 1.02
N ILE B 81 -6.81 40.48 1.42
CA ILE B 81 -5.48 40.32 0.80
C ILE B 81 -4.96 38.87 0.97
N VAL B 82 -5.10 38.34 2.17
CA VAL B 82 -4.58 37.03 2.50
C VAL B 82 -5.28 36.02 1.67
N ARG B 83 -6.60 36.10 1.67
CA ARG B 83 -7.47 35.27 0.82
C ARG B 83 -7.07 35.31 -0.64
N THR B 84 -6.80 36.49 -1.14
CA THR B 84 -6.34 36.70 -2.52
C THR B 84 -5.06 35.94 -2.86
N TYR B 85 -4.09 35.98 -1.96
CA TYR B 85 -2.83 35.31 -2.16
C TYR B 85 -3.03 33.79 -2.19
N LEU B 86 -3.99 33.28 -1.41
CA LEU B 86 -4.27 31.84 -1.30
C LEU B 86 -5.10 31.25 -2.42
N ARG B 87 -6.11 31.99 -2.86
CA ARG B 87 -7.14 31.45 -3.73
C ARG B 87 -6.60 30.68 -4.95
N PRO B 88 -5.70 31.28 -5.71
CA PRO B 88 -5.25 30.59 -6.93
C PRO B 88 -4.43 29.35 -6.69
N GLN B 89 -3.81 29.21 -5.54
CA GLN B 89 -3.09 27.99 -5.23
C GLN B 89 -4.02 26.85 -4.99
N PHE B 90 -5.27 27.12 -4.57
CA PHE B 90 -6.20 26.04 -4.19
C PHE B 90 -7.47 25.85 -5.06
N GLU B 91 -7.97 26.90 -5.68
CA GLU B 91 -9.09 26.76 -6.66
C GLU B 91 -8.64 26.13 -7.98
N HIS B 92 -9.40 25.14 -8.44
CA HIS B 92 -9.20 24.51 -9.75
C HIS B 92 -10.56 24.08 -10.28
N ARG B 93 -10.69 24.00 -11.59
CA ARG B 93 -11.91 23.49 -12.23
C ARG B 93 -11.78 21.98 -12.12
N GLU B 94 -12.88 21.24 -12.02
CA GLU B 94 -12.78 19.76 -11.89
C GLU B 94 -12.26 19.10 -13.17
N GLY B 95 -11.48 18.04 -12.93
CA GLY B 95 -10.30 17.72 -13.71
C GLY B 95 -9.13 18.27 -12.88
N GLY B 96 -8.42 17.39 -12.16
CA GLY B 96 -7.17 17.82 -11.50
C GLY B 96 -6.05 18.01 -12.53
N GLN B 97 -5.34 16.89 -12.80
CA GLN B 97 -4.27 16.68 -13.82
C GLN B 97 -3.63 17.91 -14.48
N ALA B 98 -3.12 18.84 -13.67
CA ALA B 98 -2.61 20.11 -14.16
C ALA B 98 -2.39 21.02 -12.99
N TRP B 99 -3.49 21.46 -12.36
CA TRP B 99 -3.43 22.01 -11.03
C TRP B 99 -2.82 20.97 -10.08
N MSE B 100 -3.25 19.72 -10.12
CA MSE B 100 -2.68 18.69 -9.25
C MSE B 100 -1.19 18.50 -9.35
O MSE B 100 -0.51 18.34 -8.34
CB MSE B 100 -3.21 17.32 -9.59
CG MSE B 100 -3.83 16.57 -8.43
SE MSE B 100 -4.50 14.90 -9.26
CE MSE B 100 -2.80 14.13 -9.92
N HIS B 101 -0.67 18.43 -10.58
CA HIS B 101 0.76 18.14 -10.77
C HIS B 101 1.64 19.25 -10.19
N PHE B 102 1.20 20.50 -10.43
CA PHE B 102 1.93 21.65 -9.97
C PHE B 102 1.84 21.87 -8.47
N ALA B 103 0.69 21.50 -7.90
CA ALA B 103 0.49 21.47 -6.46
C ALA B 103 1.42 20.47 -5.77
N ARG B 104 1.53 19.30 -6.36
CA ARG B 104 2.38 18.26 -5.81
C ARG B 104 3.81 18.68 -5.87
N LEU B 105 4.17 19.37 -6.97
CA LEU B 105 5.57 19.78 -7.24
C LEU B 105 5.97 20.82 -6.20
N GLN B 106 5.14 21.84 -6.02
CA GLN B 106 5.37 22.85 -4.99
C GLN B 106 5.40 22.26 -3.60
N SER B 107 4.54 21.31 -3.33
CA SER B 107 4.51 20.67 -2.01
C SER B 107 5.81 19.99 -1.63
N ARG B 108 6.68 19.68 -2.60
CA ARG B 108 7.94 19.00 -2.39
C ARG B 108 9.09 19.92 -2.48
N LEU B 109 8.82 21.21 -2.65
CA LEU B 109 9.81 22.22 -2.88
C LEU B 109 10.92 22.24 -1.82
N ALA B 110 10.55 21.99 -0.56
CA ALA B 110 11.53 22.00 0.53
C ALA B 110 12.56 20.92 0.40
N SER B 111 12.32 19.89 -0.38
CA SER B 111 13.34 18.84 -0.47
C SER B 111 14.25 18.96 -1.72
N GLU B 112 14.11 20.05 -2.44
CA GLU B 112 14.97 20.28 -3.58
C GLU B 112 16.34 20.83 -3.17
N PRO B 113 17.37 20.56 -3.94
CA PRO B 113 18.60 21.26 -3.59
C PRO B 113 18.54 22.80 -3.73
N GLU B 114 19.30 23.45 -2.87
CA GLU B 114 19.45 24.90 -2.80
C GLU B 114 19.93 25.44 -4.18
N GLU B 115 20.68 24.67 -4.94
CA GLU B 115 21.01 25.04 -6.36
C GLU B 115 19.79 25.33 -7.32
N VAL B 116 18.63 24.72 -7.08
CA VAL B 116 17.37 25.18 -7.74
C VAL B 116 16.41 25.95 -6.81
N ALA B 117 16.40 25.62 -5.54
CA ALA B 117 15.41 26.22 -4.67
C ALA B 117 15.67 27.72 -4.46
N VAL B 118 16.95 28.14 -4.47
CA VAL B 118 17.29 29.54 -4.21
C VAL B 118 16.85 30.42 -5.36
N PRO B 119 17.27 30.11 -6.61
CA PRO B 119 16.78 30.97 -7.70
C PRO B 119 15.27 31.01 -7.81
N LEU B 120 14.59 29.91 -7.47
CA LEU B 120 13.13 29.91 -7.48
C LEU B 120 12.55 30.88 -6.50
N ARG B 121 13.06 30.86 -5.28
CA ARG B 121 12.63 31.87 -4.30
C ARG B 121 12.82 33.30 -4.86
N LYS B 122 14.05 33.56 -5.24
CA LYS B 122 14.52 34.86 -5.69
C LYS B 122 13.80 35.34 -6.96
N GLU B 123 13.71 34.49 -7.99
CA GLU B 123 13.10 34.89 -9.25
C GLU B 123 11.58 34.86 -9.32
N LEU B 124 10.95 33.92 -8.62
CA LEU B 124 9.54 33.64 -8.80
C LEU B 124 8.64 33.83 -7.62
N TYR B 125 9.15 33.78 -6.39
CA TYR B 125 8.27 33.91 -5.22
C TYR B 125 8.38 35.26 -4.56
N ASP B 126 9.59 35.73 -4.38
CA ASP B 126 9.89 36.99 -3.66
C ASP B 126 9.03 38.20 -4.04
N HIS B 127 9.07 38.58 -5.33
CA HIS B 127 8.37 39.77 -5.79
C HIS B 127 6.86 39.81 -5.33
N THR B 128 6.12 38.73 -5.61
CA THR B 128 4.71 38.71 -5.26
C THR B 128 4.48 38.70 -3.74
N LEU B 129 5.26 37.93 -2.98
CA LEU B 129 5.23 37.97 -1.50
C LEU B 129 5.57 39.30 -0.88
N LYS B 130 6.62 39.94 -1.40
CA LYS B 130 6.98 41.32 -0.99
C LYS B 130 5.81 42.28 -1.25
N ALA B 131 5.16 42.14 -2.41
CA ALA B 131 4.04 42.98 -2.77
C ALA B 131 2.87 42.68 -1.86
N PHE B 132 2.67 41.44 -1.44
CA PHE B 132 1.56 41.21 -0.54
C PHE B 132 1.88 41.63 0.93
N ILE B 133 3.13 41.55 1.37
CA ILE B 133 3.52 42.19 2.64
C ILE B 133 3.20 43.71 2.58
N HIS B 134 3.61 44.36 1.50
CA HIS B 134 3.45 45.79 1.30
C HIS B 134 1.96 46.15 1.34
N GLU B 135 1.13 45.41 0.61
CA GLU B 135 -0.31 45.64 0.63
C GLU B 135 -0.92 45.58 2.04
N ILE B 136 -0.46 44.65 2.84
CA ILE B 136 -0.87 44.52 4.24
C ILE B 136 -0.24 45.63 5.13
N MSE B 137 0.98 46.08 4.85
CA MSE B 137 1.57 47.22 5.57
C MSE B 137 0.69 48.43 5.45
O MSE B 137 0.52 49.16 6.43
CB MSE B 137 2.95 47.68 5.04
CG MSE B 137 4.17 46.81 5.34
SE MSE B 137 4.12 46.17 7.20
CE MSE B 137 4.53 47.82 8.20
N GLU B 138 0.12 48.62 4.26
CA GLU B 138 -0.73 49.77 3.94
C GLU B 138 -2.16 49.68 4.51
N CYS B 139 -2.48 48.61 5.24
CA CYS B 139 -3.84 48.41 5.74
C CYS B 139 -4.02 49.09 7.08
N GLU B 140 -5.23 49.65 7.27
CA GLU B 140 -5.67 50.38 8.47
C GLU B 140 -5.24 49.71 9.80
N GLY B 141 -4.47 50.44 10.61
CA GLY B 141 -3.95 49.90 11.86
C GLY B 141 -2.98 48.75 11.67
N GLU B 142 -2.23 48.76 10.56
CA GLU B 142 -1.14 47.82 10.33
C GLU B 142 0.14 48.64 10.21
N ASP B 143 0.97 48.54 11.24
CA ASP B 143 2.18 49.35 11.43
C ASP B 143 3.45 48.52 11.44
N ASP B 144 3.31 47.19 11.55
CA ASP B 144 4.34 46.33 12.11
C ASP B 144 4.93 45.35 11.09
N ALA B 145 6.11 45.71 10.57
CA ALA B 145 6.81 44.93 9.54
C ALA B 145 7.12 43.48 9.95
N ALA B 146 7.68 43.32 11.15
CA ALA B 146 7.95 41.98 11.68
C ALA B 146 6.67 41.08 11.78
N ALA B 147 5.56 41.65 12.21
CA ALA B 147 4.35 40.88 12.39
C ALA B 147 3.90 40.30 11.07
N VAL B 148 3.86 41.15 10.06
CA VAL B 148 3.36 40.80 8.76
C VAL B 148 4.38 39.88 8.07
N SER B 149 5.65 40.20 8.19
CA SER B 149 6.64 39.43 7.49
C SER B 149 6.71 37.98 7.98
N TRP B 150 6.72 37.83 9.30
CA TRP B 150 6.62 36.53 9.90
C TRP B 150 5.30 35.89 9.57
N GLY B 151 4.26 36.69 9.49
CA GLY B 151 2.96 36.21 8.98
C GLY B 151 3.07 35.54 7.60
N ALA B 152 3.72 36.26 6.69
CA ALA B 152 4.00 35.82 5.36
C ALA B 152 4.84 34.51 5.31
N VAL B 153 5.87 34.35 6.15
CA VAL B 153 6.61 33.11 6.17
C VAL B 153 5.70 31.96 6.61
N PHE B 154 4.86 32.23 7.60
CA PHE B 154 3.97 31.20 8.11
C PHE B 154 2.88 30.81 7.12
N MSE B 155 2.30 31.79 6.43
CA MSE B 155 1.46 31.51 5.28
C MSE B 155 2.10 30.50 4.34
O MSE B 155 1.46 29.50 3.95
CB MSE B 155 1.50 32.71 4.38
CG MSE B 155 0.56 33.83 4.65
SE MSE B 155 -0.47 33.90 2.96
CE MSE B 155 -0.54 35.76 2.38
N VAL B 156 3.37 30.75 3.95
CA VAL B 156 4.00 29.97 2.89
C VAL B 156 4.10 28.54 3.36
N SER B 157 4.46 28.38 4.63
CA SER B 157 4.70 27.08 5.19
C SER B 157 3.39 26.26 5.20
N MSE B 158 2.32 26.95 5.53
CA MSE B 158 0.96 26.44 5.42
C MSE B 158 0.53 26.07 4.02
O MSE B 158 -0.12 25.04 3.82
CB MSE B 158 0.04 27.53 5.91
CG MSE B 158 -0.26 27.37 7.39
SE MSE B 158 -0.93 29.09 8.15
CE MSE B 158 0.19 28.61 9.67
N ILE B 159 0.86 26.91 3.05
CA ILE B 159 0.55 26.60 1.65
C ILE B 159 1.27 25.33 1.20
N LEU B 160 2.57 25.30 1.37
CA LEU B 160 3.37 24.20 0.86
C LEU B 160 2.88 22.87 1.44
N TYR B 161 2.64 22.86 2.75
CA TYR B 161 2.06 21.70 3.43
C TYR B 161 0.65 21.33 2.92
N MSE B 162 -0.28 22.27 2.84
CA MSE B 162 -1.65 21.93 2.43
C MSE B 162 -1.68 21.40 1.01
O MSE B 162 -2.49 20.55 0.69
CB MSE B 162 -2.59 23.12 2.64
CG MSE B 162 -2.87 23.47 4.13
SE MSE B 162 -3.48 21.95 5.26
CE MSE B 162 -5.27 21.87 4.40
N LEU B 163 -0.77 21.86 0.17
CA LEU B 163 -0.66 21.37 -1.20
C LEU B 163 -0.28 19.88 -1.29
N ARG B 164 0.22 19.28 -0.21
CA ARG B 164 0.48 17.84 -0.18
C ARG B 164 -0.85 17.02 -0.30
N GLY B 165 -1.98 17.60 0.07
CA GLY B 165 -3.25 16.88 0.06
C GLY B 165 -3.36 15.68 0.97
N VAL B 166 -2.59 15.63 2.06
CA VAL B 166 -2.82 14.69 3.13
C VAL B 166 -4.04 15.13 3.94
N ASP B 167 -4.83 14.19 4.47
CA ASP B 167 -6.02 14.51 5.28
C ASP B 167 -5.60 14.51 6.74
N ARG B 168 -4.86 15.55 7.11
CA ARG B 168 -4.15 15.51 8.37
C ARG B 168 -5.13 15.74 9.50
N ILE B 169 -6.01 16.72 9.31
CA ILE B 169 -7.14 16.97 10.21
C ILE B 169 -8.00 15.73 10.43
N GLY B 170 -8.21 14.93 9.38
CA GLY B 170 -8.93 13.66 9.50
C GLY B 170 -8.17 12.68 10.34
N GLU B 171 -6.88 12.55 10.09
CA GLU B 171 -6.06 11.60 10.85
C GLU B 171 -5.96 11.89 12.35
N LEU B 172 -6.02 13.17 12.71
CA LEU B 172 -5.83 13.58 14.09
C LEU B 172 -7.14 13.70 14.85
N THR B 173 -8.25 13.72 14.12
CA THR B 173 -9.57 13.66 14.70
C THR B 173 -10.23 12.28 14.48
N ASP B 174 -9.45 11.24 14.13
CA ASP B 174 -10.03 9.91 13.79
C ASP B 174 -11.30 10.00 12.90
N GLY B 175 -11.20 10.77 11.83
CA GLY B 175 -12.23 10.81 10.82
C GLY B 175 -13.40 11.66 11.21
N HIS B 176 -13.35 12.28 12.38
CA HIS B 176 -14.51 13.04 12.86
C HIS B 176 -14.60 14.40 12.16
N LEU B 177 -13.45 14.99 11.79
CA LEU B 177 -13.40 16.28 11.06
C LEU B 177 -12.62 16.16 9.75
N HIS B 178 -13.07 16.91 8.76
CA HIS B 178 -12.44 16.91 7.45
C HIS B 178 -12.67 18.26 6.83
N ALA B 179 -11.82 18.57 5.86
CA ALA B 179 -12.03 19.70 5.01
C ALA B 179 -13.25 19.42 4.12
N GLU B 180 -14.25 20.30 4.24
CA GLU B 180 -15.42 20.28 3.39
C GLU B 180 -15.02 20.39 1.90
N SER B 181 -14.44 21.54 1.55
CA SER B 181 -14.12 21.94 0.18
C SER B 181 -12.77 22.71 0.13
N GLU B 182 -12.26 22.98 -1.07
CA GLU B 182 -11.11 23.88 -1.26
C GLU B 182 -11.37 25.22 -0.57
N ASP B 183 -12.60 25.74 -0.71
CA ASP B 183 -12.89 27.07 -0.15
C ASP B 183 -12.96 27.11 1.38
N ASP B 184 -13.39 26.01 2.00
CA ASP B 184 -13.34 25.86 3.47
C ASP B 184 -11.86 25.91 3.96
N ILE B 185 -11.00 25.16 3.27
CA ILE B 185 -9.55 25.23 3.53
C ILE B 185 -9.01 26.66 3.43
N VAL B 186 -9.30 27.33 2.34
CA VAL B 186 -8.86 28.71 2.16
C VAL B 186 -9.37 29.66 3.27
N GLU B 187 -10.67 29.54 3.59
CA GLU B 187 -11.33 30.29 4.68
C GLU B 187 -10.57 30.09 6.00
N ARG B 188 -10.35 28.85 6.32
CA ARG B 188 -9.74 28.58 7.58
C ARG B 188 -8.29 29.06 7.67
N MSE B 189 -7.52 28.96 6.58
CA MSE B 189 -6.10 29.42 6.62
C MSE B 189 -6.10 30.93 6.67
O MSE B 189 -5.29 31.51 7.37
CB MSE B 189 -5.06 28.90 5.61
CG MSE B 189 -5.67 27.98 4.59
SE MSE B 189 -4.55 26.97 3.35
CE MSE B 189 -2.79 27.87 3.40
N THR B 190 -7.03 31.57 5.98
CA THR B 190 -7.12 33.02 6.02
C THR B 190 -7.46 33.52 7.43
N ILE B 191 -8.40 32.86 8.08
CA ILE B 191 -8.83 33.30 9.38
C ILE B 191 -7.65 33.13 10.29
N PHE B 192 -7.02 31.97 10.20
CA PHE B 192 -5.85 31.68 11.00
C PHE B 192 -4.73 32.73 10.75
N ILE B 193 -4.46 33.06 9.48
CA ILE B 193 -3.32 33.92 9.18
C ILE B 193 -3.57 35.36 9.68
N THR B 194 -4.78 35.83 9.49
CA THR B 194 -5.19 37.13 10.01
C THR B 194 -5.14 37.28 11.54
N GLY B 195 -5.58 36.26 12.28
CA GLY B 195 -5.48 36.21 13.73
C GLY B 195 -4.05 36.24 14.25
N GLY B 196 -3.17 35.51 13.57
CA GLY B 196 -1.80 35.34 14.03
C GLY B 196 -1.07 36.62 13.77
N ILE B 197 -1.31 37.21 12.60
CA ILE B 197 -0.73 38.52 12.35
C ILE B 197 -1.12 39.54 13.44
N ASN B 198 -2.40 39.59 13.82
CA ASN B 198 -2.81 40.51 14.89
C ASN B 198 -2.18 40.15 16.20
N SER B 199 -2.11 38.88 16.52
CA SER B 199 -1.44 38.50 17.73
C SER B 199 -0.02 38.99 17.78
N LEU B 200 0.75 38.83 16.70
CA LEU B 200 2.18 39.17 16.74
C LEU B 200 2.36 40.66 16.95
N LYS B 201 1.56 41.42 16.21
CA LYS B 201 1.45 42.87 16.32
C LYS B 201 1.21 43.27 17.77
N GLN B 202 0.16 42.70 18.36
CA GLN B 202 -0.25 42.86 19.78
C GLN B 202 0.81 42.53 20.82
N ALA B 203 1.70 41.61 20.49
CA ALA B 203 2.70 41.14 21.43
C ALA B 203 3.95 42.02 21.44
N THR B 204 4.33 42.62 20.29
CA THR B 204 5.46 43.58 20.25
C THR B 204 5.02 44.89 20.93
N GLN B 205 3.73 45.21 20.84
CA GLN B 205 3.12 46.32 21.60
C GLN B 205 3.22 46.18 23.12
N ASP B 206 3.14 44.93 23.59
CA ASP B 206 3.26 44.51 25.00
C ASP B 206 1.87 44.55 25.62
N MSE C 1 5.63 -2.62 -41.96
CA MSE C 1 4.96 -3.61 -42.88
C MSE C 1 3.54 -3.83 -42.46
O MSE C 1 3.13 -3.41 -41.39
CB MSE C 1 5.72 -4.96 -42.90
CG MSE C 1 7.08 -4.95 -43.63
SE MSE C 1 7.52 -3.24 -44.51
CE MSE C 1 8.09 -3.85 -46.32
N GLU C 2 2.76 -4.50 -43.34
CA GLU C 2 1.36 -4.82 -43.03
C GLU C 2 1.29 -5.98 -42.06
N LEU C 3 2.13 -6.99 -42.22
CA LEU C 3 2.18 -8.11 -41.24
C LEU C 3 2.68 -7.66 -39.88
N ILE C 4 3.63 -6.71 -39.85
CA ILE C 4 4.13 -6.21 -38.55
C ILE C 4 3.05 -5.46 -37.79
N LEU C 5 2.34 -4.57 -38.49
CA LEU C 5 1.18 -3.91 -37.92
C LEU C 5 0.15 -4.87 -37.29
N ASN C 6 -0.25 -5.86 -38.08
CA ASN C 6 -1.18 -6.89 -37.60
C ASN C 6 -0.69 -7.53 -36.32
N GLU C 7 0.53 -8.01 -36.34
CA GLU C 7 1.10 -8.58 -35.12
C GLU C 7 1.16 -7.59 -33.96
N ALA C 8 1.49 -6.34 -34.25
CA ALA C 8 1.50 -5.30 -33.23
C ALA C 8 0.11 -5.00 -32.62
N GLU C 9 -0.90 -4.86 -33.51
CA GLU C 9 -2.31 -4.69 -33.14
C GLU C 9 -2.75 -5.74 -32.15
N LYS C 10 -2.43 -7.02 -32.42
CA LYS C 10 -2.82 -8.15 -31.54
C LYS C 10 -2.15 -8.05 -30.18
N VAL C 11 -0.85 -7.80 -30.19
CA VAL C 11 -0.13 -7.69 -28.93
C VAL C 11 -0.63 -6.52 -28.11
N PHE C 12 -0.83 -5.37 -28.74
CA PHE C 12 -1.36 -4.20 -28.02
C PHE C 12 -2.76 -4.45 -27.48
N ALA C 13 -3.59 -5.15 -28.25
CA ALA C 13 -4.94 -5.56 -27.81
C ALA C 13 -4.91 -6.43 -26.56
N MSE C 14 -4.00 -7.39 -26.53
CA MSE C 14 -3.81 -8.25 -25.36
C MSE C 14 -3.15 -7.58 -24.19
O MSE C 14 -3.57 -7.79 -23.08
CB MSE C 14 -2.91 -9.41 -25.71
CG MSE C 14 -3.64 -10.60 -26.34
SE MSE C 14 -2.59 -12.21 -25.82
CE MSE C 14 -3.00 -12.26 -23.89
N HIS C 15 -2.09 -6.79 -24.41
CA HIS C 15 -1.22 -6.37 -23.30
C HIS C 15 -1.26 -4.90 -22.99
N GLY C 16 -1.92 -4.09 -23.83
CA GLY C 16 -1.76 -2.62 -23.78
C GLY C 16 -0.40 -2.13 -24.28
N PHE C 17 -0.23 -0.83 -24.17
CA PHE C 17 0.98 -0.17 -24.64
C PHE C 17 2.14 -0.56 -23.74
N LEU C 18 2.04 -0.30 -22.45
CA LEU C 18 3.16 -0.59 -21.51
C LEU C 18 3.62 -2.05 -21.51
N GLY C 19 2.72 -2.97 -21.24
CA GLY C 19 3.02 -4.39 -21.28
C GLY C 19 3.50 -4.94 -22.60
N ALA C 20 3.16 -4.31 -23.73
CA ALA C 20 3.65 -4.80 -25.03
C ALA C 20 5.14 -4.50 -25.18
N THR C 21 5.84 -5.45 -25.79
CA THR C 21 7.26 -5.34 -26.11
C THR C 21 7.50 -5.56 -27.61
N LEU C 22 8.57 -4.92 -28.08
CA LEU C 22 8.99 -5.07 -29.45
C LEU C 22 9.53 -6.48 -29.64
N LYS C 23 10.26 -7.00 -28.61
CA LYS C 23 10.64 -8.43 -28.48
C LYS C 23 9.55 -9.36 -28.97
N GLN C 24 8.36 -9.25 -28.35
CA GLN C 24 7.23 -10.12 -28.64
C GLN C 24 6.73 -9.91 -30.05
N ILE C 25 6.58 -8.64 -30.43
CA ILE C 25 6.05 -8.33 -31.76
C ILE C 25 6.99 -8.84 -32.83
N ALA C 26 8.29 -8.70 -32.58
CA ALA C 26 9.32 -9.21 -33.49
C ALA C 26 9.19 -10.72 -33.68
N GLN C 27 9.08 -11.49 -32.59
CA GLN C 27 8.91 -12.96 -32.71
C GLN C 27 7.68 -13.33 -33.53
N ASN C 28 6.54 -12.72 -33.22
CA ASN C 28 5.30 -13.12 -33.88
C ASN C 28 5.28 -12.78 -35.33
N SER C 29 6.16 -11.87 -35.75
CA SER C 29 6.25 -11.43 -37.14
C SER C 29 7.42 -12.08 -37.86
N ASN C 30 8.25 -12.83 -37.13
CA ASN C 30 9.37 -13.53 -37.75
C ASN C 30 10.35 -12.51 -38.38
N VAL C 31 10.77 -11.56 -37.56
CA VAL C 31 11.72 -10.53 -37.95
C VAL C 31 12.51 -10.19 -36.69
N THR C 32 13.50 -9.33 -36.83
CA THR C 32 14.20 -8.78 -35.68
C THR C 32 13.48 -7.53 -35.13
N GLN C 33 13.71 -7.25 -33.84
CA GLN C 33 13.47 -5.94 -33.24
C GLN C 33 14.07 -4.80 -34.05
N ALA C 34 15.27 -5.00 -34.58
CA ALA C 34 15.98 -3.97 -35.34
C ALA C 34 15.23 -3.58 -36.60
N LEU C 35 14.64 -4.53 -37.29
CA LEU C 35 13.79 -4.23 -38.47
C LEU C 35 12.50 -3.43 -38.07
N ILE C 36 11.96 -3.70 -36.89
CA ILE C 36 10.78 -3.01 -36.46
C ILE C 36 11.16 -1.59 -36.17
N THR C 37 12.16 -1.39 -35.32
CA THR C 37 12.76 -0.05 -35.09
C THR C 37 13.13 0.71 -36.39
N TYR C 38 13.70 0.01 -37.36
CA TYR C 38 14.02 0.64 -38.61
C TYR C 38 12.77 1.27 -39.25
N TYR C 39 11.64 0.57 -39.24
CA TYR C 39 10.41 1.09 -39.92
C TYR C 39 9.60 2.05 -39.09
N TYR C 40 9.56 1.87 -37.78
CA TYR C 40 8.60 2.60 -36.92
C TYR C 40 9.25 3.42 -35.82
N GLY C 41 10.54 3.26 -35.59
CA GLY C 41 11.24 4.10 -34.65
C GLY C 41 11.10 3.79 -33.17
N THR C 42 9.92 3.97 -32.61
CA THR C 42 9.67 3.82 -31.17
C THR C 42 8.39 3.04 -31.00
N LYS C 43 8.23 2.43 -29.83
CA LYS C 43 7.04 1.66 -29.57
C LYS C 43 5.82 2.58 -29.73
N GLN C 44 5.90 3.76 -29.16
CA GLN C 44 4.86 4.74 -29.26
C GLN C 44 4.42 4.97 -30.70
N ASN C 45 5.37 5.04 -31.61
CA ASN C 45 5.05 5.21 -33.03
C ASN C 45 4.34 4.05 -33.68
N LEU C 46 4.78 2.83 -33.36
CA LEU C 46 4.16 1.63 -33.86
C LEU C 46 2.68 1.63 -33.48
N PHE C 47 2.48 1.95 -32.20
CA PHE C 47 1.18 2.13 -31.61
C PHE C 47 0.33 3.14 -32.37
N MSE C 48 0.89 4.31 -32.65
CA MSE C 48 0.18 5.33 -33.41
C MSE C 48 -0.22 4.84 -34.76
O MSE C 48 -1.28 5.17 -35.21
CB MSE C 48 1.01 6.57 -33.59
CG MSE C 48 1.19 7.32 -32.27
SE MSE C 48 -0.45 8.21 -31.62
CE MSE C 48 -1.06 9.18 -33.22
N GLU C 49 0.63 4.06 -35.41
CA GLU C 49 0.36 3.57 -36.74
C GLU C 49 -0.75 2.52 -36.82
N VAL C 50 -0.80 1.65 -35.83
CA VAL C 50 -1.90 0.73 -35.68
C VAL C 50 -3.22 1.54 -35.52
N TYR C 51 -3.21 2.58 -34.69
CA TYR C 51 -4.39 3.41 -34.61
C TYR C 51 -4.72 4.20 -35.88
N ARG C 52 -3.70 4.72 -36.54
CA ARG C 52 -3.89 5.47 -37.77
C ARG C 52 -4.52 4.61 -38.87
N ARG C 53 -4.10 3.35 -39.01
CA ARG C 53 -4.67 2.45 -40.02
C ARG C 53 -6.14 2.14 -39.68
N GLY C 54 -6.35 1.59 -38.48
CA GLY C 54 -7.66 1.38 -37.88
C GLY C 54 -8.65 2.48 -38.14
N LEU C 55 -8.34 3.72 -37.76
CA LEU C 55 -9.29 4.82 -37.83
C LEU C 55 -9.42 5.49 -39.20
N SER C 56 -8.56 5.14 -40.13
CA SER C 56 -8.53 5.75 -41.43
C SER C 56 -9.69 5.13 -42.18
N ASP C 57 -9.76 3.81 -42.15
CA ASP C 57 -10.87 3.06 -42.73
C ASP C 57 -12.20 3.52 -42.12
N ILE C 58 -12.27 3.57 -40.78
CA ILE C 58 -13.50 4.01 -40.10
C ILE C 58 -13.92 5.45 -40.43
N ASP C 59 -12.97 6.40 -40.49
CA ASP C 59 -13.30 7.82 -40.75
C ASP C 59 -13.66 8.07 -42.23
N LYS C 60 -13.09 7.27 -43.13
CA LYS C 60 -13.45 7.33 -44.51
C LYS C 60 -14.93 6.93 -44.64
N LYS C 61 -15.33 5.84 -43.99
CA LYS C 61 -16.75 5.41 -44.01
C LYS C 61 -17.70 6.43 -43.41
N ARG C 62 -17.26 7.10 -42.35
CA ARG C 62 -18.05 8.17 -41.76
C ARG C 62 -18.30 9.27 -42.74
N GLN C 63 -17.25 9.69 -43.43
CA GLN C 63 -17.37 10.78 -44.38
C GLN C 63 -18.23 10.33 -45.60
N ASN C 64 -18.15 9.08 -46.01
CA ASN C 64 -19.04 8.61 -47.07
C ASN C 64 -20.50 8.68 -46.67
N TYR C 65 -20.86 8.09 -45.53
CA TYR C 65 -22.25 8.21 -45.06
C TYR C 65 -22.67 9.65 -44.82
N LEU C 66 -21.75 10.54 -44.47
CA LEU C 66 -22.11 11.96 -44.28
C LEU C 66 -22.33 12.72 -45.59
N ASP C 67 -21.58 12.36 -46.64
CA ASP C 67 -21.81 12.91 -47.97
C ASP C 67 -23.21 12.46 -48.41
N GLU C 68 -23.45 11.14 -48.34
CA GLU C 68 -24.76 10.56 -48.70
C GLU C 68 -25.93 11.30 -48.01
N LEU C 69 -25.79 11.64 -46.73
CA LEU C 69 -26.76 12.48 -46.03
C LEU C 69 -26.97 13.82 -46.69
N LYS C 70 -25.88 14.47 -47.06
CA LYS C 70 -25.91 15.78 -47.70
C LYS C 70 -26.56 15.79 -49.10
N SER C 71 -26.45 14.68 -49.81
CA SER C 71 -27.08 14.53 -51.12
C SER C 71 -28.55 14.09 -51.04
N ARG C 72 -29.04 13.80 -49.84
CA ARG C 72 -30.47 13.51 -49.67
C ARG C 72 -31.28 14.78 -49.97
N PRO C 73 -32.27 14.68 -50.88
CA PRO C 73 -33.15 15.83 -51.14
C PRO C 73 -33.94 16.27 -49.90
N GLU C 74 -34.48 15.28 -49.17
CA GLU C 74 -35.27 15.51 -47.93
C GLU C 74 -34.52 16.19 -46.77
N GLY C 75 -33.18 16.21 -46.80
CA GLY C 75 -32.39 16.77 -45.70
C GLY C 75 -32.11 15.74 -44.60
N TYR C 76 -31.63 16.23 -43.45
CA TYR C 76 -31.27 15.37 -42.34
C TYR C 76 -31.32 16.02 -41.00
N ASN C 77 -31.33 15.18 -39.97
CA ASN C 77 -31.43 15.62 -38.56
C ASN C 77 -30.26 15.08 -37.66
N THR C 78 -30.31 15.37 -36.37
CA THR C 78 -29.31 14.93 -35.37
C THR C 78 -29.18 13.40 -35.32
N TYR C 79 -30.31 12.72 -35.30
CA TYR C 79 -30.37 11.28 -35.35
C TYR C 79 -29.49 10.73 -36.46
N ASP C 80 -29.58 11.33 -37.66
CA ASP C 80 -28.86 10.82 -38.81
C ASP C 80 -27.36 11.03 -38.64
N ILE C 81 -26.99 12.15 -38.03
CA ILE C 81 -25.59 12.45 -37.86
C ILE C 81 -25.00 11.48 -36.81
N VAL C 82 -25.69 11.32 -35.69
CA VAL C 82 -25.20 10.48 -34.62
C VAL C 82 -24.93 9.04 -35.15
N ARG C 83 -25.95 8.47 -35.80
CA ARG C 83 -25.88 7.18 -36.48
C ARG C 83 -24.73 7.06 -37.47
N THR C 84 -24.47 8.13 -38.22
CA THR C 84 -23.36 8.18 -39.16
C THR C 84 -22.02 7.97 -38.45
N TYR C 85 -21.87 8.59 -37.29
CA TYR C 85 -20.69 8.48 -36.50
C TYR C 85 -20.52 7.07 -35.91
N LEU C 86 -21.62 6.49 -35.47
CA LEU C 86 -21.64 5.19 -34.82
C LEU C 86 -21.53 4.01 -35.75
N ARG C 87 -22.32 3.92 -36.81
CA ARG C 87 -22.28 2.73 -37.69
C ARG C 87 -20.89 2.17 -38.02
N PRO C 88 -19.96 3.02 -38.48
CA PRO C 88 -18.65 2.48 -38.90
C PRO C 88 -17.83 1.85 -37.80
N GLN C 89 -18.01 2.27 -36.54
CA GLN C 89 -17.42 1.51 -35.45
C GLN C 89 -18.01 0.12 -35.26
N PHE C 90 -19.27 -0.10 -35.64
CA PHE C 90 -19.89 -1.41 -35.39
C PHE C 90 -20.23 -2.29 -36.59
N GLU C 91 -20.06 -1.79 -37.82
CA GLU C 91 -20.31 -2.61 -39.02
C GLU C 91 -19.04 -3.37 -39.43
N HIS C 92 -19.07 -4.68 -39.46
CA HIS C 92 -17.94 -5.47 -39.98
C HIS C 92 -18.36 -6.30 -41.17
N ARG C 93 -17.34 -6.76 -41.91
CA ARG C 93 -17.49 -7.70 -43.05
C ARG C 93 -17.18 -9.15 -42.60
N GLU C 94 -18.22 -9.78 -42.04
CA GLU C 94 -18.21 -10.99 -41.15
C GLU C 94 -17.12 -12.07 -41.39
N GLY C 95 -16.73 -12.74 -40.31
CA GLY C 95 -15.39 -13.25 -40.12
C GLY C 95 -14.89 -12.25 -39.10
N GLY C 96 -14.36 -12.74 -37.98
CA GLY C 96 -13.85 -11.86 -36.91
C GLY C 96 -12.61 -11.09 -37.35
N GLN C 97 -11.47 -11.44 -36.75
CA GLN C 97 -10.17 -11.05 -37.28
C GLN C 97 -10.02 -9.51 -37.36
N ALA C 98 -9.86 -8.94 -38.56
CA ALA C 98 -9.50 -7.51 -38.70
C ALA C 98 -10.29 -6.59 -37.75
N TRP C 99 -11.60 -6.85 -37.65
CA TRP C 99 -12.47 -6.03 -36.83
C TRP C 99 -12.15 -6.21 -35.35
N MSE C 100 -12.10 -7.45 -34.88
CA MSE C 100 -12.10 -7.72 -33.44
C MSE C 100 -10.91 -7.16 -32.72
O MSE C 100 -11.04 -6.59 -31.66
CB MSE C 100 -12.10 -9.21 -33.09
CG MSE C 100 -13.45 -9.89 -33.35
SE MSE C 100 -13.55 -11.76 -32.67
CE MSE C 100 -11.65 -12.33 -32.58
N HIS C 101 -9.74 -7.36 -33.27
CA HIS C 101 -8.54 -6.91 -32.62
C HIS C 101 -8.51 -5.38 -32.42
N PHE C 102 -8.85 -4.62 -33.45
CA PHE C 102 -8.92 -3.16 -33.31
C PHE C 102 -10.03 -2.70 -32.39
N ALA C 103 -11.19 -3.38 -32.41
CA ALA C 103 -12.27 -3.16 -31.44
C ALA C 103 -11.82 -3.33 -30.01
N ARG C 104 -11.13 -4.44 -29.75
CA ARG C 104 -10.62 -4.72 -28.40
C ARG C 104 -9.63 -3.67 -27.97
N LEU C 105 -8.73 -3.34 -28.91
CA LEU C 105 -7.73 -2.32 -28.69
C LEU C 105 -8.36 -1.02 -28.28
N GLN C 106 -9.29 -0.53 -29.09
CA GLN C 106 -9.94 0.73 -28.74
C GLN C 106 -10.65 0.70 -27.43
N SER C 107 -11.21 -0.43 -27.07
CA SER C 107 -11.97 -0.55 -25.83
C SER C 107 -11.10 -0.44 -24.61
N ARG C 108 -9.79 -0.65 -24.75
CA ARG C 108 -8.83 -0.51 -23.64
C ARG C 108 -8.21 0.89 -23.56
N LEU C 109 -8.62 1.80 -24.43
CA LEU C 109 -7.92 3.05 -24.62
C LEU C 109 -7.74 3.83 -23.29
N ALA C 110 -8.74 3.78 -22.40
CA ALA C 110 -8.66 4.54 -21.13
C ALA C 110 -7.63 4.04 -20.13
N SER C 111 -7.11 2.86 -20.32
CA SER C 111 -6.13 2.34 -19.40
C SER C 111 -4.71 2.57 -19.94
N GLU C 112 -4.60 3.24 -21.08
CA GLU C 112 -3.28 3.51 -21.69
C GLU C 112 -2.76 4.79 -21.09
N PRO C 113 -1.43 4.89 -20.94
CA PRO C 113 -0.83 6.08 -20.32
C PRO C 113 -1.24 7.32 -21.06
N GLU C 114 -1.45 8.41 -20.35
CA GLU C 114 -1.66 9.71 -21.02
C GLU C 114 -0.56 10.12 -22.01
N GLU C 115 0.71 9.69 -21.80
CA GLU C 115 1.83 9.94 -22.77
C GLU C 115 1.45 9.57 -24.21
N VAL C 116 0.76 8.45 -24.41
CA VAL C 116 0.36 8.08 -25.78
C VAL C 116 -1.07 8.46 -26.07
N ALA C 117 -1.92 8.45 -25.05
CA ALA C 117 -3.35 8.70 -25.24
C ALA C 117 -3.60 10.11 -25.69
N VAL C 118 -2.99 11.10 -25.02
CA VAL C 118 -3.14 12.53 -25.37
C VAL C 118 -2.85 12.82 -26.87
N PRO C 119 -1.64 12.49 -27.36
CA PRO C 119 -1.39 12.70 -28.81
C PRO C 119 -2.34 11.91 -29.71
N LEU C 120 -2.70 10.70 -29.29
CA LEU C 120 -3.68 9.86 -30.00
C LEU C 120 -5.01 10.57 -30.13
N ARG C 121 -5.51 11.10 -29.04
CA ARG C 121 -6.79 11.77 -29.11
C ARG C 121 -6.73 12.98 -30.03
N LYS C 122 -5.66 13.76 -29.86
CA LYS C 122 -5.51 15.05 -30.54
C LYS C 122 -5.31 14.84 -32.01
N GLU C 123 -4.44 13.92 -32.37
CA GLU C 123 -4.16 13.66 -33.77
C GLU C 123 -5.27 12.89 -34.52
N LEU C 124 -5.87 11.84 -33.91
CA LEU C 124 -6.78 10.91 -34.61
C LEU C 124 -8.25 10.97 -34.30
N TYR C 125 -8.67 11.34 -33.09
CA TYR C 125 -10.09 11.41 -32.77
C TYR C 125 -10.64 12.80 -32.85
N ASP C 126 -9.91 13.78 -32.30
CA ASP C 126 -10.47 15.15 -32.12
C ASP C 126 -11.07 15.77 -33.38
N HIS C 127 -10.39 15.61 -34.51
CA HIS C 127 -10.80 16.31 -35.72
C HIS C 127 -12.21 15.89 -36.18
N THR C 128 -12.45 14.59 -36.26
CA THR C 128 -13.74 14.07 -36.69
C THR C 128 -14.86 14.34 -35.65
N LEU C 129 -14.57 14.22 -34.37
CA LEU C 129 -15.58 14.54 -33.34
C LEU C 129 -16.00 16.00 -33.33
N LYS C 130 -15.02 16.88 -33.54
CA LYS C 130 -15.28 18.31 -33.66
C LYS C 130 -16.13 18.54 -34.90
N ALA C 131 -15.72 17.94 -36.02
CA ALA C 131 -16.55 18.02 -37.21
C ALA C 131 -18.01 17.58 -36.89
N PHE C 132 -18.19 16.46 -36.22
CA PHE C 132 -19.53 15.97 -36.03
C PHE C 132 -20.30 16.82 -35.03
N ILE C 133 -19.62 17.44 -34.08
CA ILE C 133 -20.28 18.41 -33.22
C ILE C 133 -20.79 19.56 -34.08
N HIS C 134 -19.89 20.11 -34.88
CA HIS C 134 -20.21 21.18 -35.79
C HIS C 134 -21.42 20.83 -36.63
N GLU C 135 -21.44 19.65 -37.24
CA GLU C 135 -22.57 19.22 -38.07
C GLU C 135 -23.90 19.23 -37.35
N ILE C 136 -23.92 18.78 -36.10
CA ILE C 136 -25.15 18.78 -35.30
C ILE C 136 -25.57 20.20 -34.99
N MSE C 137 -24.59 21.07 -34.78
CA MSE C 137 -24.85 22.51 -34.53
C MSE C 137 -25.65 23.14 -35.64
O MSE C 137 -26.66 23.80 -35.38
CB MSE C 137 -23.52 23.26 -34.32
CG MSE C 137 -22.84 22.91 -33.00
SE MSE C 137 -24.09 23.07 -31.48
CE MSE C 137 -23.37 24.83 -30.92
N GLU C 138 -25.24 22.90 -36.89
CA GLU C 138 -25.94 23.40 -38.08
C GLU C 138 -27.40 22.88 -38.24
N CYS C 139 -27.77 21.79 -37.59
CA CYS C 139 -29.17 21.34 -37.61
C CYS C 139 -30.16 22.31 -36.98
N GLU C 140 -31.40 22.22 -37.45
CA GLU C 140 -32.57 23.05 -37.05
C GLU C 140 -32.84 22.90 -35.53
N GLY C 141 -32.88 24.02 -34.81
CA GLY C 141 -33.15 24.01 -33.38
C GLY C 141 -32.04 23.42 -32.52
N GLU C 142 -30.81 23.47 -33.02
CA GLU C 142 -29.64 23.08 -32.28
C GLU C 142 -28.72 24.32 -32.16
N ASP C 143 -28.83 25.04 -31.04
CA ASP C 143 -27.96 26.21 -30.70
C ASP C 143 -27.46 26.20 -29.24
N ASP C 144 -27.36 25.01 -28.65
CA ASP C 144 -26.68 24.79 -27.38
C ASP C 144 -25.40 23.96 -27.58
N ALA C 145 -24.23 24.59 -27.50
CA ALA C 145 -22.92 23.90 -27.70
C ALA C 145 -22.58 22.90 -26.58
N ALA C 146 -22.95 23.28 -25.37
CA ALA C 146 -22.72 22.47 -24.21
C ALA C 146 -23.45 21.14 -24.33
N ALA C 147 -24.73 21.19 -24.70
CA ALA C 147 -25.56 20.01 -24.74
C ALA C 147 -24.97 19.02 -25.76
N VAL C 148 -24.45 19.54 -26.85
CA VAL C 148 -23.98 18.68 -27.91
C VAL C 148 -22.60 18.16 -27.60
N SER C 149 -21.79 18.99 -26.95
CA SER C 149 -20.43 18.66 -26.62
C SER C 149 -20.39 17.62 -25.51
N TRP C 150 -21.22 17.77 -24.51
CA TRP C 150 -21.41 16.73 -23.54
C TRP C 150 -22.06 15.52 -24.14
N GLY C 151 -22.91 15.69 -25.12
CA GLY C 151 -23.45 14.54 -25.83
C GLY C 151 -22.33 13.72 -26.46
N ALA C 152 -21.40 14.40 -27.10
CA ALA C 152 -20.33 13.72 -27.81
C ALA C 152 -19.43 12.96 -26.81
N VAL C 153 -19.10 13.62 -25.69
CA VAL C 153 -18.34 13.03 -24.65
C VAL C 153 -19.01 11.77 -24.13
N PHE C 154 -20.31 11.83 -23.90
CA PHE C 154 -21.01 10.61 -23.49
C PHE C 154 -21.07 9.56 -24.60
N MSE C 155 -21.18 9.95 -25.87
CA MSE C 155 -21.16 8.97 -26.98
C MSE C 155 -19.90 8.17 -26.91
O MSE C 155 -19.94 6.93 -27.05
CB MSE C 155 -20.96 9.48 -28.39
CG MSE C 155 -22.13 10.08 -29.07
SE MSE C 155 -21.77 9.70 -30.98
CE MSE C 155 -20.37 11.06 -31.38
N VAL C 156 -18.77 8.87 -26.72
CA VAL C 156 -17.50 8.26 -26.78
C VAL C 156 -17.40 7.21 -25.67
N SER C 157 -17.91 7.54 -24.50
CA SER C 157 -17.89 6.61 -23.43
C SER C 157 -18.67 5.37 -23.78
N MSE C 158 -19.80 5.58 -24.40
CA MSE C 158 -20.63 4.46 -24.77
C MSE C 158 -20.02 3.63 -25.83
O MSE C 158 -20.12 2.39 -25.77
CB MSE C 158 -22.12 4.69 -24.96
CG MSE C 158 -22.59 5.97 -25.60
SE MSE C 158 -24.32 6.64 -24.88
CE MSE C 158 -23.72 6.48 -23.03
N ILE C 159 -19.35 4.26 -26.79
CA ILE C 159 -18.69 3.56 -27.88
C ILE C 159 -17.58 2.66 -27.34
N LEU C 160 -16.69 3.21 -26.54
CA LEU C 160 -15.57 2.48 -25.97
C LEU C 160 -16.01 1.28 -25.12
N TYR C 161 -17.11 1.42 -24.39
CA TYR C 161 -17.66 0.28 -23.66
C TYR C 161 -18.35 -0.79 -24.57
N MSE C 162 -19.15 -0.38 -25.55
CA MSE C 162 -19.78 -1.40 -26.42
C MSE C 162 -18.76 -2.14 -27.23
O MSE C 162 -18.98 -3.27 -27.55
CB MSE C 162 -20.89 -0.85 -27.32
CG MSE C 162 -22.09 -0.22 -26.57
SE MSE C 162 -22.87 -1.40 -25.18
CE MSE C 162 -23.33 -2.86 -26.45
N LEU C 163 -17.62 -1.53 -27.56
CA LEU C 163 -16.52 -2.20 -28.23
C LEU C 163 -15.88 -3.36 -27.47
N ARG C 164 -16.13 -3.48 -26.16
CA ARG C 164 -15.67 -4.62 -25.36
C ARG C 164 -16.29 -5.92 -25.83
N GLY C 165 -17.49 -5.86 -26.40
CA GLY C 165 -18.21 -7.02 -26.89
C GLY C 165 -18.79 -7.88 -25.78
N VAL C 166 -19.09 -7.25 -24.66
CA VAL C 166 -19.75 -7.91 -23.53
C VAL C 166 -21.26 -7.80 -23.68
N ASP C 167 -21.94 -8.93 -23.58
CA ASP C 167 -23.41 -8.95 -23.61
C ASP C 167 -23.86 -8.58 -22.17
N ARG C 168 -23.77 -7.31 -21.88
CA ARG C 168 -24.00 -6.86 -20.53
C ARG C 168 -25.49 -6.88 -20.29
N ILE C 169 -26.27 -6.59 -21.33
CA ILE C 169 -27.72 -6.63 -21.22
C ILE C 169 -28.20 -8.07 -20.96
N GLY C 170 -27.56 -9.04 -21.58
CA GLY C 170 -27.88 -10.43 -21.29
C GLY C 170 -27.54 -10.83 -19.85
N GLU C 171 -26.46 -10.25 -19.34
CA GLU C 171 -26.02 -10.50 -17.97
C GLU C 171 -26.94 -9.87 -16.93
N LEU C 172 -27.48 -8.69 -17.22
CA LEU C 172 -28.33 -8.00 -16.24
C LEU C 172 -29.80 -8.43 -16.24
N THR C 173 -30.23 -9.23 -17.21
CA THR C 173 -31.62 -9.61 -17.39
C THR C 173 -31.80 -11.13 -17.44
N ASP C 174 -30.91 -11.88 -16.80
CA ASP C 174 -31.00 -13.36 -16.75
C ASP C 174 -31.17 -13.96 -18.14
N GLY C 175 -30.48 -13.40 -19.12
CA GLY C 175 -30.58 -13.91 -20.49
C GLY C 175 -31.88 -13.61 -21.23
N HIS C 176 -32.76 -12.80 -20.69
CA HIS C 176 -34.01 -12.51 -21.33
C HIS C 176 -33.85 -11.57 -22.52
N LEU C 177 -33.04 -10.52 -22.37
CA LEU C 177 -32.86 -9.48 -23.37
C LEU C 177 -31.48 -9.57 -23.97
N HIS C 178 -31.37 -9.32 -25.26
CA HIS C 178 -30.12 -9.36 -25.99
C HIS C 178 -30.14 -8.37 -27.08
N ALA C 179 -28.97 -7.87 -27.48
CA ALA C 179 -28.87 -7.19 -28.75
C ALA C 179 -29.25 -8.21 -29.84
N GLU C 180 -30.15 -7.78 -30.70
CA GLU C 180 -30.55 -8.52 -31.87
C GLU C 180 -29.40 -8.58 -32.88
N SER C 181 -28.65 -7.48 -32.95
CA SER C 181 -27.61 -7.24 -33.97
C SER C 181 -26.80 -5.98 -33.66
N GLU C 182 -25.75 -5.77 -34.42
CA GLU C 182 -25.00 -4.54 -34.36
C GLU C 182 -25.88 -3.35 -34.67
N ASP C 183 -26.73 -3.46 -35.67
CA ASP C 183 -27.66 -2.38 -35.98
C ASP C 183 -28.62 -2.02 -34.83
N ASP C 184 -29.09 -3.04 -34.09
CA ASP C 184 -29.91 -2.82 -32.88
C ASP C 184 -29.09 -2.01 -31.87
N ILE C 185 -27.85 -2.44 -31.65
CA ILE C 185 -26.92 -1.70 -30.81
C ILE C 185 -26.86 -0.25 -31.30
N VAL C 186 -26.56 -0.05 -32.57
CA VAL C 186 -26.41 1.33 -33.11
C VAL C 186 -27.65 2.18 -33.00
N GLU C 187 -28.77 1.56 -33.31
CA GLU C 187 -30.06 2.20 -33.14
C GLU C 187 -30.26 2.69 -31.72
N ARG C 188 -30.05 1.82 -30.75
CA ARG C 188 -30.35 2.18 -29.37
C ARG C 188 -29.40 3.19 -28.83
N MSE C 189 -28.15 3.14 -29.29
CA MSE C 189 -27.23 4.16 -28.82
C MSE C 189 -27.67 5.51 -29.40
O MSE C 189 -27.78 6.48 -28.67
CB MSE C 189 -25.72 3.89 -28.81
CG MSE C 189 -25.26 2.80 -29.66
SE MSE C 189 -23.45 2.10 -29.36
CE MSE C 189 -22.32 3.58 -28.71
N THR C 190 -28.03 5.55 -30.69
CA THR C 190 -28.47 6.80 -31.35
C THR C 190 -29.72 7.43 -30.70
N ILE C 191 -30.70 6.60 -30.41
CA ILE C 191 -31.92 7.07 -29.76
C ILE C 191 -31.60 7.65 -28.38
N PHE C 192 -30.79 6.92 -27.63
CA PHE C 192 -30.40 7.32 -26.28
C PHE C 192 -29.63 8.62 -26.30
N ILE C 193 -28.73 8.75 -27.27
CA ILE C 193 -27.87 9.94 -27.34
C ILE C 193 -28.66 11.16 -27.72
N THR C 194 -29.40 11.05 -28.81
CA THR C 194 -30.28 12.13 -29.26
C THR C 194 -31.24 12.61 -28.13
N GLY C 195 -31.84 11.68 -27.38
CA GLY C 195 -32.73 12.07 -26.28
C GLY C 195 -32.04 12.84 -25.15
N GLY C 196 -30.89 12.34 -24.74
CA GLY C 196 -30.07 12.99 -23.74
C GLY C 196 -29.48 14.30 -24.16
N ILE C 197 -29.21 14.47 -25.44
CA ILE C 197 -28.78 15.79 -25.90
C ILE C 197 -29.93 16.79 -25.78
N ASN C 198 -31.14 16.35 -26.10
CA ASN C 198 -32.31 17.22 -25.95
C ASN C 198 -32.58 17.59 -24.50
N SER C 199 -32.60 16.59 -23.61
CA SER C 199 -32.76 16.82 -22.15
C SER C 199 -31.73 17.82 -21.60
N LEU C 200 -30.48 17.71 -22.02
CA LEU C 200 -29.50 18.70 -21.61
C LEU C 200 -29.87 20.09 -22.14
N LYS C 201 -30.24 20.15 -23.41
CA LYS C 201 -30.63 21.40 -24.04
C LYS C 201 -31.81 22.04 -23.27
N GLN C 202 -32.84 21.25 -23.03
CA GLN C 202 -33.97 21.70 -22.25
C GLN C 202 -33.49 22.27 -20.88
N ALA C 203 -32.72 21.50 -20.12
CA ALA C 203 -32.33 21.93 -18.75
C ALA C 203 -31.51 23.21 -18.67
N THR C 204 -30.77 23.53 -19.72
CA THR C 204 -30.05 24.81 -19.79
C THR C 204 -30.97 26.00 -20.27
N GLN C 205 -32.02 25.73 -21.05
CA GLN C 205 -33.09 26.71 -21.31
C GLN C 205 -33.83 27.09 -20.00
N ASP C 206 -34.11 26.10 -19.15
CA ASP C 206 -34.83 26.33 -17.87
C ASP C 206 -34.00 27.07 -16.80
N LYS C 207 -32.68 27.08 -16.97
CA LYS C 207 -31.78 27.97 -16.19
C LYS C 207 -32.07 29.47 -16.42
N TYR C 208 -32.64 29.82 -17.57
CA TYR C 208 -33.02 31.20 -17.86
C TYR C 208 -34.49 31.45 -17.49
N LYS C 209 -34.66 31.65 -16.18
CA LYS C 209 -35.72 32.48 -15.61
C LYS C 209 -37.06 31.77 -15.55
N MSE D 1 34.10 -29.36 -6.27
CA MSE D 1 34.28 -29.07 -4.79
C MSE D 1 33.17 -28.22 -4.25
O MSE D 1 32.22 -28.75 -3.67
CB MSE D 1 35.66 -28.47 -4.44
CG MSE D 1 36.65 -29.50 -3.88
SE MSE D 1 36.51 -31.11 -4.98
CE MSE D 1 35.32 -32.13 -3.79
N GLU D 2 33.27 -26.90 -4.44
CA GLU D 2 32.29 -25.98 -3.89
C GLU D 2 30.99 -26.02 -4.67
N LEU D 3 31.06 -26.18 -5.99
CA LEU D 3 29.85 -26.30 -6.79
C LEU D 3 28.96 -27.46 -6.33
N ILE D 4 29.54 -28.64 -6.18
CA ILE D 4 28.79 -29.88 -5.91
C ILE D 4 28.13 -29.82 -4.51
N LEU D 5 28.85 -29.27 -3.53
CA LEU D 5 28.28 -29.08 -2.19
C LEU D 5 27.07 -28.11 -2.21
N ASN D 6 27.21 -26.95 -2.88
CA ASN D 6 26.13 -25.97 -3.03
C ASN D 6 24.92 -26.55 -3.68
N GLU D 7 25.09 -27.31 -4.75
CA GLU D 7 23.95 -27.91 -5.40
C GLU D 7 23.33 -29.02 -4.57
N ALA D 8 24.14 -29.72 -3.80
CA ALA D 8 23.65 -30.82 -3.00
C ALA D 8 22.93 -30.22 -1.80
N GLU D 9 23.51 -29.19 -1.21
CA GLU D 9 22.79 -28.35 -0.22
C GLU D 9 21.37 -27.95 -0.66
N LYS D 10 21.24 -27.40 -1.87
CA LYS D 10 19.93 -27.04 -2.45
C LYS D 10 19.02 -28.25 -2.52
N VAL D 11 19.51 -29.35 -3.09
CA VAL D 11 18.66 -30.53 -3.30
C VAL D 11 18.23 -31.19 -1.99
N PHE D 12 19.10 -31.21 -0.98
CA PHE D 12 18.75 -31.75 0.35
C PHE D 12 17.74 -30.89 1.12
N ALA D 13 17.91 -29.58 1.08
CA ALA D 13 16.97 -28.67 1.69
C ALA D 13 15.57 -28.84 1.10
N MSE D 14 15.53 -29.21 -0.17
CA MSE D 14 14.28 -29.35 -0.89
C MSE D 14 13.60 -30.65 -0.68
O MSE D 14 12.39 -30.69 -0.57
CB MSE D 14 14.63 -29.19 -2.35
CG MSE D 14 14.56 -27.74 -2.80
SE MSE D 14 13.80 -27.91 -4.60
CE MSE D 14 12.01 -28.67 -4.20
N HIS D 15 14.36 -31.75 -0.66
CA HIS D 15 13.78 -33.10 -0.62
C HIS D 15 14.16 -33.89 0.61
N GLY D 16 15.00 -33.36 1.48
CA GLY D 16 15.51 -34.15 2.61
C GLY D 16 16.52 -35.22 2.15
N PHE D 17 17.10 -35.95 3.10
CA PHE D 17 18.14 -36.92 2.78
C PHE D 17 17.64 -38.04 1.86
N LEU D 18 16.62 -38.75 2.33
CA LEU D 18 16.07 -39.87 1.56
C LEU D 18 15.58 -39.47 0.17
N GLY D 19 14.75 -38.43 0.10
CA GLY D 19 14.21 -37.90 -1.16
C GLY D 19 15.23 -37.48 -2.18
N ALA D 20 16.36 -36.95 -1.75
CA ALA D 20 17.41 -36.50 -2.69
C ALA D 20 18.07 -37.69 -3.37
N THR D 21 18.55 -37.47 -4.58
CA THR D 21 19.34 -38.45 -5.33
C THR D 21 20.60 -37.77 -5.91
N LEU D 22 21.65 -38.58 -6.03
CA LEU D 22 22.87 -38.14 -6.65
C LEU D 22 22.58 -37.86 -8.10
N LYS D 23 21.63 -38.59 -8.70
CA LYS D 23 21.20 -38.33 -10.09
C LYS D 23 20.80 -36.88 -10.29
N GLN D 24 19.86 -36.41 -9.46
CA GLN D 24 19.43 -35.02 -9.44
C GLN D 24 20.62 -34.06 -9.14
N ILE D 25 21.41 -34.39 -8.12
CA ILE D 25 22.53 -33.52 -7.76
C ILE D 25 23.56 -33.41 -8.88
N ALA D 26 23.78 -34.51 -9.60
CA ALA D 26 24.73 -34.52 -10.74
C ALA D 26 24.22 -33.61 -11.86
N GLN D 27 22.90 -33.68 -12.12
CA GLN D 27 22.27 -32.94 -13.20
C GLN D 27 22.38 -31.44 -13.02
N ASN D 28 22.09 -30.96 -11.80
CA ASN D 28 22.18 -29.53 -11.49
C ASN D 28 23.62 -29.00 -11.34
N SER D 29 24.61 -29.89 -11.23
CA SER D 29 26.02 -29.52 -11.18
C SER D 29 26.76 -29.71 -12.52
N ASN D 30 26.13 -30.41 -13.48
CA ASN D 30 26.74 -30.80 -14.76
C ASN D 30 27.96 -31.70 -14.61
N VAL D 31 27.77 -32.81 -13.91
CA VAL D 31 28.83 -33.79 -13.68
C VAL D 31 28.16 -35.12 -13.72
N THR D 32 28.95 -36.17 -13.68
CA THR D 32 28.44 -37.52 -13.58
C THR D 32 28.20 -37.84 -12.12
N GLN D 33 27.28 -38.76 -11.84
CA GLN D 33 27.21 -39.36 -10.53
C GLN D 33 28.60 -39.83 -10.08
N ALA D 34 29.32 -40.47 -11.00
CA ALA D 34 30.63 -41.05 -10.74
C ALA D 34 31.60 -40.13 -10.03
N LEU D 35 31.64 -38.88 -10.47
CA LEU D 35 32.57 -37.89 -9.95
C LEU D 35 32.26 -37.50 -8.47
N ILE D 36 30.98 -37.48 -8.14
CA ILE D 36 30.51 -37.26 -6.77
C ILE D 36 30.96 -38.44 -5.90
N THR D 37 30.53 -39.65 -6.25
CA THR D 37 30.94 -40.90 -5.60
C THR D 37 32.42 -40.89 -5.31
N TYR D 38 33.17 -40.40 -6.28
CA TYR D 38 34.60 -40.25 -6.16
C TYR D 38 35.00 -39.31 -5.03
N TYR D 39 34.42 -38.11 -5.03
CA TYR D 39 34.75 -37.14 -4.01
C TYR D 39 34.16 -37.40 -2.65
N TYR D 40 32.94 -37.97 -2.59
CA TYR D 40 32.17 -37.99 -1.36
C TYR D 40 31.73 -39.37 -0.89
N GLY D 41 31.66 -40.37 -1.79
CA GLY D 41 31.56 -41.77 -1.34
C GLY D 41 30.13 -42.21 -1.36
N THR D 42 29.34 -41.65 -0.47
CA THR D 42 27.93 -42.07 -0.32
C THR D 42 27.06 -40.85 -0.14
N LYS D 43 25.75 -40.96 -0.46
CA LYS D 43 24.77 -39.90 -0.15
C LYS D 43 24.94 -39.44 1.32
N GLN D 44 25.10 -40.38 2.25
CA GLN D 44 25.26 -39.94 3.63
C GLN D 44 26.45 -39.05 3.85
N ASN D 45 27.55 -39.40 3.21
CA ASN D 45 28.79 -38.66 3.37
C ASN D 45 28.71 -37.23 2.80
N LEU D 46 28.11 -37.14 1.61
CA LEU D 46 27.89 -35.89 0.95
C LEU D 46 27.06 -34.98 1.91
N PHE D 47 26.03 -35.58 2.52
CA PHE D 47 25.10 -34.91 3.40
C PHE D 47 25.85 -34.39 4.62
N MSE D 48 26.63 -35.26 5.27
CA MSE D 48 27.52 -34.87 6.35
C MSE D 48 28.43 -33.74 5.98
O MSE D 48 28.64 -32.85 6.78
CB MSE D 48 28.43 -36.01 6.77
CG MSE D 48 27.68 -37.18 7.41
SE MSE D 48 26.60 -36.71 8.98
CE MSE D 48 28.15 -35.94 9.95
N GLU D 49 28.99 -33.76 4.77
CA GLU D 49 29.84 -32.69 4.30
C GLU D 49 29.15 -31.35 4.22
N VAL D 50 27.93 -31.35 3.70
CA VAL D 50 27.15 -30.15 3.58
C VAL D 50 27.01 -29.59 4.96
N TYR D 51 26.67 -30.43 5.94
CA TYR D 51 26.59 -29.94 7.30
C TYR D 51 27.95 -29.52 7.91
N ARG D 52 29.03 -30.26 7.62
CA ARG D 52 30.37 -29.87 8.09
C ARG D 52 30.73 -28.47 7.62
N ARG D 53 30.58 -28.18 6.35
CA ARG D 53 30.88 -26.84 5.86
C ARG D 53 30.02 -25.78 6.57
N GLY D 54 28.70 -25.90 6.49
CA GLY D 54 27.77 -24.98 7.17
C GLY D 54 28.09 -24.70 8.62
N LEU D 55 28.27 -25.74 9.40
CA LEU D 55 28.48 -25.60 10.86
C LEU D 55 29.90 -25.22 11.26
N SER D 56 30.82 -25.41 10.33
CA SER D 56 32.19 -25.02 10.57
C SER D 56 32.26 -23.48 10.53
N ASP D 57 31.61 -22.84 9.54
CA ASP D 57 31.60 -21.37 9.46
C ASP D 57 30.90 -20.74 10.73
N ILE D 58 29.82 -21.38 11.18
CA ILE D 58 29.01 -20.86 12.25
C ILE D 58 29.74 -20.96 13.57
N ASP D 59 30.40 -22.09 13.81
CA ASP D 59 31.10 -22.29 15.08
C ASP D 59 32.38 -21.50 15.14
N LYS D 60 33.00 -21.22 13.99
CA LYS D 60 34.17 -20.36 13.96
C LYS D 60 33.77 -18.93 14.39
N LYS D 61 32.68 -18.42 13.83
CA LYS D 61 32.13 -17.14 14.29
C LYS D 61 31.64 -17.18 15.74
N ARG D 62 31.11 -18.32 16.21
CA ARG D 62 30.71 -18.41 17.62
C ARG D 62 31.90 -18.26 18.52
N GLN D 63 32.98 -18.94 18.14
CA GLN D 63 34.25 -18.94 18.87
C GLN D 63 34.85 -17.51 18.90
N ASN D 64 34.79 -16.79 17.77
CA ASN D 64 35.19 -15.37 17.74
C ASN D 64 34.35 -14.44 18.62
N TYR D 65 33.02 -14.61 18.64
CA TYR D 65 32.19 -13.80 19.53
C TYR D 65 32.49 -14.14 20.97
N LEU D 66 32.83 -15.39 21.26
CA LEU D 66 33.15 -15.81 22.63
C LEU D 66 34.51 -15.30 23.14
N ASP D 67 35.53 -15.34 22.29
CA ASP D 67 36.84 -14.71 22.56
C ASP D 67 36.74 -13.19 22.86
N GLU D 68 35.98 -12.46 22.06
CA GLU D 68 35.74 -11.05 22.31
C GLU D 68 35.09 -10.83 23.70
N LEU D 69 34.13 -11.67 24.07
CA LEU D 69 33.48 -11.56 25.38
C LEU D 69 34.45 -11.74 26.54
N LYS D 70 35.29 -12.77 26.44
CA LYS D 70 36.27 -13.11 27.46
C LYS D 70 37.45 -12.15 27.50
N SER D 71 37.47 -11.19 26.57
CA SER D 71 38.41 -10.05 26.53
C SER D 71 37.81 -8.72 27.00
N ARG D 72 36.56 -8.71 27.43
CA ARG D 72 35.95 -7.47 27.91
C ARG D 72 36.52 -7.13 29.30
N PRO D 73 36.81 -5.85 29.57
CA PRO D 73 37.21 -5.47 30.94
C PRO D 73 36.10 -5.74 31.97
N GLU D 74 34.89 -5.29 31.67
CA GLU D 74 33.69 -5.52 32.50
C GLU D 74 33.19 -6.99 32.69
N GLY D 75 33.70 -7.95 31.93
CA GLY D 75 33.16 -9.33 31.99
C GLY D 75 31.87 -9.52 31.20
N TYR D 76 31.14 -10.58 31.54
CA TYR D 76 29.92 -10.94 30.82
C TYR D 76 28.93 -11.80 31.60
N ASN D 77 27.73 -11.93 31.04
CA ASN D 77 26.67 -12.70 31.70
C ASN D 77 26.03 -13.73 30.75
N THR D 78 25.07 -14.48 31.28
CA THR D 78 24.29 -15.48 30.56
C THR D 78 23.70 -14.91 29.25
N TYR D 79 22.96 -13.80 29.37
CA TYR D 79 22.45 -13.09 28.21
C TYR D 79 23.50 -13.08 27.11
N ASP D 80 24.71 -12.66 27.45
CA ASP D 80 25.76 -12.48 26.42
C ASP D 80 26.15 -13.78 25.77
N ILE D 81 26.13 -14.86 26.55
CA ILE D 81 26.52 -16.16 26.04
C ILE D 81 25.48 -16.66 25.02
N VAL D 82 24.22 -16.61 25.44
CA VAL D 82 23.11 -17.03 24.62
C VAL D 82 23.14 -16.31 23.29
N ARG D 83 23.37 -15.00 23.33
CA ARG D 83 23.38 -14.20 22.11
C ARG D 83 24.55 -14.59 21.20
N THR D 84 25.66 -14.92 21.83
CA THR D 84 26.83 -15.46 21.18
C THR D 84 26.54 -16.72 20.38
N TYR D 85 25.86 -17.67 21.02
CA TYR D 85 25.44 -18.91 20.36
C TYR D 85 24.45 -18.69 19.20
N LEU D 86 23.53 -17.72 19.34
CA LEU D 86 22.46 -17.51 18.36
C LEU D 86 22.84 -16.72 17.13
N ARG D 87 23.53 -15.59 17.27
CA ARG D 87 23.80 -14.71 16.10
C ARG D 87 24.31 -15.40 14.88
N PRO D 88 25.35 -16.25 15.02
CA PRO D 88 25.91 -16.92 13.87
C PRO D 88 24.92 -17.74 13.04
N GLN D 89 23.87 -18.25 13.67
CA GLN D 89 22.82 -18.92 12.91
C GLN D 89 21.99 -17.94 12.09
N PHE D 90 21.94 -16.67 12.49
CA PHE D 90 20.99 -15.73 11.92
C PHE D 90 21.59 -14.60 11.11
N GLU D 91 22.89 -14.38 11.19
CA GLU D 91 23.58 -13.33 10.43
C GLU D 91 23.86 -13.81 9.02
N HIS D 92 23.10 -13.28 8.06
CA HIS D 92 23.06 -13.76 6.67
C HIS D 92 24.01 -12.92 5.77
N ARG D 93 24.13 -13.27 4.47
CA ARG D 93 24.91 -12.47 3.49
C ARG D 93 24.29 -12.42 2.08
N GLN D 97 21.65 -18.84 -2.84
CA GLN D 97 21.61 -17.66 -1.96
C GLN D 97 22.27 -17.93 -0.62
N ALA D 98 23.56 -18.25 -0.67
CA ALA D 98 24.30 -18.83 0.47
C ALA D 98 23.32 -19.09 1.63
N TRP D 99 23.13 -18.12 2.54
CA TRP D 99 22.46 -18.33 3.83
C TRP D 99 21.20 -19.21 3.82
N MSE D 100 20.31 -18.97 2.86
CA MSE D 100 18.97 -19.57 2.83
C MSE D 100 18.90 -21.07 2.87
O MSE D 100 18.15 -21.66 3.64
CB MSE D 100 18.31 -19.25 1.50
CG MSE D 100 17.83 -17.81 1.33
SE MSE D 100 16.05 -17.86 0.47
CE MSE D 100 16.26 -19.25 -0.94
N HIS D 101 19.68 -21.71 2.02
CA HIS D 101 19.61 -23.12 1.80
C HIS D 101 20.06 -23.96 3.01
N PHE D 102 21.09 -23.52 3.72
CA PHE D 102 21.56 -24.24 4.88
C PHE D 102 20.59 -24.05 6.01
N ALA D 103 19.93 -22.89 6.04
CA ALA D 103 18.93 -22.56 7.08
C ALA D 103 17.75 -23.42 6.89
N ARG D 104 17.30 -23.52 5.66
CA ARG D 104 16.19 -24.37 5.35
C ARG D 104 16.54 -25.82 5.68
N LEU D 105 17.76 -26.24 5.30
CA LEU D 105 18.17 -27.63 5.51
C LEU D 105 18.16 -28.00 6.97
N GLN D 106 18.77 -27.16 7.79
CA GLN D 106 18.78 -27.41 9.19
C GLN D 106 17.37 -27.45 9.76
N SER D 107 16.48 -26.59 9.27
CA SER D 107 15.12 -26.58 9.79
C SER D 107 14.35 -27.89 9.61
N ARG D 108 14.82 -28.78 8.73
CA ARG D 108 14.17 -30.06 8.49
C ARG D 108 14.83 -31.20 9.22
N LEU D 109 15.79 -30.90 10.09
CA LEU D 109 16.61 -31.92 10.69
C LEU D 109 15.79 -33.00 11.37
N ALA D 110 14.77 -32.61 12.11
CA ALA D 110 13.95 -33.58 12.79
C ALA D 110 13.21 -34.57 11.93
N SER D 111 13.01 -34.27 10.69
CA SER D 111 12.36 -35.24 9.84
C SER D 111 13.38 -36.08 9.04
N GLU D 112 14.67 -35.99 9.38
CA GLU D 112 15.70 -36.84 8.77
C GLU D 112 15.79 -38.18 9.56
N PRO D 113 16.22 -39.27 8.87
CA PRO D 113 16.33 -40.56 9.55
C PRO D 113 17.37 -40.51 10.64
N GLU D 114 17.16 -41.26 11.73
CA GLU D 114 18.13 -41.38 12.81
C GLU D 114 19.49 -41.86 12.32
N GLU D 115 19.52 -42.68 11.28
CA GLU D 115 20.79 -43.16 10.72
C GLU D 115 21.74 -41.99 10.37
N VAL D 116 21.20 -40.85 9.93
CA VAL D 116 21.98 -39.62 9.70
C VAL D 116 21.86 -38.61 10.79
N ALA D 117 20.71 -38.53 11.46
CA ALA D 117 20.60 -37.47 12.44
C ALA D 117 21.50 -37.70 13.64
N VAL D 118 21.60 -38.96 14.10
CA VAL D 118 22.35 -39.32 15.32
C VAL D 118 23.87 -39.00 15.19
N PRO D 119 24.51 -39.46 14.11
CA PRO D 119 25.88 -39.02 13.86
C PRO D 119 26.01 -37.47 13.74
N LEU D 120 25.11 -36.84 12.98
CA LEU D 120 25.10 -35.37 12.89
C LEU D 120 25.16 -34.70 14.25
N ARG D 121 24.20 -35.01 15.08
CA ARG D 121 24.16 -34.44 16.41
C ARG D 121 25.45 -34.70 17.18
N LYS D 122 25.86 -35.97 17.22
CA LYS D 122 27.08 -36.40 17.93
C LYS D 122 28.35 -35.72 17.44
N GLU D 123 28.57 -35.64 16.14
CA GLU D 123 29.79 -35.09 15.58
C GLU D 123 29.84 -33.55 15.45
N LEU D 124 28.71 -32.88 15.23
CA LEU D 124 28.73 -31.46 14.82
C LEU D 124 28.04 -30.49 15.76
N TYR D 125 26.98 -30.92 16.47
CA TYR D 125 26.26 -30.06 17.40
C TYR D 125 26.61 -30.26 18.87
N ASP D 126 26.82 -31.51 19.30
CA ASP D 126 27.02 -31.80 20.71
C ASP D 126 28.18 -31.01 21.33
N HIS D 127 29.36 -31.08 20.71
CA HIS D 127 30.58 -30.44 21.25
C HIS D 127 30.32 -28.99 21.67
N THR D 128 29.76 -28.21 20.75
CA THR D 128 29.53 -26.78 20.98
C THR D 128 28.40 -26.48 21.94
N LEU D 129 27.36 -27.31 21.92
CA LEU D 129 26.30 -27.14 22.90
C LEU D 129 26.79 -27.39 24.29
N LYS D 130 27.52 -28.48 24.49
CA LYS D 130 28.17 -28.76 25.77
C LYS D 130 29.07 -27.60 26.19
N ALA D 131 29.94 -27.16 25.31
CA ALA D 131 30.75 -25.95 25.56
C ALA D 131 29.91 -24.73 25.97
N PHE D 132 28.84 -24.49 25.21
CA PHE D 132 27.89 -23.42 25.52
C PHE D 132 27.25 -23.60 26.91
N ILE D 133 26.89 -24.83 27.27
CA ILE D 133 26.33 -25.14 28.62
C ILE D 133 27.39 -24.87 29.69
N HIS D 134 28.61 -25.39 29.50
CA HIS D 134 29.70 -25.17 30.44
C HIS D 134 29.93 -23.67 30.69
N GLU D 135 29.99 -22.87 29.62
CA GLU D 135 30.12 -21.42 29.73
C GLU D 135 29.06 -20.81 30.65
N ILE D 136 27.81 -21.23 30.49
CA ILE D 136 26.74 -20.67 31.32
C ILE D 136 26.90 -21.09 32.77
N MSE D 137 27.37 -22.30 33.02
CA MSE D 137 27.69 -22.76 34.37
C MSE D 137 28.74 -21.91 35.04
O MSE D 137 28.62 -21.58 36.22
CB MSE D 137 28.13 -24.22 34.33
CG MSE D 137 27.02 -25.21 33.94
SE MSE D 137 25.44 -24.85 35.05
CE MSE D 137 25.99 -26.05 36.52
N GLU D 138 29.78 -21.52 34.31
CA GLU D 138 30.80 -20.60 34.82
C GLU D 138 30.26 -19.20 35.27
N CYS D 139 29.16 -18.72 34.68
CA CYS D 139 28.57 -17.42 35.06
C CYS D 139 28.05 -17.36 36.49
N GLU D 140 27.90 -16.11 36.95
CA GLU D 140 27.64 -15.78 38.36
C GLU D 140 26.20 -16.02 38.87
N GLY D 141 25.25 -16.27 37.98
CA GLY D 141 23.89 -16.66 38.40
C GLY D 141 23.66 -18.16 38.55
N GLU D 142 24.65 -18.98 38.20
CA GLU D 142 24.38 -20.34 37.68
C GLU D 142 25.21 -21.47 38.33
N ASP D 143 24.57 -22.26 39.19
CA ASP D 143 25.07 -23.62 39.49
C ASP D 143 23.94 -24.67 39.50
N ASP D 144 22.96 -24.44 38.63
CA ASP D 144 21.99 -25.46 38.29
C ASP D 144 22.17 -25.96 36.84
N ALA D 145 22.81 -27.12 36.71
CA ALA D 145 23.01 -27.78 35.42
C ALA D 145 21.70 -28.18 34.72
N ALA D 146 20.67 -28.46 35.52
CA ALA D 146 19.38 -28.88 35.02
C ALA D 146 18.73 -27.73 34.22
N ALA D 147 18.64 -26.60 34.86
CA ALA D 147 18.10 -25.42 34.25
C ALA D 147 18.79 -25.05 32.95
N VAL D 148 20.11 -25.17 32.91
CA VAL D 148 20.85 -24.71 31.78
C VAL D 148 20.71 -25.71 30.69
N SER D 149 20.78 -27.00 31.03
CA SER D 149 20.71 -28.06 30.01
C SER D 149 19.32 -28.14 29.34
N TRP D 150 18.27 -28.14 30.14
CA TRP D 150 16.94 -27.97 29.59
C TRP D 150 16.81 -26.72 28.76
N GLY D 151 17.35 -25.61 29.25
CA GLY D 151 17.27 -24.37 28.53
C GLY D 151 17.94 -24.52 27.18
N ALA D 152 19.07 -25.22 27.11
CA ALA D 152 19.75 -25.47 25.87
C ALA D 152 18.92 -26.33 24.92
N VAL D 153 18.17 -27.30 25.45
CA VAL D 153 17.33 -28.11 24.61
C VAL D 153 16.22 -27.26 23.99
N PHE D 154 15.61 -26.41 24.80
CA PHE D 154 14.59 -25.50 24.30
C PHE D 154 15.13 -24.50 23.29
N MSE D 155 16.33 -23.96 23.52
CA MSE D 155 17.02 -23.16 22.51
C MSE D 155 17.05 -23.82 21.15
O MSE D 155 16.78 -23.18 20.13
CB MSE D 155 18.48 -23.03 22.82
CG MSE D 155 18.91 -21.78 23.51
SE MSE D 155 20.66 -21.19 22.78
CE MSE D 155 21.78 -22.82 22.97
N VAL D 156 17.44 -25.08 21.11
CA VAL D 156 17.67 -25.73 19.84
C VAL D 156 16.35 -25.79 19.01
N SER D 157 15.28 -26.08 19.73
CA SER D 157 13.96 -26.13 19.20
C SER D 157 13.55 -24.77 18.64
N MSE D 158 13.95 -23.73 19.33
CA MSE D 158 13.62 -22.39 18.89
C MSE D 158 14.41 -22.06 17.66
O MSE D 158 13.87 -21.50 16.73
CB MSE D 158 13.87 -21.36 19.97
CG MSE D 158 12.92 -21.57 21.14
SE MSE D 158 13.48 -20.44 22.70
CE MSE D 158 12.18 -21.36 23.81
N ILE D 159 15.69 -22.39 17.66
CA ILE D 159 16.54 -22.11 16.50
C ILE D 159 16.02 -22.85 15.24
N LEU D 160 15.80 -24.14 15.39
CA LEU D 160 15.37 -24.92 14.25
C LEU D 160 14.06 -24.35 13.67
N TYR D 161 13.10 -23.96 14.52
CA TYR D 161 11.88 -23.37 14.04
C TYR D 161 12.14 -22.04 13.39
N MSE D 162 12.88 -21.14 14.04
CA MSE D 162 13.12 -19.81 13.45
C MSE D 162 13.81 -19.88 12.10
O MSE D 162 13.56 -19.06 11.23
CB MSE D 162 13.86 -18.88 14.39
CG MSE D 162 13.06 -18.45 15.63
SE MSE D 162 11.17 -17.89 15.31
CE MSE D 162 11.65 -16.40 14.10
N LEU D 163 14.63 -20.90 11.91
CA LEU D 163 15.33 -21.16 10.65
C LEU D 163 14.41 -21.52 9.50
N ARG D 164 13.15 -21.74 9.82
CA ARG D 164 12.17 -22.06 8.83
C ARG D 164 11.86 -20.84 7.94
N GLY D 165 12.05 -19.62 8.48
CA GLY D 165 11.78 -18.38 7.76
C GLY D 165 10.31 -18.01 7.67
N VAL D 166 9.48 -18.62 8.50
CA VAL D 166 8.06 -18.35 8.44
C VAL D 166 7.84 -17.21 9.38
N ASP D 167 7.09 -16.19 8.94
CA ASP D 167 6.74 -15.02 9.76
C ASP D 167 5.54 -15.39 10.57
N ARG D 168 5.78 -16.16 11.59
CA ARG D 168 4.68 -16.75 12.32
C ARG D 168 4.02 -15.68 13.17
N ILE D 169 4.81 -14.78 13.72
CA ILE D 169 4.27 -13.67 14.49
C ILE D 169 3.34 -12.78 13.61
N GLY D 170 3.70 -12.55 12.36
CA GLY D 170 2.79 -11.85 11.44
C GLY D 170 1.45 -12.54 11.19
N GLU D 171 1.50 -13.86 11.05
CA GLU D 171 0.34 -14.67 10.77
C GLU D 171 -0.62 -14.72 11.94
N LEU D 172 -0.09 -14.57 13.15
CA LEU D 172 -0.87 -14.73 14.36
C LEU D 172 -1.48 -13.43 14.85
N THR D 173 -0.95 -12.31 14.38
CA THR D 173 -1.33 -10.98 14.82
C THR D 173 -1.96 -10.18 13.66
N ASP D 174 -2.47 -10.87 12.65
CA ASP D 174 -3.14 -10.23 11.50
C ASP D 174 -2.27 -9.12 10.96
N GLY D 175 -0.99 -9.37 10.85
CA GLY D 175 -0.08 -8.37 10.34
C GLY D 175 0.37 -7.25 11.29
N HIS D 176 -0.24 -7.12 12.47
CA HIS D 176 0.07 -6.02 13.38
C HIS D 176 1.51 -6.09 13.90
N LEU D 177 2.04 -7.28 14.18
CA LEU D 177 3.44 -7.44 14.65
C LEU D 177 4.36 -8.18 13.69
N HIS D 178 5.59 -7.66 13.53
CA HIS D 178 6.59 -8.29 12.69
C HIS D 178 7.95 -8.29 13.34
N ALA D 179 8.78 -9.21 12.91
CA ALA D 179 10.18 -9.17 13.23
C ALA D 179 10.78 -8.05 12.39
N GLU D 180 11.41 -7.06 13.02
CA GLU D 180 12.08 -5.98 12.28
C GLU D 180 13.29 -6.49 11.47
N SER D 181 13.99 -7.46 12.03
CA SER D 181 15.29 -7.88 11.52
C SER D 181 15.70 -9.21 12.15
N GLU D 182 16.81 -9.76 11.68
CA GLU D 182 17.43 -10.92 12.32
C GLU D 182 17.93 -10.57 13.75
N ASP D 183 18.51 -9.40 13.94
CA ASP D 183 18.96 -9.02 15.26
C ASP D 183 17.81 -8.86 16.25
N ASP D 184 16.63 -8.45 15.78
CA ASP D 184 15.45 -8.38 16.64
C ASP D 184 15.05 -9.82 17.05
N ILE D 185 15.08 -10.74 16.10
CA ILE D 185 14.78 -12.14 16.35
C ILE D 185 15.76 -12.69 17.36
N VAL D 186 17.05 -12.53 17.11
CA VAL D 186 18.08 -12.94 18.09
C VAL D 186 17.90 -12.34 19.50
N GLU D 187 17.63 -11.04 19.54
CA GLU D 187 17.39 -10.34 20.80
C GLU D 187 16.20 -10.97 21.55
N ARG D 188 15.13 -11.26 20.85
CA ARG D 188 13.94 -11.82 21.53
C ARG D 188 14.11 -13.26 22.03
N MSE D 189 14.83 -14.05 21.28
CA MSE D 189 15.14 -15.37 21.71
C MSE D 189 16.07 -15.32 22.86
O MSE D 189 15.93 -16.17 23.76
CB MSE D 189 15.70 -16.34 20.67
CG MSE D 189 15.66 -15.84 19.28
SE MSE D 189 15.90 -17.12 17.84
CE MSE D 189 16.26 -18.87 18.66
N THR D 190 17.02 -14.37 22.87
CA THR D 190 18.02 -14.30 23.92
C THR D 190 17.35 -13.98 25.23
N ILE D 191 16.51 -12.99 25.20
CA ILE D 191 15.83 -12.60 26.43
C ILE D 191 14.96 -13.73 26.92
N PHE D 192 14.21 -14.32 26.01
CA PHE D 192 13.28 -15.40 26.35
C PHE D 192 13.96 -16.57 27.04
N ILE D 193 15.06 -17.02 26.47
CA ILE D 193 15.78 -18.17 26.96
C ILE D 193 16.42 -17.87 28.29
N THR D 194 17.06 -16.71 28.39
CA THR D 194 17.69 -16.27 29.64
C THR D 194 16.68 -16.26 30.77
N GLY D 195 15.51 -15.64 30.54
CA GLY D 195 14.39 -15.69 31.51
C GLY D 195 13.89 -17.08 31.85
N GLY D 196 13.79 -17.92 30.83
CA GLY D 196 13.37 -19.29 30.97
C GLY D 196 14.29 -20.10 31.82
N ILE D 197 15.58 -20.07 31.49
CA ILE D 197 16.61 -20.66 32.34
C ILE D 197 16.42 -20.20 33.80
N ASN D 198 16.30 -18.90 33.99
CA ASN D 198 16.09 -18.41 35.34
C ASN D 198 14.89 -18.93 36.10
N SER D 199 13.78 -19.09 35.41
CA SER D 199 12.60 -19.65 36.03
C SER D 199 12.80 -21.09 36.39
N LEU D 200 13.51 -21.86 35.56
CA LEU D 200 13.79 -23.28 35.88
C LEU D 200 14.69 -23.42 37.09
N LYS D 201 15.70 -22.55 37.16
CA LYS D 201 16.61 -22.50 38.30
C LYS D 201 15.82 -22.18 39.57
N GLN D 202 15.09 -21.06 39.54
CA GLN D 202 14.27 -20.58 40.66
C GLN D 202 13.09 -21.45 41.10
N ALA D 203 12.72 -22.48 40.34
CA ALA D 203 11.68 -23.42 40.76
C ALA D 203 12.21 -24.77 41.30
N THR D 204 13.47 -25.13 41.04
CA THR D 204 14.01 -26.47 41.47
C THR D 204 13.98 -26.73 43.01
N GLU E 2 -4.90 -3.88 5.69
CA GLU E 2 -5.40 -2.50 5.32
C GLU E 2 -4.33 -1.65 4.65
N LEU E 3 -3.14 -1.64 5.22
CA LEU E 3 -1.98 -1.13 4.52
C LEU E 3 -1.67 -1.94 3.26
N ILE E 4 -1.86 -3.26 3.32
CA ILE E 4 -1.55 -4.13 2.18
C ILE E 4 -2.57 -3.88 1.02
N LEU E 5 -3.84 -3.77 1.40
CA LEU E 5 -4.92 -3.38 0.51
C LEU E 5 -4.68 -2.05 -0.21
N ASN E 6 -4.24 -1.04 0.51
CA ASN E 6 -4.05 0.26 -0.09
C ASN E 6 -2.88 0.19 -1.04
N GLU E 7 -1.84 -0.56 -0.69
CA GLU E 7 -0.68 -0.60 -1.60
C GLU E 7 -0.98 -1.39 -2.82
N ALA E 8 -1.79 -2.44 -2.68
CA ALA E 8 -2.23 -3.25 -3.80
C ALA E 8 -3.12 -2.42 -4.73
N GLU E 9 -4.05 -1.68 -4.13
CA GLU E 9 -4.89 -0.74 -4.87
C GLU E 9 -4.10 0.19 -5.73
N LYS E 10 -3.08 0.83 -5.17
CA LYS E 10 -2.16 1.69 -5.99
C LYS E 10 -1.48 0.94 -7.14
N VAL E 11 -0.96 -0.24 -6.90
CA VAL E 11 -0.25 -0.97 -7.97
C VAL E 11 -1.24 -1.50 -9.07
N PHE E 12 -2.42 -1.96 -8.66
CA PHE E 12 -3.42 -2.39 -9.61
C PHE E 12 -3.91 -1.20 -10.49
N ALA E 13 -4.05 -0.02 -9.88
CA ALA E 13 -4.39 1.21 -10.61
C ALA E 13 -3.33 1.58 -11.60
N MSE E 14 -2.07 1.39 -11.28
CA MSE E 14 -1.01 1.70 -12.24
C MSE E 14 -0.81 0.67 -13.27
O MSE E 14 -0.59 0.99 -14.41
CB MSE E 14 0.36 1.82 -11.62
CG MSE E 14 0.51 3.05 -10.71
SE MSE E 14 2.44 3.28 -10.30
CE MSE E 14 2.56 2.58 -8.44
N HIS E 15 -0.81 -0.61 -12.90
CA HIS E 15 -0.36 -1.64 -13.84
C HIS E 15 -1.43 -2.59 -14.30
N GLY E 16 -2.63 -2.49 -13.77
CA GLY E 16 -3.65 -3.49 -14.05
C GLY E 16 -3.36 -4.82 -13.38
N PHE E 17 -4.31 -5.75 -13.49
CA PHE E 17 -4.19 -7.06 -12.84
C PHE E 17 -2.98 -7.83 -13.37
N LEU E 18 -2.82 -7.92 -14.67
CA LEU E 18 -1.70 -8.71 -15.21
C LEU E 18 -0.36 -8.16 -14.89
N GLY E 19 -0.18 -6.85 -15.08
CA GLY E 19 1.12 -6.18 -14.90
C GLY E 19 1.54 -6.00 -13.47
N ALA E 20 0.60 -6.06 -12.53
CA ALA E 20 0.93 -6.01 -11.10
C ALA E 20 1.61 -7.27 -10.69
N THR E 21 2.50 -7.20 -9.69
CA THR E 21 3.11 -8.37 -9.07
C THR E 21 3.05 -8.31 -7.55
N LEU E 22 2.92 -9.46 -6.91
CA LEU E 22 2.93 -9.56 -5.47
C LEU E 22 4.26 -9.16 -4.89
N LYS E 23 5.34 -9.34 -5.66
CA LYS E 23 6.67 -8.87 -5.24
C LYS E 23 6.68 -7.36 -4.98
N GLN E 24 6.24 -6.60 -6.00
CA GLN E 24 6.05 -5.15 -5.90
C GLN E 24 5.20 -4.73 -4.70
N ILE E 25 4.08 -5.39 -4.49
CA ILE E 25 3.15 -4.98 -3.46
C ILE E 25 3.76 -5.27 -2.13
N ALA E 26 4.45 -6.40 -2.02
CA ALA E 26 5.11 -6.76 -0.77
C ALA E 26 6.22 -5.76 -0.48
N GLN E 27 7.10 -5.49 -1.45
CA GLN E 27 8.14 -4.44 -1.29
C GLN E 27 7.54 -3.16 -0.75
N ASN E 28 6.56 -2.58 -1.47
CA ASN E 28 5.93 -1.32 -1.02
C ASN E 28 5.16 -1.39 0.30
N SER E 29 4.76 -2.56 0.78
CA SER E 29 4.12 -2.69 2.10
C SER E 29 5.10 -3.03 3.25
N ASN E 30 6.35 -3.33 2.88
CA ASN E 30 7.37 -3.78 3.84
C ASN E 30 7.00 -5.11 4.48
N VAL E 31 6.55 -6.03 3.64
CA VAL E 31 6.25 -7.41 4.07
C VAL E 31 6.76 -8.34 3.01
N THR E 32 6.68 -9.63 3.32
CA THR E 32 7.03 -10.65 2.35
C THR E 32 5.82 -11.03 1.52
N GLN E 33 6.10 -11.58 0.33
CA GLN E 33 5.05 -12.20 -0.48
C GLN E 33 4.29 -13.28 0.26
N ALA E 34 5.03 -14.07 1.06
CA ALA E 34 4.42 -15.16 1.82
C ALA E 34 3.33 -14.68 2.78
N LEU E 35 3.54 -13.51 3.36
CA LEU E 35 2.55 -12.95 4.25
C LEU E 35 1.32 -12.42 3.51
N ILE E 36 1.50 -11.84 2.32
CA ILE E 36 0.36 -11.42 1.47
C ILE E 36 -0.41 -12.64 1.06
N THR E 37 0.31 -13.61 0.53
CA THR E 37 -0.22 -14.94 0.20
C THR E 37 -1.01 -15.62 1.35
N TYR E 38 -0.53 -15.51 2.58
CA TYR E 38 -1.12 -16.18 3.69
C TYR E 38 -2.48 -15.54 3.95
N TYR E 39 -2.57 -14.21 3.88
CA TYR E 39 -3.84 -13.51 4.18
C TYR E 39 -4.83 -13.51 3.05
N TYR E 40 -4.34 -13.39 1.82
CA TYR E 40 -5.19 -13.16 0.67
C TYR E 40 -5.29 -14.31 -0.34
N GLY E 41 -4.44 -15.33 -0.19
CA GLY E 41 -4.48 -16.49 -1.05
C GLY E 41 -3.74 -16.23 -2.34
N THR E 42 -4.35 -15.43 -3.21
CA THR E 42 -3.87 -15.28 -4.58
C THR E 42 -3.94 -13.83 -5.00
N LYS E 43 -3.21 -13.48 -6.04
CA LYS E 43 -3.32 -12.15 -6.58
C LYS E 43 -4.78 -11.86 -6.95
N GLN E 44 -5.43 -12.84 -7.58
CA GLN E 44 -6.78 -12.66 -8.04
C GLN E 44 -7.73 -12.33 -6.88
N ASN E 45 -7.57 -13.01 -5.75
CA ASN E 45 -8.40 -12.68 -4.60
C ASN E 45 -8.03 -11.37 -3.94
N LEU E 46 -6.78 -10.97 -4.04
CA LEU E 46 -6.34 -9.68 -3.53
C LEU E 46 -7.07 -8.56 -4.24
N PHE E 47 -7.07 -8.69 -5.58
CA PHE E 47 -7.78 -7.81 -6.49
C PHE E 47 -9.26 -7.71 -6.10
N MSE E 48 -9.88 -8.86 -5.88
CA MSE E 48 -11.26 -8.91 -5.48
C MSE E 48 -11.49 -8.19 -4.18
O MSE E 48 -12.45 -7.44 -4.06
CB MSE E 48 -11.78 -10.35 -5.32
CG MSE E 48 -11.78 -11.18 -6.61
SE MSE E 48 -12.82 -10.39 -8.11
CE MSE E 48 -14.52 -10.47 -7.09
N GLU E 49 -10.61 -8.40 -3.21
CA GLU E 49 -10.76 -7.71 -1.92
C GLU E 49 -10.63 -6.22 -2.02
N VAL E 50 -9.75 -5.70 -2.88
CA VAL E 50 -9.65 -4.24 -3.10
C VAL E 50 -10.99 -3.70 -3.56
N TYR E 51 -11.56 -4.37 -4.56
CA TYR E 51 -12.88 -4.06 -5.04
C TYR E 51 -14.03 -4.30 -4.04
N ARG E 52 -13.98 -5.38 -3.23
CA ARG E 52 -15.01 -5.55 -2.16
C ARG E 52 -15.05 -4.39 -1.18
N ARG E 53 -13.91 -3.78 -0.91
CA ARG E 53 -13.86 -2.69 0.03
C ARG E 53 -14.42 -1.44 -0.60
N GLY E 54 -13.88 -1.08 -1.76
CA GLY E 54 -14.32 0.11 -2.48
C GLY E 54 -15.83 0.13 -2.77
N LEU E 55 -16.35 -0.98 -3.29
CA LEU E 55 -17.76 -1.04 -3.66
C LEU E 55 -18.65 -1.24 -2.44
N SER E 56 -18.06 -1.62 -1.33
CA SER E 56 -18.81 -1.74 -0.12
C SER E 56 -19.24 -0.37 0.39
N ASP E 57 -18.32 0.59 0.42
CA ASP E 57 -18.61 1.96 0.87
C ASP E 57 -19.60 2.65 -0.12
N ILE E 58 -19.30 2.51 -1.41
CA ILE E 58 -20.09 3.10 -2.44
C ILE E 58 -21.51 2.55 -2.34
N ASP E 59 -21.70 1.25 -2.14
CA ASP E 59 -23.06 0.69 -2.12
C ASP E 59 -23.83 0.96 -0.82
N LYS E 60 -23.08 1.13 0.26
CA LYS E 60 -23.60 1.53 1.54
C LYS E 60 -24.18 2.92 1.39
N LYS E 61 -23.44 3.83 0.78
CA LYS E 61 -23.99 5.14 0.44
C LYS E 61 -25.20 5.12 -0.51
N ARG E 62 -25.19 4.25 -1.53
CA ARG E 62 -26.33 4.13 -2.47
C ARG E 62 -27.59 3.73 -1.75
N GLN E 63 -27.50 2.79 -0.84
CA GLN E 63 -28.68 2.37 -0.09
C GLN E 63 -29.19 3.47 0.85
N ASN E 64 -28.31 4.25 1.48
CA ASN E 64 -28.77 5.38 2.33
C ASN E 64 -29.51 6.41 1.49
N TYR E 65 -28.93 6.77 0.35
CA TYR E 65 -29.57 7.77 -0.52
C TYR E 65 -30.95 7.29 -1.06
N LEU E 66 -31.08 6.00 -1.33
CA LEU E 66 -32.35 5.41 -1.73
C LEU E 66 -33.34 5.37 -0.56
N ASP E 67 -32.85 5.20 0.66
CA ASP E 67 -33.73 5.22 1.83
C ASP E 67 -34.31 6.65 1.99
N GLU E 68 -33.43 7.65 2.00
CA GLU E 68 -33.80 9.07 1.96
C GLU E 68 -34.89 9.39 0.92
N LEU E 69 -34.79 8.81 -0.26
CA LEU E 69 -35.86 8.92 -1.28
C LEU E 69 -37.18 8.33 -0.79
N LYS E 70 -37.16 7.07 -0.39
CA LYS E 70 -38.38 6.37 0.03
C LYS E 70 -39.10 6.93 1.29
N SER E 71 -38.42 7.80 2.04
CA SER E 71 -39.03 8.55 3.14
C SER E 71 -39.44 10.00 2.76
N ARG E 72 -39.47 10.35 1.48
CA ARG E 72 -39.87 11.70 1.11
C ARG E 72 -41.39 11.76 1.05
N PRO E 73 -41.99 12.86 1.59
CA PRO E 73 -43.44 13.04 1.50
C PRO E 73 -43.92 13.09 0.03
N GLU E 74 -43.33 14.02 -0.73
CA GLU E 74 -43.60 14.21 -2.15
C GLU E 74 -43.34 12.96 -2.99
N GLY E 75 -42.34 12.17 -2.59
CA GLY E 75 -41.93 10.95 -3.30
C GLY E 75 -40.72 11.20 -4.19
N TYR E 76 -40.64 10.45 -5.29
CA TYR E 76 -39.46 10.49 -6.16
C TYR E 76 -39.69 9.94 -7.58
N ASN E 77 -38.86 10.42 -8.51
CA ASN E 77 -38.88 10.02 -9.94
C ASN E 77 -37.56 9.36 -10.43
N THR E 78 -37.57 8.85 -11.66
CA THR E 78 -36.37 8.34 -12.35
C THR E 78 -35.14 9.25 -12.14
N TYR E 79 -35.30 10.55 -12.33
CA TYR E 79 -34.17 11.47 -12.12
C TYR E 79 -33.47 11.24 -10.76
N ASP E 80 -34.26 11.03 -9.71
CA ASP E 80 -33.73 10.92 -8.34
C ASP E 80 -32.92 9.62 -8.14
N ILE E 81 -33.42 8.53 -8.72
CA ILE E 81 -32.80 7.22 -8.64
C ILE E 81 -31.43 7.21 -9.34
N VAL E 82 -31.40 7.80 -10.52
CA VAL E 82 -30.24 7.80 -11.39
C VAL E 82 -29.18 8.64 -10.67
N ARG E 83 -29.59 9.73 -10.05
CA ARG E 83 -28.65 10.54 -9.30
C ARG E 83 -28.10 9.76 -8.10
N THR E 84 -28.98 8.97 -7.48
CA THR E 84 -28.63 8.12 -6.35
C THR E 84 -27.54 7.11 -6.69
N TYR E 85 -27.68 6.44 -7.82
CA TYR E 85 -26.65 5.52 -8.31
C TYR E 85 -25.31 6.24 -8.63
N LEU E 86 -25.38 7.46 -9.15
CA LEU E 86 -24.18 8.16 -9.60
C LEU E 86 -23.38 8.81 -8.49
N ARG E 87 -24.07 9.42 -7.53
CA ARG E 87 -23.45 10.30 -6.56
C ARG E 87 -22.17 9.73 -5.89
N PRO E 88 -22.24 8.56 -5.24
CA PRO E 88 -21.10 8.00 -4.51
C PRO E 88 -19.85 7.65 -5.32
N GLN E 89 -19.99 7.48 -6.63
CA GLN E 89 -18.83 7.34 -7.53
C GLN E 89 -18.09 8.64 -7.78
N PHE E 90 -18.75 9.78 -7.63
CA PHE E 90 -18.11 11.08 -7.96
C PHE E 90 -17.88 12.09 -6.80
N GLU E 91 -18.78 12.13 -5.81
CA GLU E 91 -18.62 12.95 -4.60
C GLU E 91 -17.54 12.42 -3.65
N HIS E 92 -16.61 13.28 -3.31
CA HIS E 92 -15.65 12.96 -2.29
C HIS E 92 -15.31 14.20 -1.45
N ARG E 93 -14.85 13.97 -0.22
CA ARG E 93 -14.37 15.08 0.60
C ARG E 93 -13.02 15.50 0.00
N GLU E 94 -12.67 16.78 0.08
CA GLU E 94 -11.40 17.31 -0.49
C GLU E 94 -10.22 17.17 0.48
N GLY E 95 -9.82 15.93 0.72
CA GLY E 95 -8.55 15.58 1.34
C GLY E 95 -8.11 14.24 0.77
N GLY E 96 -8.56 13.17 1.40
CA GLY E 96 -8.11 11.80 1.12
C GLY E 96 -8.19 11.26 -0.32
N GLN E 97 -7.16 10.49 -0.67
CA GLN E 97 -7.05 9.90 -2.01
C GLN E 97 -7.60 8.47 -2.08
N ALA E 98 -8.33 8.05 -1.06
CA ALA E 98 -9.10 6.81 -1.13
C ALA E 98 -9.96 6.81 -2.41
N TRP E 99 -10.59 7.95 -2.65
CA TRP E 99 -11.50 8.11 -3.73
C TRP E 99 -10.72 8.02 -5.04
N MSE E 100 -9.70 8.83 -5.16
CA MSE E 100 -8.84 8.85 -6.34
C MSE E 100 -8.44 7.49 -6.84
O MSE E 100 -8.62 7.17 -8.01
CB MSE E 100 -7.54 9.54 -5.94
CG MSE E 100 -7.38 10.96 -6.46
SE MSE E 100 -5.67 11.13 -7.44
CE MSE E 100 -4.89 9.36 -7.91
N HIS E 101 -7.85 6.68 -5.96
CA HIS E 101 -7.20 5.45 -6.40
C HIS E 101 -8.24 4.43 -6.91
N PHE E 102 -9.39 4.41 -6.26
CA PHE E 102 -10.43 3.50 -6.59
C PHE E 102 -11.18 3.93 -7.86
N ALA E 103 -11.30 5.23 -8.10
CA ALA E 103 -11.83 5.72 -9.34
C ALA E 103 -10.92 5.31 -10.45
N ARG E 104 -9.61 5.58 -10.32
CA ARG E 104 -8.70 5.24 -11.40
C ARG E 104 -8.77 3.74 -11.65
N LEU E 105 -8.81 2.94 -10.58
CA LEU E 105 -8.85 1.47 -10.74
C LEU E 105 -10.09 1.02 -11.55
N GLN E 106 -11.24 1.52 -11.16
CA GLN E 106 -12.47 1.22 -11.90
C GLN E 106 -12.44 1.67 -13.35
N SER E 107 -11.72 2.73 -13.67
CA SER E 107 -11.68 3.26 -15.01
C SER E 107 -10.89 2.38 -15.94
N ARG E 108 -10.01 1.56 -15.40
CA ARG E 108 -9.31 0.56 -16.20
C ARG E 108 -10.07 -0.77 -16.29
N LEU E 109 -11.15 -0.95 -15.56
CA LEU E 109 -11.84 -2.25 -15.53
C LEU E 109 -12.01 -2.95 -16.90
N ALA E 110 -12.35 -2.18 -17.93
CA ALA E 110 -12.50 -2.76 -19.29
C ALA E 110 -11.26 -3.38 -19.87
N SER E 111 -10.10 -3.10 -19.32
CA SER E 111 -8.89 -3.69 -19.81
C SER E 111 -8.38 -4.87 -18.97
N GLU E 112 -9.13 -5.22 -17.93
CA GLU E 112 -8.80 -6.39 -17.15
C GLU E 112 -9.21 -7.65 -17.86
N PRO E 113 -8.47 -8.72 -17.63
CA PRO E 113 -8.86 -9.99 -18.25
C PRO E 113 -10.18 -10.55 -17.64
N GLU E 114 -10.92 -11.32 -18.46
CA GLU E 114 -12.22 -11.89 -18.05
C GLU E 114 -12.12 -12.77 -16.78
N GLU E 115 -11.03 -13.50 -16.62
CA GLU E 115 -10.77 -14.23 -15.34
C GLU E 115 -10.88 -13.39 -14.05
N VAL E 116 -10.71 -12.06 -14.08
CA VAL E 116 -11.14 -11.21 -12.93
C VAL E 116 -12.36 -10.34 -13.22
N ALA E 117 -12.51 -9.90 -14.45
CA ALA E 117 -13.60 -8.97 -14.77
C ALA E 117 -15.01 -9.61 -14.58
N VAL E 118 -15.17 -10.88 -14.97
CA VAL E 118 -16.42 -11.60 -14.89
C VAL E 118 -16.86 -11.81 -13.45
N PRO E 119 -16.06 -12.51 -12.64
CA PRO E 119 -16.45 -12.58 -11.21
C PRO E 119 -16.76 -11.23 -10.56
N LEU E 120 -16.04 -10.18 -10.94
CA LEU E 120 -16.35 -8.84 -10.47
C LEU E 120 -17.78 -8.39 -10.80
N ARG E 121 -18.15 -8.50 -12.07
CA ARG E 121 -19.48 -8.12 -12.47
C ARG E 121 -20.50 -8.97 -11.70
N LYS E 122 -20.29 -10.29 -11.72
CA LYS E 122 -21.22 -11.21 -11.08
C LYS E 122 -21.35 -10.93 -9.60
N GLU E 123 -20.23 -10.69 -8.91
CA GLU E 123 -20.23 -10.67 -7.45
C GLU E 123 -20.55 -9.32 -6.91
N LEU E 124 -20.11 -8.25 -7.60
CA LEU E 124 -20.12 -6.90 -7.01
C LEU E 124 -20.94 -5.82 -7.68
N TYR E 125 -21.11 -5.88 -8.99
CA TYR E 125 -21.85 -4.83 -9.69
C TYR E 125 -23.25 -5.28 -10.00
N ASP E 126 -23.43 -6.53 -10.43
CA ASP E 126 -24.78 -7.03 -10.82
C ASP E 126 -25.92 -6.73 -9.83
N HIS E 127 -25.78 -7.19 -8.57
CA HIS E 127 -26.86 -7.06 -7.58
C HIS E 127 -27.42 -5.63 -7.52
N THR E 128 -26.53 -4.65 -7.44
CA THR E 128 -26.89 -3.25 -7.22
C THR E 128 -27.44 -2.62 -8.50
N LEU E 129 -26.94 -3.04 -9.64
CA LEU E 129 -27.51 -2.65 -10.93
C LEU E 129 -28.86 -3.23 -11.21
N LYS E 130 -29.09 -4.49 -10.90
CA LYS E 130 -30.46 -5.02 -11.05
C LYS E 130 -31.41 -4.30 -10.05
N ALA E 131 -30.91 -3.94 -8.88
CA ALA E 131 -31.75 -3.25 -7.93
C ALA E 131 -32.14 -1.87 -8.47
N PHE E 132 -31.15 -1.04 -8.84
CA PHE E 132 -31.36 0.22 -9.57
C PHE E 132 -32.42 0.08 -10.70
N ILE E 133 -32.34 -0.99 -11.48
CA ILE E 133 -33.24 -1.22 -12.59
C ILE E 133 -34.66 -1.45 -12.07
N HIS E 134 -34.81 -2.34 -11.09
CA HIS E 134 -36.09 -2.64 -10.44
C HIS E 134 -36.71 -1.35 -9.82
N GLU E 135 -35.87 -0.50 -9.25
CA GLU E 135 -36.30 0.78 -8.72
C GLU E 135 -36.77 1.84 -9.74
N ILE E 136 -36.40 1.67 -11.00
CA ILE E 136 -36.88 2.52 -12.04
C ILE E 136 -38.14 1.93 -12.58
N MSE E 137 -38.18 0.62 -12.73
CA MSE E 137 -39.39 -0.04 -13.20
C MSE E 137 -40.65 0.32 -12.41
O MSE E 137 -41.72 0.50 -13.00
CB MSE E 137 -39.19 -1.56 -13.14
CG MSE E 137 -38.30 -2.13 -14.23
SE MSE E 137 -38.77 -1.25 -15.92
CE MSE E 137 -39.97 -2.65 -16.66
N GLU E 138 -40.49 0.41 -11.09
CA GLU E 138 -41.57 0.71 -10.16
C GLU E 138 -42.05 2.14 -10.22
N CYS E 139 -41.28 3.03 -10.84
CA CYS E 139 -41.74 4.39 -11.06
C CYS E 139 -42.89 4.43 -12.07
N GLU E 140 -43.89 5.24 -11.70
CA GLU E 140 -44.94 5.77 -12.60
C GLU E 140 -44.42 5.92 -14.06
N GLY E 141 -45.15 5.33 -15.01
CA GLY E 141 -44.85 5.50 -16.45
C GLY E 141 -43.58 4.80 -16.93
N GLU E 142 -43.27 3.65 -16.32
CA GLU E 142 -42.10 2.82 -16.65
C GLU E 142 -42.52 1.33 -16.79
N ASP E 143 -42.79 0.99 -18.05
CA ASP E 143 -43.30 -0.32 -18.47
C ASP E 143 -42.31 -1.12 -19.29
N ASP E 144 -41.17 -0.49 -19.67
CA ASP E 144 -40.25 -1.02 -20.70
C ASP E 144 -38.90 -1.48 -20.12
N ALA E 145 -38.73 -2.79 -20.04
CA ALA E 145 -37.55 -3.40 -19.41
C ALA E 145 -36.31 -3.14 -20.25
N ALA E 146 -36.45 -3.32 -21.55
CA ALA E 146 -35.38 -3.01 -22.49
C ALA E 146 -34.88 -1.58 -22.35
N ALA E 147 -35.78 -0.61 -22.34
CA ALA E 147 -35.33 0.80 -22.37
C ALA E 147 -34.51 1.10 -21.15
N VAL E 148 -34.97 0.59 -20.03
CA VAL E 148 -34.30 0.83 -18.79
C VAL E 148 -32.99 0.03 -18.71
N SER E 149 -33.03 -1.23 -19.15
CA SER E 149 -31.87 -2.10 -19.03
C SER E 149 -30.72 -1.58 -19.92
N TRP E 150 -31.07 -1.14 -21.14
CA TRP E 150 -30.09 -0.54 -22.01
C TRP E 150 -29.59 0.79 -21.46
N GLY E 151 -30.46 1.58 -20.88
CA GLY E 151 -30.06 2.83 -20.20
C GLY E 151 -29.08 2.61 -19.02
N ALA E 152 -29.29 1.53 -18.28
CA ALA E 152 -28.35 1.13 -17.23
C ALA E 152 -26.97 0.78 -17.76
N VAL E 153 -26.91 0.06 -18.87
CA VAL E 153 -25.63 -0.28 -19.50
C VAL E 153 -24.95 1.03 -19.98
N PHE E 154 -25.71 1.93 -20.56
CA PHE E 154 -25.12 3.17 -21.02
C PHE E 154 -24.66 4.03 -19.86
N MSE E 155 -25.36 3.99 -18.74
CA MSE E 155 -24.93 4.67 -17.53
C MSE E 155 -23.60 4.18 -17.11
O MSE E 155 -22.74 4.99 -16.86
CB MSE E 155 -25.69 4.21 -16.31
CG MSE E 155 -26.89 4.99 -15.88
SE MSE E 155 -26.86 5.15 -13.89
CE MSE E 155 -27.23 3.27 -13.42
N VAL E 156 -23.44 2.85 -17.01
CA VAL E 156 -22.20 2.26 -16.55
C VAL E 156 -21.03 2.68 -17.46
N SER E 157 -21.27 2.78 -18.77
CA SER E 157 -20.20 3.14 -19.67
C SER E 157 -19.72 4.53 -19.39
N MSE E 158 -20.66 5.40 -19.08
CA MSE E 158 -20.34 6.80 -18.83
C MSE E 158 -19.67 6.93 -17.48
O MSE E 158 -18.74 7.74 -17.31
CB MSE E 158 -21.45 7.81 -19.04
CG MSE E 158 -22.88 7.37 -18.87
SE MSE E 158 -24.20 8.20 -20.10
CE MSE E 158 -24.09 9.86 -19.05
N ILE E 159 -20.09 6.12 -16.51
CA ILE E 159 -19.41 6.14 -15.22
C ILE E 159 -17.94 5.76 -15.44
N LEU E 160 -17.70 4.63 -16.06
CA LEU E 160 -16.35 4.12 -16.20
C LEU E 160 -15.45 5.11 -16.95
N TYR E 161 -15.99 5.75 -17.96
CA TYR E 161 -15.25 6.73 -18.69
C TYR E 161 -14.96 7.98 -17.85
N MSE E 162 -15.96 8.53 -17.16
CA MSE E 162 -15.80 9.79 -16.44
C MSE E 162 -14.81 9.66 -15.26
O MSE E 162 -14.07 10.61 -14.93
CB MSE E 162 -17.17 10.29 -15.99
CG MSE E 162 -18.13 10.90 -17.04
SE MSE E 162 -17.29 12.20 -18.27
CE MSE E 162 -16.87 13.64 -16.99
N LEU E 163 -14.82 8.49 -14.63
CA LEU E 163 -13.86 8.09 -13.58
C LEU E 163 -12.38 8.17 -14.02
N ARG E 164 -12.08 8.17 -15.31
CA ARG E 164 -10.73 8.46 -15.81
C ARG E 164 -10.22 9.84 -15.42
N GLY E 165 -11.14 10.82 -15.30
CA GLY E 165 -10.79 12.23 -15.11
C GLY E 165 -10.00 12.97 -16.22
N VAL E 166 -10.17 12.53 -17.45
CA VAL E 166 -9.70 13.25 -18.63
C VAL E 166 -10.68 14.41 -18.96
N ASP E 167 -10.11 15.57 -19.34
CA ASP E 167 -10.94 16.72 -19.61
C ASP E 167 -11.28 16.70 -21.09
N ARG E 168 -12.22 15.83 -21.40
CA ARG E 168 -12.57 15.53 -22.74
C ARG E 168 -13.42 16.64 -23.30
N ILE E 169 -14.33 17.15 -22.48
CA ILE E 169 -15.12 18.29 -22.87
C ILE E 169 -14.25 19.47 -23.25
N GLY E 170 -13.20 19.72 -22.48
CA GLY E 170 -12.29 20.81 -22.79
C GLY E 170 -11.54 20.58 -24.08
N GLU E 171 -11.01 19.38 -24.26
CA GLU E 171 -10.31 19.03 -25.49
C GLU E 171 -11.14 19.19 -26.77
N LEU E 172 -12.44 18.94 -26.72
CA LEU E 172 -13.29 19.02 -27.93
C LEU E 172 -13.86 20.37 -28.17
N THR E 173 -13.75 21.26 -27.17
CA THR E 173 -14.17 22.65 -27.27
C THR E 173 -12.97 23.67 -27.21
N ASP E 174 -11.75 23.22 -27.51
CA ASP E 174 -10.55 24.06 -27.43
C ASP E 174 -10.41 24.94 -26.20
N GLY E 175 -10.85 24.47 -25.04
CA GLY E 175 -10.86 25.26 -23.82
C GLY E 175 -12.15 25.99 -23.50
N HIS E 176 -13.13 25.98 -24.39
CA HIS E 176 -14.31 26.81 -24.17
C HIS E 176 -15.18 26.30 -23.05
N LEU E 177 -15.35 24.99 -22.92
CA LEU E 177 -16.17 24.41 -21.87
C LEU E 177 -15.42 23.40 -21.00
N HIS E 178 -15.85 23.33 -19.73
CA HIS E 178 -15.25 22.49 -18.70
C HIS E 178 -16.29 22.17 -17.65
N ALA E 179 -16.05 21.07 -16.94
CA ALA E 179 -16.89 20.72 -15.82
C ALA E 179 -16.60 21.73 -14.70
N GLU E 180 -17.65 22.19 -14.03
CA GLU E 180 -17.53 23.21 -12.96
C GLU E 180 -16.93 22.48 -11.77
N SER E 181 -17.49 21.31 -11.50
CA SER E 181 -17.33 20.60 -10.26
C SER E 181 -17.85 19.13 -10.43
N GLU E 182 -17.73 18.31 -9.39
CA GLU E 182 -18.31 16.96 -9.42
C GLU E 182 -19.81 17.04 -9.53
N ASP E 183 -20.45 17.93 -8.80
CA ASP E 183 -21.92 17.91 -8.84
C ASP E 183 -22.48 18.29 -10.23
N ASP E 184 -21.68 19.03 -11.00
CA ASP E 184 -22.05 19.46 -12.30
C ASP E 184 -22.05 18.22 -13.19
N ILE E 185 -20.95 17.47 -13.11
CA ILE E 185 -20.85 16.18 -13.80
C ILE E 185 -22.01 15.28 -13.49
N VAL E 186 -22.27 15.05 -12.23
CA VAL E 186 -23.38 14.19 -11.85
C VAL E 186 -24.71 14.69 -12.44
N GLU E 187 -24.94 15.99 -12.36
CA GLU E 187 -26.17 16.60 -12.86
C GLU E 187 -26.30 16.34 -14.38
N ARG E 188 -25.24 16.69 -15.11
CA ARG E 188 -25.20 16.50 -16.55
C ARG E 188 -25.37 15.03 -16.96
N MSE E 189 -24.79 14.11 -16.20
CA MSE E 189 -24.97 12.70 -16.55
C MSE E 189 -26.37 12.33 -16.25
O MSE E 189 -26.97 11.62 -17.04
CB MSE E 189 -23.98 11.63 -16.08
CG MSE E 189 -23.17 11.94 -14.88
SE MSE E 189 -21.39 11.13 -14.87
CE MSE E 189 -21.91 9.31 -15.45
N THR E 190 -26.91 12.83 -15.15
CA THR E 190 -28.28 12.47 -14.78
C THR E 190 -29.34 12.97 -15.76
N ILE E 191 -29.17 14.17 -16.27
CA ILE E 191 -30.18 14.69 -17.15
C ILE E 191 -30.14 13.81 -18.37
N PHE E 192 -28.93 13.56 -18.87
CA PHE E 192 -28.69 12.82 -20.11
C PHE E 192 -29.27 11.39 -20.06
N ILE E 193 -28.89 10.63 -19.03
CA ILE E 193 -29.38 9.26 -18.84
C ILE E 193 -30.91 9.25 -18.77
N THR E 194 -31.47 10.19 -18.01
CA THR E 194 -32.93 10.28 -17.83
C THR E 194 -33.71 10.52 -19.11
N GLY E 195 -33.24 11.49 -19.90
CA GLY E 195 -33.71 11.71 -21.27
C GLY E 195 -33.57 10.48 -22.14
N GLY E 196 -32.34 9.98 -22.21
CA GLY E 196 -32.06 8.77 -22.97
C GLY E 196 -33.03 7.61 -22.72
N ILE E 197 -33.33 7.35 -21.47
CA ILE E 197 -34.29 6.29 -21.15
C ILE E 197 -35.70 6.62 -21.65
N ASN E 198 -36.13 7.89 -21.58
CA ASN E 198 -37.43 8.30 -22.16
C ASN E 198 -37.49 8.09 -23.64
N SER E 199 -36.41 8.47 -24.32
CA SER E 199 -36.30 8.29 -25.76
C SER E 199 -36.38 6.84 -26.19
N LEU E 200 -35.68 5.97 -25.48
CA LEU E 200 -35.74 4.55 -25.80
C LEU E 200 -37.14 4.06 -25.59
N LYS E 201 -37.75 4.47 -24.45
CA LYS E 201 -39.12 4.07 -24.05
C LYS E 201 -40.14 4.46 -25.15
N GLN E 202 -40.09 5.74 -25.53
CA GLN E 202 -41.06 6.33 -26.44
C GLN E 202 -40.86 5.94 -27.90
N ALA E 203 -39.64 5.56 -28.26
CA ALA E 203 -39.37 5.06 -29.60
C ALA E 203 -39.91 3.66 -29.78
N THR E 204 -40.18 2.93 -28.70
CA THR E 204 -40.75 1.58 -28.84
C THR E 204 -42.28 1.57 -29.00
N GLN E 205 -42.93 2.73 -28.93
CA GLN E 205 -44.35 2.85 -29.33
C GLN E 205 -44.66 2.38 -30.77
N ASP E 206 -43.95 2.91 -31.76
CA ASP E 206 -44.14 2.42 -33.14
C ASP E 206 -42.80 2.37 -33.85
N MSE F 1 25.66 1.18 18.38
CA MSE F 1 24.55 1.20 17.34
C MSE F 1 24.31 2.56 16.73
O MSE F 1 23.87 2.67 15.58
CB MSE F 1 23.25 0.60 17.92
CG MSE F 1 23.22 -0.94 17.93
SE MSE F 1 24.46 -1.75 16.61
CE MSE F 1 23.50 -1.25 14.95
N GLU F 2 24.61 3.58 17.51
CA GLU F 2 24.61 4.97 17.05
C GLU F 2 25.35 5.17 15.74
N LEU F 3 26.43 4.44 15.52
CA LEU F 3 27.23 4.58 14.30
C LEU F 3 26.37 4.53 13.02
N ILE F 4 25.84 3.36 12.67
CA ILE F 4 25.09 3.20 11.42
C ILE F 4 23.91 4.17 11.32
N LEU F 5 23.15 4.26 12.40
CA LEU F 5 22.08 5.23 12.48
C LEU F 5 22.49 6.63 12.08
N ASN F 6 23.53 7.19 12.69
CA ASN F 6 24.01 8.54 12.31
C ASN F 6 24.30 8.64 10.82
N GLU F 7 25.05 7.70 10.29
CA GLU F 7 25.36 7.74 8.87
C GLU F 7 24.10 7.63 8.01
N ALA F 8 23.12 6.86 8.47
CA ALA F 8 21.87 6.69 7.77
C ALA F 8 21.08 7.99 7.88
N GLU F 9 21.21 8.67 9.01
CA GLU F 9 20.56 9.95 9.19
C GLU F 9 21.03 10.93 8.11
N LYS F 10 22.36 11.00 7.90
CA LYS F 10 22.90 11.96 6.93
C LYS F 10 22.48 11.63 5.50
N VAL F 11 22.58 10.36 5.11
CA VAL F 11 22.20 9.98 3.75
C VAL F 11 20.71 10.22 3.50
N PHE F 12 19.85 9.84 4.45
CA PHE F 12 18.41 10.14 4.28
C PHE F 12 18.11 11.63 4.20
N ALA F 13 18.84 12.42 4.99
CA ALA F 13 18.71 13.88 4.98
C ALA F 13 19.10 14.43 3.64
N MSE F 14 20.24 13.99 3.08
CA MSE F 14 20.66 14.45 1.75
C MSE F 14 19.81 13.93 0.64
O MSE F 14 19.56 14.67 -0.28
CB MSE F 14 22.05 14.01 1.36
CG MSE F 14 23.21 14.69 2.08
SE MSE F 14 24.85 14.20 1.07
CE MSE F 14 25.36 12.50 1.97
N HIS F 15 19.36 12.66 0.69
CA HIS F 15 18.76 12.04 -0.50
C HIS F 15 17.31 11.63 -0.44
N GLY F 16 16.69 11.70 0.74
CA GLY F 16 15.33 11.19 0.95
C GLY F 16 15.36 9.67 1.02
N PHE F 17 14.24 9.05 1.35
CA PHE F 17 14.16 7.60 1.42
C PHE F 17 14.53 7.00 0.06
N LEU F 18 13.82 7.34 -1.04
CA LEU F 18 14.07 6.71 -2.37
C LEU F 18 15.51 6.83 -2.83
N GLY F 19 16.08 8.04 -2.83
CA GLY F 19 17.45 8.24 -3.30
C GLY F 19 18.54 7.60 -2.46
N ALA F 20 18.26 7.33 -1.20
CA ALA F 20 19.25 6.66 -0.34
C ALA F 20 19.35 5.18 -0.68
N THR F 21 20.56 4.68 -0.56
CA THR F 21 20.87 3.29 -0.84
C THR F 21 21.59 2.77 0.41
N LEU F 22 21.45 1.47 0.69
CA LEU F 22 22.23 0.85 1.77
C LEU F 22 23.71 0.81 1.38
N LYS F 23 24.00 0.62 0.09
CA LYS F 23 25.37 0.68 -0.43
C LYS F 23 26.13 1.90 0.10
N GLN F 24 25.52 3.08 -0.09
CA GLN F 24 26.06 4.36 0.41
C GLN F 24 26.24 4.32 1.94
N ILE F 25 25.20 3.90 2.65
CA ILE F 25 25.21 3.93 4.12
C ILE F 25 26.22 2.93 4.68
N ALA F 26 26.38 1.82 3.99
CA ALA F 26 27.46 0.84 4.27
C ALA F 26 28.82 1.51 4.21
N GLN F 27 29.12 2.07 3.02
CA GLN F 27 30.44 2.64 2.74
C GLN F 27 30.84 3.69 3.77
N ASN F 28 29.94 4.61 4.13
CA ASN F 28 30.23 5.71 5.08
C ASN F 28 30.37 5.30 6.53
N SER F 29 29.87 4.10 6.88
CA SER F 29 30.02 3.56 8.25
C SER F 29 31.15 2.53 8.35
N ASN F 30 31.70 2.15 7.19
CA ASN F 30 32.74 1.13 7.07
C ASN F 30 32.26 -0.21 7.64
N VAL F 31 31.25 -0.76 6.99
CA VAL F 31 30.62 -2.02 7.38
C VAL F 31 29.97 -2.51 6.12
N THR F 32 29.52 -3.75 6.11
CA THR F 32 28.86 -4.28 4.92
C THR F 32 27.38 -3.86 4.87
N GLN F 33 26.79 -3.90 3.67
CA GLN F 33 25.34 -3.87 3.55
C GLN F 33 24.67 -4.96 4.42
N ALA F 34 25.23 -6.16 4.34
CA ALA F 34 24.79 -7.30 5.17
C ALA F 34 24.69 -6.95 6.67
N LEU F 35 25.70 -6.31 7.22
CA LEU F 35 25.66 -5.93 8.63
C LEU F 35 24.50 -4.99 8.94
N ILE F 36 24.23 -4.05 8.03
CA ILE F 36 23.09 -3.16 8.19
C ILE F 36 21.81 -3.95 8.08
N THR F 37 21.76 -4.86 7.12
CA THR F 37 20.56 -5.70 6.97
C THR F 37 20.29 -6.51 8.25
N TYR F 38 21.35 -7.05 8.83
CA TYR F 38 21.26 -7.84 10.01
C TYR F 38 20.59 -7.04 11.14
N TYR F 39 21.08 -5.82 11.40
CA TYR F 39 20.52 -4.96 12.45
C TYR F 39 19.15 -4.29 12.20
N TYR F 40 18.79 -4.01 10.95
CA TYR F 40 17.61 -3.18 10.63
C TYR F 40 16.64 -3.74 9.59
N GLY F 41 17.05 -4.71 8.80
CA GLY F 41 16.12 -5.49 8.04
C GLY F 41 16.01 -4.86 6.69
N THR F 42 15.13 -3.89 6.56
CA THR F 42 14.97 -3.18 5.30
C THR F 42 15.31 -1.72 5.42
N LYS F 43 15.55 -1.08 4.29
CA LYS F 43 15.74 0.35 4.28
C LYS F 43 14.56 1.05 4.97
N GLN F 44 13.32 0.67 4.69
CA GLN F 44 12.17 1.29 5.38
C GLN F 44 12.33 1.28 6.91
N ASN F 45 12.83 0.18 7.45
CA ASN F 45 13.02 0.06 8.90
C ASN F 45 14.13 0.92 9.48
N LEU F 46 15.25 0.94 8.78
CA LEU F 46 16.32 1.84 9.08
C LEU F 46 15.80 3.25 9.21
N PHE F 47 14.95 3.62 8.25
CA PHE F 47 14.42 4.94 8.17
C PHE F 47 13.57 5.16 9.40
N MSE F 48 12.70 4.22 9.67
CA MSE F 48 11.86 4.25 10.86
C MSE F 48 12.68 4.38 12.11
O MSE F 48 12.33 5.16 12.96
CB MSE F 48 11.01 3.00 10.98
CG MSE F 48 9.95 2.86 9.90
SE MSE F 48 8.73 4.40 9.87
CE MSE F 48 7.93 4.19 11.68
N GLU F 49 13.76 3.63 12.23
CA GLU F 49 14.60 3.74 13.41
C GLU F 49 15.24 5.11 13.59
N VAL F 50 15.58 5.76 12.48
CA VAL F 50 16.16 7.09 12.53
C VAL F 50 15.16 8.05 13.11
N TYR F 51 13.92 7.93 12.68
CA TYR F 51 12.85 8.75 13.21
C TYR F 51 12.44 8.40 14.63
N ARG F 52 12.47 7.13 15.00
CA ARG F 52 12.17 6.74 16.39
C ARG F 52 13.18 7.29 17.33
N ARG F 53 14.45 7.22 16.96
CA ARG F 53 15.49 7.81 17.81
C ARG F 53 15.28 9.32 17.98
N GLY F 54 15.16 10.04 16.88
CA GLY F 54 14.98 11.49 16.94
C GLY F 54 13.78 11.91 17.76
N LEU F 55 12.59 11.51 17.33
CA LEU F 55 11.37 11.85 18.06
C LEU F 55 11.24 11.31 19.49
N SER F 56 12.10 10.38 19.88
CA SER F 56 12.18 9.88 21.25
C SER F 56 12.79 10.93 22.18
N ASP F 57 13.94 11.49 21.80
CA ASP F 57 14.56 12.55 22.62
C ASP F 57 13.60 13.75 22.73
N ILE F 58 12.94 14.06 21.61
CA ILE F 58 12.02 15.17 21.52
C ILE F 58 10.75 14.96 22.34
N ASP F 59 10.09 13.81 22.20
CA ASP F 59 8.83 13.56 22.95
C ASP F 59 9.10 13.45 24.43
N LYS F 60 10.22 12.85 24.79
CA LYS F 60 10.64 12.77 26.18
C LYS F 60 10.76 14.19 26.78
N LYS F 61 11.49 15.07 26.09
CA LYS F 61 11.56 16.47 26.50
C LYS F 61 10.22 17.16 26.50
N ARG F 62 9.33 16.79 25.60
CA ARG F 62 8.01 17.42 25.61
C ARG F 62 7.29 17.07 26.91
N GLN F 63 7.27 15.79 27.26
CA GLN F 63 6.59 15.30 28.46
C GLN F 63 7.08 16.01 29.73
N ASN F 64 8.41 16.07 29.90
CA ASN F 64 9.02 16.78 31.04
C ASN F 64 8.62 18.25 31.19
N TYR F 65 8.43 18.99 30.10
CA TYR F 65 7.99 20.39 30.18
C TYR F 65 6.51 20.43 30.51
N LEU F 66 5.73 19.52 29.88
CA LEU F 66 4.31 19.37 30.21
C LEU F 66 4.11 19.00 31.68
N ASP F 67 4.96 18.13 32.21
CA ASP F 67 4.94 17.80 33.65
C ASP F 67 5.18 19.04 34.50
N GLU F 68 6.21 19.81 34.15
CA GLU F 68 6.51 21.08 34.81
C GLU F 68 5.26 21.94 34.78
N LEU F 69 4.57 21.98 33.65
CA LEU F 69 3.40 22.86 33.56
C LEU F 69 2.36 22.51 34.60
N LYS F 70 2.11 21.21 34.76
CA LYS F 70 1.04 20.78 35.65
C LYS F 70 1.40 20.93 37.13
N SER F 71 2.69 20.87 37.46
CA SER F 71 3.16 21.11 38.82
C SER F 71 3.23 22.63 39.22
N ARG F 72 2.90 23.54 38.31
CA ARG F 72 2.85 24.98 38.62
C ARG F 72 1.54 25.32 39.36
N PRO F 73 1.64 25.94 40.56
CA PRO F 73 0.43 26.37 41.29
C PRO F 73 -0.45 27.41 40.56
N GLU F 74 0.17 28.34 39.85
CA GLU F 74 -0.57 29.37 39.10
C GLU F 74 -1.34 28.81 37.89
N GLY F 75 -1.01 27.57 37.49
CA GLY F 75 -1.63 26.92 36.35
C GLY F 75 -0.88 27.20 35.06
N TYR F 76 -1.62 27.11 33.94
CA TYR F 76 -1.07 27.30 32.59
C TYR F 76 -2.18 27.55 31.60
N ASN F 77 -1.81 28.07 30.43
CA ASN F 77 -2.80 28.39 29.37
C ASN F 77 -2.37 27.80 28.03
N THR F 78 -3.18 28.03 27.00
CA THR F 78 -2.88 27.56 25.65
C THR F 78 -1.44 27.91 25.15
N TYR F 79 -1.06 29.18 25.31
CA TYR F 79 0.26 29.68 24.95
C TYR F 79 1.33 28.73 25.49
N ASP F 80 1.26 28.37 26.76
CA ASP F 80 2.26 27.53 27.40
C ASP F 80 2.35 26.15 26.78
N ILE F 81 1.19 25.64 26.39
CA ILE F 81 1.10 24.29 25.84
C ILE F 81 1.78 24.24 24.50
N VAL F 82 1.41 25.19 23.66
CA VAL F 82 1.98 25.29 22.34
C VAL F 82 3.49 25.39 22.42
N ARG F 83 3.96 26.28 23.27
CA ARG F 83 5.39 26.52 23.39
C ARG F 83 6.07 25.21 23.78
N THR F 84 5.42 24.47 24.65
CA THR F 84 5.90 23.17 25.09
C THR F 84 6.03 22.14 23.95
N TYR F 85 5.07 22.16 23.03
CA TYR F 85 5.16 21.34 21.86
C TYR F 85 6.37 21.76 20.96
N LEU F 86 6.60 23.09 20.80
CA LEU F 86 7.60 23.63 19.86
C LEU F 86 9.05 23.63 20.32
N ARG F 87 9.33 23.98 21.58
CA ARG F 87 10.73 24.07 22.04
C ARG F 87 11.60 22.89 21.69
N PRO F 88 11.15 21.67 22.01
CA PRO F 88 12.09 20.58 21.87
C PRO F 88 12.51 20.31 20.43
N GLN F 89 11.70 20.74 19.45
CA GLN F 89 12.07 20.70 18.01
C GLN F 89 13.19 21.65 17.58
N PHE F 90 13.27 22.76 18.26
CA PHE F 90 14.21 23.80 17.98
C PHE F 90 15.36 23.97 18.97
N GLU F 91 15.30 23.40 20.18
CA GLU F 91 16.40 23.52 21.19
C GLU F 91 17.41 22.47 20.87
N HIS F 92 18.62 22.89 20.62
CA HIS F 92 19.63 21.99 20.14
C HIS F 92 20.83 22.16 21.03
N ARG F 93 21.34 21.07 21.62
CA ARG F 93 22.68 21.11 22.28
C ARG F 93 23.80 21.21 21.19
N GLU F 94 24.41 22.39 21.06
CA GLU F 94 25.45 22.68 20.08
C GLU F 94 26.82 22.23 20.59
N ALA F 98 25.13 18.15 14.51
CA ALA F 98 24.48 16.85 14.61
C ALA F 98 23.00 16.91 14.94
N TRP F 99 22.49 18.08 15.36
CA TRP F 99 21.02 18.31 15.48
C TRP F 99 20.38 18.58 14.12
N MSE F 100 21.13 19.29 13.28
CA MSE F 100 20.65 19.75 11.99
C MSE F 100 20.31 18.59 11.09
O MSE F 100 19.35 18.69 10.35
CB MSE F 100 21.55 20.74 11.25
CG MSE F 100 22.99 20.82 11.72
SE MSE F 100 24.03 21.65 10.27
CE MSE F 100 24.62 19.99 9.38
N HIS F 101 21.07 17.51 11.15
CA HIS F 101 20.75 16.35 10.33
C HIS F 101 19.28 15.83 10.47
N PHE F 102 18.76 15.77 11.67
CA PHE F 102 17.42 15.32 11.88
C PHE F 102 16.41 16.41 11.60
N ALA F 103 16.81 17.65 11.78
CA ALA F 103 15.95 18.77 11.45
C ALA F 103 15.74 18.79 9.93
N ARG F 104 16.82 18.65 9.19
CA ARG F 104 16.76 18.68 7.76
C ARG F 104 15.93 17.50 7.24
N LEU F 105 16.12 16.31 7.85
CA LEU F 105 15.38 15.12 7.45
C LEU F 105 13.89 15.33 7.67
N GLN F 106 13.50 15.84 8.82
CA GLN F 106 12.07 16.08 9.00
C GLN F 106 11.49 17.14 8.06
N SER F 107 12.29 18.11 7.66
CA SER F 107 11.80 19.17 6.78
C SER F 107 11.46 18.66 5.37
N ARG F 108 11.96 17.47 5.04
CA ARG F 108 11.62 16.81 3.76
C ARG F 108 10.47 15.80 3.84
N LEU F 109 9.82 15.71 4.98
CA LEU F 109 8.90 14.62 5.23
C LEU F 109 7.85 14.53 4.11
N ALA F 110 7.33 15.69 3.71
CA ALA F 110 6.26 15.79 2.74
C ALA F 110 6.57 15.21 1.35
N SER F 111 7.84 15.14 1.01
CA SER F 111 8.28 14.53 -0.22
C SER F 111 8.77 13.06 -0.08
N GLU F 112 8.49 12.40 1.03
CA GLU F 112 8.74 10.95 1.13
C GLU F 112 7.43 10.25 0.67
N PRO F 113 7.54 9.02 0.16
CA PRO F 113 6.37 8.30 -0.34
C PRO F 113 5.43 7.93 0.78
N GLU F 114 4.13 7.85 0.47
CA GLU F 114 3.08 7.43 1.44
C GLU F 114 3.34 6.05 2.07
N GLU F 115 3.88 5.10 1.30
CA GLU F 115 4.38 3.81 1.84
C GLU F 115 5.13 4.02 3.16
N VAL F 116 6.01 5.04 3.26
CA VAL F 116 6.75 5.32 4.53
C VAL F 116 6.16 6.41 5.37
N ALA F 117 5.68 7.47 4.74
CA ALA F 117 5.11 8.58 5.49
C ALA F 117 3.92 8.18 6.35
N VAL F 118 3.08 7.27 5.85
CA VAL F 118 1.86 6.90 6.57
C VAL F 118 2.10 6.21 7.91
N PRO F 119 2.92 5.16 7.93
CA PRO F 119 3.31 4.54 9.18
C PRO F 119 3.98 5.51 10.17
N LEU F 120 4.85 6.40 9.66
CA LEU F 120 5.53 7.39 10.51
C LEU F 120 4.55 8.24 11.24
N ARG F 121 3.62 8.83 10.51
CA ARG F 121 2.67 9.75 11.14
C ARG F 121 1.93 8.98 12.20
N LYS F 122 1.38 7.85 11.78
CA LYS F 122 0.52 7.01 12.59
C LYS F 122 1.24 6.58 13.88
N GLU F 123 2.49 6.13 13.75
CA GLU F 123 3.21 5.53 14.87
C GLU F 123 4.01 6.53 15.73
N LEU F 124 4.52 7.61 15.15
CA LEU F 124 5.44 8.51 15.87
C LEU F 124 5.01 9.94 16.10
N TYR F 125 4.13 10.49 15.29
CA TYR F 125 3.66 11.84 15.52
C TYR F 125 2.25 11.93 16.05
N ASP F 126 1.37 11.07 15.57
CA ASP F 126 -0.06 11.09 15.91
C ASP F 126 -0.35 11.05 17.39
N HIS F 127 0.21 10.07 18.13
CA HIS F 127 -0.09 9.99 19.55
C HIS F 127 0.16 11.35 20.25
N THR F 128 1.36 11.91 20.09
CA THR F 128 1.76 13.16 20.76
C THR F 128 0.91 14.38 20.31
N LEU F 129 0.54 14.44 19.05
CA LEU F 129 -0.32 15.53 18.59
C LEU F 129 -1.75 15.51 19.12
N LYS F 130 -2.38 14.33 19.18
CA LYS F 130 -3.72 14.19 19.78
C LYS F 130 -3.65 14.56 21.27
N ALA F 131 -2.62 14.03 21.93
CA ALA F 131 -2.35 14.28 23.34
C ALA F 131 -2.30 15.78 23.58
N PHE F 132 -1.65 16.51 22.68
CA PHE F 132 -1.53 17.96 22.86
C PHE F 132 -2.77 18.72 22.44
N ILE F 133 -3.49 18.26 21.41
CA ILE F 133 -4.85 18.80 21.11
C ILE F 133 -5.72 18.66 22.39
N HIS F 134 -5.65 17.47 22.99
CA HIS F 134 -6.35 17.17 24.21
C HIS F 134 -5.97 18.17 25.34
N GLU F 135 -4.68 18.41 25.60
CA GLU F 135 -4.30 19.38 26.63
C GLU F 135 -4.91 20.78 26.42
N ILE F 136 -4.95 21.25 25.18
CA ILE F 136 -5.50 22.58 24.90
C ILE F 136 -7.01 22.63 25.14
N MSE F 137 -7.71 21.52 24.93
CA MSE F 137 -9.17 21.42 25.17
C MSE F 137 -9.56 21.57 26.63
O MSE F 137 -10.52 22.28 26.98
CB MSE F 137 -9.72 20.11 24.61
CG MSE F 137 -9.75 20.01 23.07
SE MSE F 137 -10.63 21.58 22.27
CE MSE F 137 -12.51 21.16 22.67
N GLU F 138 -8.79 20.94 27.50
CA GLU F 138 -8.93 21.11 28.94
C GLU F 138 -8.57 22.50 29.48
N CYS F 139 -8.01 23.40 28.67
CA CYS F 139 -7.84 24.79 29.10
C CYS F 139 -9.15 25.57 29.08
N GLU F 140 -9.29 26.40 30.12
CA GLU F 140 -10.35 27.40 30.28
C GLU F 140 -10.72 28.10 28.95
N GLY F 141 -12.01 28.17 28.67
CA GLY F 141 -12.50 28.74 27.41
C GLY F 141 -11.80 28.14 26.21
N GLU F 142 -11.82 26.80 26.11
CA GLU F 142 -11.49 26.07 24.88
C GLU F 142 -12.58 24.99 24.67
N ASP F 143 -13.63 25.39 23.93
CA ASP F 143 -14.81 24.58 23.66
C ASP F 143 -14.86 23.99 22.23
N ASP F 144 -13.89 24.39 21.39
CA ASP F 144 -13.93 24.16 19.95
C ASP F 144 -12.77 23.23 19.47
N ALA F 145 -13.08 21.95 19.26
CA ALA F 145 -12.09 20.94 18.82
C ALA F 145 -11.59 21.25 17.39
N ALA F 146 -12.46 21.84 16.58
CA ALA F 146 -12.15 22.18 15.19
C ALA F 146 -11.03 23.21 15.12
N ALA F 147 -11.25 24.34 15.77
CA ALA F 147 -10.27 25.42 15.81
C ALA F 147 -8.94 24.86 16.29
N VAL F 148 -8.94 24.11 17.37
CA VAL F 148 -7.67 23.59 17.89
C VAL F 148 -7.07 22.55 16.92
N SER F 149 -7.92 21.72 16.31
CA SER F 149 -7.38 20.58 15.52
C SER F 149 -6.69 21.09 14.22
N TRP F 150 -7.35 22.05 13.59
CA TRP F 150 -6.80 22.76 12.46
C TRP F 150 -5.55 23.49 12.88
N GLY F 151 -5.67 24.24 13.97
CA GLY F 151 -4.54 24.90 14.54
C GLY F 151 -3.35 23.97 14.64
N ALA F 152 -3.55 22.72 15.00
CA ALA F 152 -2.43 21.83 15.14
C ALA F 152 -1.88 21.46 13.76
N VAL F 153 -2.75 21.33 12.76
CA VAL F 153 -2.29 20.96 11.44
C VAL F 153 -1.43 22.13 10.89
N PHE F 154 -1.90 23.34 11.10
CA PHE F 154 -1.16 24.50 10.74
C PHE F 154 0.13 24.64 11.49
N MSE F 155 0.14 24.32 12.79
CA MSE F 155 1.38 24.25 13.55
C MSE F 155 2.38 23.35 12.87
O MSE F 155 3.58 23.66 12.83
CB MSE F 155 1.22 23.51 14.85
CG MSE F 155 1.01 24.29 16.12
SE MSE F 155 2.03 23.42 17.58
CE MSE F 155 1.28 21.59 17.69
N VAL F 156 1.94 22.18 12.40
CA VAL F 156 2.86 21.21 11.85
C VAL F 156 3.50 21.77 10.57
N SER F 157 2.69 22.46 9.78
CA SER F 157 3.20 22.95 8.55
C SER F 157 4.37 23.88 8.83
N MSE F 158 4.16 24.78 9.77
CA MSE F 158 5.16 25.79 10.21
C MSE F 158 6.37 25.13 10.81
O MSE F 158 7.46 25.54 10.53
CB MSE F 158 4.66 26.93 11.09
CG MSE F 158 3.17 26.90 11.23
SE MSE F 158 2.19 28.32 12.15
CE MSE F 158 3.68 29.16 13.16
N ILE F 159 6.21 24.08 11.59
CA ILE F 159 7.37 23.39 12.15
C ILE F 159 8.22 22.87 11.02
N LEU F 160 7.61 22.08 10.14
CA LEU F 160 8.35 21.45 9.02
C LEU F 160 9.05 22.51 8.19
N TYR F 161 8.38 23.64 7.94
CA TYR F 161 9.00 24.69 7.21
C TYR F 161 10.20 25.28 7.95
N MSE F 162 10.01 25.70 9.20
CA MSE F 162 11.06 26.36 9.99
C MSE F 162 12.21 25.45 10.19
O MSE F 162 13.32 25.90 10.28
CB MSE F 162 10.54 26.88 11.35
CG MSE F 162 9.55 28.04 11.30
SE MSE F 162 10.10 29.50 10.06
CE MSE F 162 11.93 29.84 10.73
N LEU F 163 11.99 24.15 10.20
CA LEU F 163 13.10 23.20 10.23
C LEU F 163 13.98 23.11 8.96
N ARG F 164 13.62 23.80 7.88
CA ARG F 164 14.50 23.89 6.70
C ARG F 164 15.74 24.65 7.05
N GLY F 165 15.71 25.51 8.08
CA GLY F 165 16.83 26.39 8.36
C GLY F 165 17.14 27.45 7.25
N VAL F 166 16.10 28.02 6.65
CA VAL F 166 16.23 29.02 5.65
C VAL F 166 15.87 30.35 6.31
N ASP F 167 16.71 31.36 6.14
CA ASP F 167 16.42 32.68 6.70
C ASP F 167 15.40 33.37 5.77
N ARG F 168 14.15 32.92 5.85
CA ARG F 168 13.17 33.38 4.90
C ARG F 168 12.79 34.81 5.15
N ILE F 169 12.62 35.18 6.43
CA ILE F 169 12.36 36.57 6.85
C ILE F 169 13.47 37.53 6.34
N GLY F 170 14.73 37.11 6.41
CA GLY F 170 15.85 37.92 5.95
C GLY F 170 15.84 38.12 4.45
N GLU F 171 15.46 37.07 3.74
CA GLU F 171 15.29 37.15 2.31
C GLU F 171 14.16 38.04 1.89
N LEU F 172 13.15 38.22 2.70
CA LEU F 172 11.96 38.93 2.28
C LEU F 172 12.03 40.38 2.61
N THR F 173 12.88 40.76 3.56
CA THR F 173 12.99 42.11 4.09
C THR F 173 14.37 42.74 3.78
N ASP F 174 14.98 42.35 2.69
CA ASP F 174 16.31 42.88 2.32
C ASP F 174 17.29 42.95 3.50
N GLY F 175 17.37 41.87 4.25
CA GLY F 175 18.24 41.80 5.39
C GLY F 175 17.85 42.64 6.61
N HIS F 176 16.73 43.35 6.61
CA HIS F 176 16.38 44.20 7.76
C HIS F 176 15.86 43.42 9.00
N LEU F 177 15.15 42.30 8.80
CA LEU F 177 14.65 41.47 9.92
C LEU F 177 15.29 40.12 9.94
N HIS F 178 15.60 39.60 11.12
CA HIS F 178 16.18 38.28 11.29
C HIS F 178 15.58 37.64 12.49
N ALA F 179 15.62 36.33 12.56
CA ALA F 179 15.34 35.65 13.81
C ALA F 179 16.53 35.91 14.76
N GLU F 180 16.28 36.42 15.96
CA GLU F 180 17.38 36.54 16.94
C GLU F 180 18.01 35.19 17.36
N SER F 181 17.18 34.18 17.42
CA SER F 181 17.52 32.91 18.10
C SER F 181 16.45 31.89 17.90
N GLU F 182 16.72 30.64 18.26
CA GLU F 182 15.71 29.60 18.20
C GLU F 182 14.55 29.93 19.08
N ASP F 183 14.81 30.49 20.26
CA ASP F 183 13.71 30.91 21.15
C ASP F 183 12.84 32.02 20.62
N ASP F 184 13.44 32.94 19.85
CA ASP F 184 12.66 33.98 19.14
C ASP F 184 11.71 33.32 18.13
N ILE F 185 12.19 32.31 17.43
CA ILE F 185 11.38 31.60 16.43
C ILE F 185 10.20 30.90 17.12
N VAL F 186 10.50 30.18 18.20
CA VAL F 186 9.48 29.51 19.00
C VAL F 186 8.46 30.47 19.57
N GLU F 187 8.94 31.65 19.98
CA GLU F 187 8.06 32.69 20.55
C GLU F 187 7.07 33.22 19.53
N ARG F 188 7.51 33.51 18.34
CA ARG F 188 6.60 34.08 17.34
C ARG F 188 5.63 33.02 16.80
N MSE F 189 6.10 31.80 16.65
CA MSE F 189 5.24 30.68 16.25
C MSE F 189 4.17 30.51 17.30
O MSE F 189 2.99 30.45 16.97
CB MSE F 189 6.02 29.36 16.04
CG MSE F 189 7.07 29.39 14.90
SE MSE F 189 8.18 27.73 14.91
CE MSE F 189 6.78 26.56 14.21
N THR F 190 4.58 30.44 18.57
CA THR F 190 3.67 30.28 19.69
C THR F 190 2.55 31.33 19.68
N ILE F 191 2.92 32.60 19.62
CA ILE F 191 1.92 33.71 19.54
C ILE F 191 1.03 33.64 18.29
N PHE F 192 1.63 33.25 17.17
CA PHE F 192 0.91 33.18 15.89
C PHE F 192 -0.13 32.09 15.97
N ILE F 193 0.28 30.92 16.44
CA ILE F 193 -0.63 29.79 16.52
C ILE F 193 -1.75 30.00 17.54
N THR F 194 -1.41 30.56 18.71
CA THR F 194 -2.41 30.80 19.74
C THR F 194 -3.45 31.78 19.28
N GLY F 195 -2.99 32.84 18.63
CA GLY F 195 -3.86 33.86 18.06
C GLY F 195 -4.76 33.39 16.97
N GLY F 196 -4.23 32.47 16.16
CA GLY F 196 -4.94 31.88 15.03
C GLY F 196 -6.00 30.92 15.48
N ILE F 197 -5.65 30.07 16.45
CA ILE F 197 -6.65 29.21 17.12
C ILE F 197 -7.85 30.06 17.65
N ASN F 198 -7.57 31.16 18.35
CA ASN F 198 -8.65 32.04 18.80
C ASN F 198 -9.50 32.63 17.69
N SER F 199 -8.88 32.97 16.57
CA SER F 199 -9.66 33.56 15.46
C SER F 199 -10.52 32.52 14.82
N LEU F 200 -10.07 31.25 14.83
CA LEU F 200 -10.88 30.14 14.36
C LEU F 200 -12.02 29.84 15.34
N LYS F 201 -11.75 29.98 16.64
CA LYS F 201 -12.74 29.79 17.74
C LYS F 201 -13.93 30.64 17.50
N GLN F 202 -13.71 31.94 17.33
CA GLN F 202 -14.80 32.93 17.32
C GLN F 202 -15.30 33.34 15.94
N ALA F 203 -15.05 32.50 14.93
CA ALA F 203 -15.58 32.70 13.57
C ALA F 203 -16.92 32.03 13.12
N THR F 204 -17.46 30.95 13.73
CA THR F 204 -16.93 30.23 14.89
C THR F 204 -17.09 28.72 14.69
C1 GOL G . -6.26 -23.30 25.45
O1 GOL G . -5.03 -22.80 25.97
C2 GOL G . -6.48 -22.63 24.09
O2 GOL G . -7.63 -23.12 23.39
C3 GOL G . -6.73 -21.18 24.33
O3 GOL G . -8.04 -20.91 24.83
C1 MLA H . -6.27 50.73 2.29
O1A MLA H . -7.32 50.17 1.94
O1B MLA H . -6.18 51.25 3.44
C2 MLA H . -5.08 50.80 1.34
C3 MLA H . -4.56 49.46 0.80
O3A MLA H . -3.62 49.44 -0.04
O3B MLA H . -5.06 48.41 1.24
C1 GOL I . 20.59 -28.33 16.53
O1 GOL I . 21.12 -27.31 17.44
C2 GOL I . 20.91 -29.76 16.99
O2 GOL I . 21.44 -29.68 18.31
C3 GOL I . 19.72 -30.75 16.83
O3 GOL I . 19.27 -31.46 18.00
C1 MLA J . -5.64 -9.10 7.60
O1A MLA J . -6.42 -8.34 8.20
O1B MLA J . -6.08 -10.06 6.92
C2 MLA J . -4.15 -8.89 7.77
C3 MLA J . -3.36 -8.17 6.66
O3A MLA J . -2.18 -8.57 6.37
O3B MLA J . -3.92 -7.17 6.11
C1 GOL K . -43.25 7.55 -6.23
O1 GOL K . -42.55 8.29 -5.23
C2 GOL K . -42.93 6.06 -6.12
O2 GOL K . -43.48 5.53 -4.92
C3 GOL K . -43.50 5.29 -7.31
O3 GOL K . -43.29 3.88 -7.12
C1 GOL L . 4.82 16.01 11.38
O1 GOL L . 4.82 16.70 12.70
C2 GOL L . 3.55 15.20 11.00
O2 GOL L . 2.71 15.42 12.17
C3 GOL L . 2.83 15.56 9.64
O3 GOL L . 3.32 15.03 8.38
#